data_9G57
#
_entry.id   9G57
#
_cell.length_a   1.00
_cell.length_b   1.00
_cell.length_c   1.00
_cell.angle_alpha   90.00
_cell.angle_beta   90.00
_cell.angle_gamma   90.00
#
_symmetry.space_group_name_H-M   'P 1'
#
loop_
_entity.id
_entity.type
_entity.pdbx_description
1 polymer 'Gamma-aminobutyric acid receptor subunit rho-1'
2 non-polymer 'GAMMA-AMINO-BUTANOIC ACID'
3 non-polymer 2-acetamido-2-deoxy-beta-D-glucopyranose
4 non-polymer Tetrahydrodeoxycorticosterone
5 non-polymer DODECANE
6 non-polymer N-OCTANE
7 non-polymer HEXANE
8 non-polymer DECANE
#
_entity_poly.entity_id   1
_entity_poly.type   'polypeptide(L)'
_entity_poly.pdbx_seq_one_letter_code
;MLAVPNMRFGIFLLWWGWVLATESRMHWPGREVHEMSKKGRPQRQRREVHEDAHKQVSPILRRSPDITKSPLTKSEQLLR
IDDHDFSMRPGFGGPAIPVGVDVQVESLDSISEVDMDFTMTLYLRHYWKDERLSFPSTNNLSMTFDGRLVKKIWVPDMFF
VHSKRSFIHDTTTDNVMLRVQPDGKVLYSLRVTVTAMCNMDFSRFPLDTQTCSLEIESYAYTEDDLMLYWKKGNDSLKTD
ERISLSQFLIQEFHTTTKLAFYSSTGWYNRLYINFTLRRHIFFFLLQTYFPATLMVMLSWVSFWIDRRAVPARVPLGITT
VLTMSTIITGVNASMPRVSYIKAVDIYLWVSFVFVFLSVLEYAAVNYLTTVQERKEQKLREKLPCTSGLPPPRTAMLDGN
YSDGEVNDLDNYMPENGEKPDRMMVQLTLASERSSPQRKSQRSSYVSMRIDTHAIDKYSRIIFPAAYILFNLIYWSIFS
;
_entity_poly.pdbx_strand_id   A,B,C,D,E
#
loop_
_chem_comp.id
_chem_comp.type
_chem_comp.name
_chem_comp.formula
A8Z non-polymer Tetrahydrodeoxycorticosterone 'C21 H34 O3'
ABU non-polymer 'GAMMA-AMINO-BUTANOIC ACID' 'C4 H9 N O2'
D10 non-polymer DECANE 'C10 H22'
D12 non-polymer DODECANE 'C12 H26'
HEX non-polymer HEXANE 'C6 H14'
NAG D-saccharide, beta linking 2-acetamido-2-deoxy-beta-D-glucopyranose 'C8 H15 N O6'
OCT non-polymer N-OCTANE 'C8 H18'
#
# COMPACT_ATOMS: atom_id res chain seq x y z
N GLN A 77 -34.31 35.79 20.92
CA GLN A 77 -34.07 34.86 19.82
C GLN A 77 -35.15 35.01 18.75
N LEU A 78 -34.72 34.97 17.48
CA LEU A 78 -35.67 35.10 16.39
C LEU A 78 -36.47 33.81 16.18
N LEU A 79 -35.85 32.66 16.41
CA LEU A 79 -36.51 31.36 16.28
C LEU A 79 -36.83 30.81 17.66
N ARG A 80 -38.04 30.30 17.83
CA ARG A 80 -38.50 29.76 19.12
C ARG A 80 -38.18 28.26 19.19
N ILE A 81 -36.89 27.98 19.33
CA ILE A 81 -36.45 26.59 19.38
C ILE A 81 -36.88 25.91 20.68
N ASP A 82 -36.79 26.61 21.80
CA ASP A 82 -37.02 26.00 23.11
C ASP A 82 -38.48 25.65 23.36
N ASP A 83 -39.40 26.10 22.53
CA ASP A 83 -40.83 25.91 22.77
C ASP A 83 -41.39 24.64 22.13
N HIS A 84 -40.55 23.83 21.47
CA HIS A 84 -41.03 22.70 20.71
C HIS A 84 -40.17 21.47 20.97
N ASP A 85 -40.74 20.30 20.67
CA ASP A 85 -40.07 19.02 20.80
C ASP A 85 -39.74 18.53 19.40
N PHE A 86 -38.46 18.66 19.01
CA PHE A 86 -38.03 18.33 17.66
C PHE A 86 -37.58 16.87 17.52
N SER A 87 -38.04 15.99 18.41
CA SER A 87 -37.87 14.56 18.21
C SER A 87 -38.97 13.96 17.36
N MET A 88 -39.96 14.76 16.96
CA MET A 88 -41.06 14.32 16.12
C MET A 88 -41.06 15.12 14.83
N ARG A 89 -41.39 14.46 13.72
CA ARG A 89 -41.39 15.09 12.42
C ARG A 89 -42.56 16.07 12.29
N PRO A 90 -42.48 16.99 11.32
CA PRO A 90 -43.66 17.82 11.02
C PRO A 90 -44.82 16.95 10.56
N GLY A 91 -46.01 17.29 11.04
CA GLY A 91 -47.19 16.47 10.76
C GLY A 91 -47.14 15.11 11.40
N PHE A 92 -46.59 15.01 12.61
CA PHE A 92 -46.48 13.73 13.31
C PHE A 92 -47.87 13.14 13.56
N GLY A 93 -48.02 11.86 13.23
CA GLY A 93 -49.30 11.20 13.40
C GLY A 93 -50.34 11.48 12.34
N GLY A 94 -49.95 12.08 11.22
CA GLY A 94 -50.88 12.41 10.17
C GLY A 94 -50.38 12.02 8.80
N PRO A 95 -50.75 12.79 7.78
CA PRO A 95 -50.28 12.50 6.42
C PRO A 95 -48.78 12.70 6.29
N ALA A 96 -48.22 12.07 5.26
CA ALA A 96 -46.80 12.13 5.01
C ALA A 96 -46.38 13.54 4.61
N ILE A 97 -45.10 13.84 4.82
CA ILE A 97 -44.52 15.15 4.53
C ILE A 97 -43.68 15.02 3.27
N PRO A 98 -43.86 15.90 2.27
CA PRO A 98 -43.04 15.83 1.06
C PRO A 98 -41.68 16.48 1.25
N VAL A 99 -40.65 15.85 0.67
CA VAL A 99 -39.28 16.36 0.71
C VAL A 99 -38.72 16.30 -0.71
N GLY A 100 -38.28 17.45 -1.22
CA GLY A 100 -37.66 17.53 -2.52
C GLY A 100 -36.15 17.52 -2.45
N VAL A 101 -35.52 17.07 -3.54
CA VAL A 101 -34.07 16.84 -3.58
C VAL A 101 -33.49 17.41 -4.86
N ASP A 102 -32.35 18.09 -4.73
CA ASP A 102 -31.62 18.71 -5.83
C ASP A 102 -30.14 18.41 -5.65
N VAL A 103 -29.41 18.27 -6.76
CA VAL A 103 -28.02 17.78 -6.72
C VAL A 103 -27.16 18.50 -7.75
N GLN A 104 -25.92 18.82 -7.36
CA GLN A 104 -24.88 19.24 -8.30
C GLN A 104 -23.63 18.41 -8.08
N VAL A 105 -23.13 17.78 -9.15
CA VAL A 105 -21.97 16.90 -9.07
C VAL A 105 -20.70 17.71 -9.29
N GLU A 106 -19.71 17.53 -8.40
CA GLU A 106 -18.46 18.28 -8.49
C GLU A 106 -17.34 17.50 -9.17
N SER A 107 -17.15 16.22 -8.85
CA SER A 107 -16.06 15.47 -9.47
C SER A 107 -16.31 13.97 -9.38
N LEU A 108 -15.69 13.25 -10.31
CA LEU A 108 -15.53 11.80 -10.25
C LEU A 108 -14.06 11.50 -10.03
N ASP A 109 -13.76 10.76 -8.97
CA ASP A 109 -12.39 10.69 -8.45
C ASP A 109 -11.61 9.49 -8.98
N SER A 110 -12.08 8.27 -8.73
CA SER A 110 -11.29 7.10 -9.09
C SER A 110 -12.21 5.92 -9.39
N ILE A 111 -11.68 4.97 -10.15
CA ILE A 111 -12.39 3.78 -10.55
C ILE A 111 -11.47 2.58 -10.36
N SER A 112 -11.94 1.58 -9.63
CA SER A 112 -11.14 0.41 -9.29
C SER A 112 -11.75 -0.82 -9.96
N GLU A 113 -10.93 -1.54 -10.75
CA GLU A 113 -11.42 -2.75 -11.40
C GLU A 113 -11.41 -3.94 -10.45
N VAL A 114 -10.40 -4.03 -9.58
CA VAL A 114 -10.33 -5.14 -8.64
C VAL A 114 -11.44 -5.03 -7.59
N ASP A 115 -11.72 -3.82 -7.11
CA ASP A 115 -12.76 -3.63 -6.10
C ASP A 115 -14.12 -3.38 -6.71
N MET A 116 -14.19 -2.93 -7.97
CA MET A 116 -15.44 -2.67 -8.68
C MET A 116 -16.29 -1.63 -7.96
N ASP A 117 -15.75 -0.41 -7.91
CA ASP A 117 -16.41 0.71 -7.24
C ASP A 117 -15.90 2.02 -7.83
N PHE A 118 -16.56 3.11 -7.44
CA PHE A 118 -16.19 4.46 -7.88
C PHE A 118 -16.41 5.43 -6.72
N THR A 119 -15.80 6.61 -6.83
CA THR A 119 -15.89 7.66 -5.83
C THR A 119 -16.42 8.94 -6.45
N MET A 120 -17.31 9.63 -5.72
CA MET A 120 -17.97 10.84 -6.22
C MET A 120 -18.06 11.87 -5.11
N THR A 121 -17.96 13.15 -5.48
CA THR A 121 -18.17 14.28 -4.58
C THR A 121 -19.30 15.13 -5.14
N LEU A 122 -20.22 15.53 -4.25
CA LEU A 122 -21.38 16.29 -4.69
C LEU A 122 -22.04 17.14 -3.63
N TYR A 123 -22.84 18.10 -4.07
CA TYR A 123 -23.64 18.93 -3.19
C TYR A 123 -25.07 18.41 -3.16
N LEU A 124 -25.63 18.22 -1.96
CA LEU A 124 -26.95 17.65 -1.77
C LEU A 124 -27.85 18.62 -1.04
N ARG A 125 -29.05 18.85 -1.57
CA ARG A 125 -29.95 19.88 -1.07
C ARG A 125 -31.33 19.30 -0.79
N HIS A 126 -31.98 19.80 0.26
CA HIS A 126 -33.28 19.32 0.70
C HIS A 126 -34.26 20.48 0.83
N TYR A 127 -35.54 20.20 0.58
CA TYR A 127 -36.60 21.20 0.64
C TYR A 127 -37.79 20.63 1.39
N TRP A 128 -38.29 21.37 2.38
CA TRP A 128 -39.51 20.99 3.09
C TRP A 128 -40.02 22.20 3.85
N LYS A 129 -41.20 22.04 4.46
CA LYS A 129 -41.84 23.12 5.22
C LYS A 129 -42.12 22.66 6.64
N ASP A 130 -41.83 23.53 7.60
CA ASP A 130 -42.03 23.25 9.03
C ASP A 130 -42.55 24.52 9.68
N GLU A 131 -43.81 24.50 10.11
CA GLU A 131 -44.44 25.71 10.66
C GLU A 131 -43.89 26.10 12.02
N ARG A 132 -43.14 25.21 12.68
CA ARG A 132 -42.53 25.55 13.96
C ARG A 132 -41.36 26.51 13.81
N LEU A 133 -40.87 26.75 12.59
CA LEU A 133 -39.75 27.63 12.35
C LEU A 133 -40.17 28.98 11.77
N SER A 134 -41.45 29.34 11.91
CA SER A 134 -41.93 30.61 11.40
C SER A 134 -41.49 31.76 12.30
N PHE A 135 -41.19 32.90 11.68
CA PHE A 135 -40.81 34.11 12.39
C PHE A 135 -41.40 35.32 11.68
N PRO A 136 -41.61 36.42 12.39
CA PRO A 136 -42.23 37.60 11.76
C PRO A 136 -41.23 38.53 11.10
N SER A 137 -41.62 39.05 9.93
CA SER A 137 -40.81 40.01 9.19
C SER A 137 -41.71 40.74 8.20
N THR A 138 -41.11 41.68 7.48
CA THR A 138 -41.85 42.47 6.49
C THR A 138 -41.37 42.26 5.06
N ASN A 139 -40.12 41.86 4.85
CA ASN A 139 -39.56 41.77 3.50
C ASN A 139 -39.90 40.47 2.79
N ASN A 140 -40.15 39.39 3.54
CA ASN A 140 -40.47 38.07 2.98
C ASN A 140 -39.33 37.54 2.12
N LEU A 141 -38.17 37.40 2.76
CA LEU A 141 -36.97 36.91 2.11
C LEU A 141 -36.29 35.88 3.01
N SER A 142 -35.51 35.00 2.38
CA SER A 142 -34.77 33.99 3.13
C SER A 142 -33.68 34.64 3.98
N MET A 143 -33.44 34.06 5.15
CA MET A 143 -32.36 34.47 6.04
C MET A 143 -31.45 33.28 6.27
N THR A 144 -30.15 33.55 6.40
CA THR A 144 -29.15 32.51 6.57
C THR A 144 -28.69 32.46 8.02
N PHE A 145 -28.63 31.26 8.58
CA PHE A 145 -28.18 31.03 9.94
C PHE A 145 -26.88 30.24 9.92
N ASP A 146 -26.14 30.32 11.03
CA ASP A 146 -24.71 29.99 11.00
C ASP A 146 -24.45 28.52 10.71
N GLY A 147 -25.33 27.63 11.14
CA GLY A 147 -25.17 26.21 10.85
C GLY A 147 -25.00 25.31 12.05
N ARG A 148 -24.74 25.85 13.24
CA ARG A 148 -24.78 25.03 14.44
C ARG A 148 -26.19 24.85 14.99
N LEU A 149 -27.17 25.53 14.38
CA LEU A 149 -28.57 25.37 14.74
C LEU A 149 -29.18 24.10 14.15
N VAL A 150 -28.46 23.40 13.27
CA VAL A 150 -28.99 22.20 12.64
C VAL A 150 -29.25 21.12 13.68
N LYS A 151 -28.34 20.95 14.62
CA LYS A 151 -28.46 19.90 15.63
C LYS A 151 -29.54 20.17 16.67
N LYS A 152 -30.35 21.22 16.54
CA LYS A 152 -31.41 21.50 17.49
C LYS A 152 -32.80 21.43 16.88
N ILE A 153 -32.91 21.13 15.58
CA ILE A 153 -34.18 21.06 14.88
C ILE A 153 -34.28 19.70 14.21
N TRP A 154 -35.47 19.42 13.66
CA TRP A 154 -35.69 18.20 12.90
C TRP A 154 -35.13 18.33 11.50
N VAL A 155 -34.54 17.25 10.99
CA VAL A 155 -33.89 17.24 9.69
C VAL A 155 -34.06 15.86 9.07
N PRO A 156 -34.21 15.74 7.75
CA PRO A 156 -34.33 14.43 7.11
C PRO A 156 -33.09 13.56 7.31
N ASP A 157 -33.22 12.28 6.95
CA ASP A 157 -32.27 11.24 7.30
C ASP A 157 -31.87 10.40 6.08
N MET A 158 -31.46 11.06 5.01
CA MET A 158 -31.09 10.33 3.80
C MET A 158 -29.76 9.57 3.98
N PHE A 159 -29.63 8.45 3.28
CA PHE A 159 -28.40 7.68 3.26
C PHE A 159 -28.21 7.07 1.86
N PHE A 160 -26.99 6.65 1.58
CA PHE A 160 -26.63 6.11 0.27
C PHE A 160 -26.66 4.59 0.31
N VAL A 161 -27.50 4.00 -0.53
CA VAL A 161 -27.69 2.55 -0.56
C VAL A 161 -26.54 1.90 -1.31
N HIS A 162 -26.08 0.76 -0.81
CA HIS A 162 -25.03 -0.05 -1.43
C HIS A 162 -23.68 0.68 -1.49
N SER A 163 -23.39 1.50 -0.49
CA SER A 163 -22.12 2.23 -0.44
C SER A 163 -21.15 1.57 0.54
N LYS A 164 -19.86 1.77 0.30
CA LYS A 164 -18.82 1.19 1.15
C LYS A 164 -18.35 2.14 2.24
N ARG A 165 -18.20 3.43 1.94
CA ARG A 165 -17.76 4.40 2.92
C ARG A 165 -18.09 5.79 2.41
N SER A 166 -18.17 6.74 3.34
CA SER A 166 -18.46 8.13 2.99
C SER A 166 -18.20 9.02 4.20
N PHE A 167 -18.10 10.32 3.95
CA PHE A 167 -17.88 11.29 5.02
C PHE A 167 -18.36 12.66 4.58
N ILE A 168 -18.42 13.58 5.54
CA ILE A 168 -18.80 14.97 5.32
C ILE A 168 -17.59 15.85 5.62
N HIS A 169 -17.28 16.76 4.69
CA HIS A 169 -16.12 17.63 4.85
C HIS A 169 -16.35 18.63 5.99
N ASP A 170 -15.28 18.92 6.75
CA ASP A 170 -15.44 19.68 7.97
C ASP A 170 -14.30 20.67 8.23
N THR A 171 -13.71 21.24 7.18
CA THR A 171 -12.69 22.28 7.32
C THR A 171 -13.10 23.48 6.49
N THR A 172 -13.09 24.68 7.10
CA THR A 172 -12.65 24.90 8.48
C THR A 172 -13.74 24.64 9.51
N THR A 173 -14.97 24.46 9.01
CA THR A 173 -16.09 24.02 9.81
C THR A 173 -16.90 23.04 8.97
N ASP A 174 -18.00 22.55 9.54
CA ASP A 174 -18.89 21.68 8.78
C ASP A 174 -19.45 22.42 7.58
N ASN A 175 -19.38 21.79 6.41
CA ASN A 175 -19.85 22.38 5.16
C ASN A 175 -21.36 22.21 5.10
N VAL A 176 -22.07 23.09 5.80
CA VAL A 176 -23.51 22.99 6.00
C VAL A 176 -24.14 24.37 5.81
N MET A 177 -25.29 24.42 5.14
CA MET A 177 -26.03 25.64 4.91
C MET A 177 -27.46 25.48 5.40
N LEU A 178 -28.00 26.53 6.03
CA LEU A 178 -29.37 26.52 6.54
C LEU A 178 -30.02 27.87 6.26
N ARG A 179 -31.09 27.86 5.47
CA ARG A 179 -31.83 29.07 5.14
C ARG A 179 -33.31 28.86 5.40
N VAL A 180 -33.95 29.84 6.04
CA VAL A 180 -35.35 29.74 6.43
C VAL A 180 -36.08 31.00 5.98
N GLN A 181 -37.23 30.81 5.35
CA GLN A 181 -38.15 31.88 4.98
C GLN A 181 -39.12 32.18 6.12
N PRO A 182 -39.71 33.37 6.15
CA PRO A 182 -40.58 33.73 7.28
C PRO A 182 -41.76 32.80 7.49
N ASP A 183 -42.25 32.15 6.44
CA ASP A 183 -43.38 31.24 6.59
C ASP A 183 -42.98 29.86 7.10
N GLY A 184 -41.71 29.48 6.97
CA GLY A 184 -41.26 28.21 7.48
C GLY A 184 -40.67 27.25 6.45
N LYS A 185 -40.49 27.72 5.21
CA LYS A 185 -39.80 26.90 4.21
C LYS A 185 -38.31 26.85 4.51
N VAL A 186 -37.70 25.69 4.28
CA VAL A 186 -36.33 25.42 4.69
C VAL A 186 -35.54 24.93 3.49
N LEU A 187 -34.29 25.38 3.38
CA LEU A 187 -33.32 24.83 2.45
C LEU A 187 -32.08 24.40 3.24
N TYR A 188 -31.60 23.19 2.94
CA TYR A 188 -30.54 22.55 3.72
C TYR A 188 -29.57 21.86 2.76
N SER A 189 -28.28 22.21 2.82
CA SER A 189 -27.30 21.75 1.85
C SER A 189 -26.07 21.19 2.54
N LEU A 190 -25.45 20.21 1.90
CA LEU A 190 -24.29 19.49 2.44
C LEU A 190 -23.30 19.17 1.32
N ARG A 191 -22.07 18.91 1.71
CA ARG A 191 -21.01 18.49 0.79
C ARG A 191 -20.43 17.17 1.28
N VAL A 192 -20.51 16.13 0.44
CA VAL A 192 -20.17 14.77 0.85
C VAL A 192 -19.34 14.08 -0.23
N THR A 193 -18.61 13.05 0.19
CA THR A 193 -17.86 12.17 -0.71
C THR A 193 -18.28 10.73 -0.43
N VAL A 194 -18.60 9.97 -1.49
CA VAL A 194 -19.16 8.63 -1.36
C VAL A 194 -18.36 7.66 -2.22
N THR A 195 -18.17 6.43 -1.72
CA THR A 195 -17.67 5.31 -2.51
C THR A 195 -18.78 4.28 -2.62
N ALA A 196 -19.12 3.89 -3.85
CA ALA A 196 -20.26 3.02 -4.09
C ALA A 196 -19.88 1.90 -5.05
N MET A 197 -20.60 0.79 -4.93
CA MET A 197 -20.32 -0.41 -5.71
C MET A 197 -20.90 -0.30 -7.12
N CYS A 198 -20.19 -0.90 -8.08
CA CYS A 198 -20.68 -1.01 -9.45
C CYS A 198 -20.24 -2.35 -10.02
N ASN A 199 -21.18 -3.10 -10.59
CA ASN A 199 -20.92 -4.44 -11.11
C ASN A 199 -20.52 -4.33 -12.58
N MET A 200 -19.28 -4.72 -12.89
CA MET A 200 -18.70 -4.52 -14.21
C MET A 200 -18.53 -5.85 -14.94
N ASP A 201 -18.62 -5.78 -16.27
CA ASP A 201 -18.48 -6.93 -17.16
C ASP A 201 -17.29 -6.71 -18.07
N PHE A 202 -16.36 -7.66 -18.09
CA PHE A 202 -15.08 -7.49 -18.77
C PHE A 202 -14.90 -8.44 -19.96
N SER A 203 -16.01 -8.88 -20.57
CA SER A 203 -15.88 -9.82 -21.69
C SER A 203 -15.32 -9.15 -22.94
N ARG A 204 -15.50 -7.84 -23.08
CA ARG A 204 -14.97 -7.09 -24.21
C ARG A 204 -13.80 -6.20 -23.83
N PHE A 205 -13.24 -6.37 -22.63
CA PHE A 205 -12.11 -5.57 -22.19
C PHE A 205 -10.92 -5.78 -23.13
N PRO A 206 -10.18 -4.71 -23.49
CA PRO A 206 -10.32 -3.32 -23.04
C PRO A 206 -11.15 -2.41 -23.96
N LEU A 207 -12.05 -2.98 -24.77
CA LEU A 207 -12.93 -2.21 -25.64
C LEU A 207 -14.35 -2.18 -25.09
N ASP A 208 -14.49 -2.05 -23.78
CA ASP A 208 -15.77 -2.23 -23.08
C ASP A 208 -16.42 -0.90 -22.72
N THR A 209 -17.68 -1.00 -22.29
CA THR A 209 -18.49 0.12 -21.83
C THR A 209 -19.23 -0.29 -20.56
N GLN A 210 -19.24 0.59 -19.57
CA GLN A 210 -19.85 0.28 -18.27
C GLN A 210 -20.94 1.29 -17.94
N THR A 211 -21.89 0.85 -17.12
CA THR A 211 -22.98 1.70 -16.62
C THR A 211 -23.06 1.58 -15.10
N CYS A 212 -23.12 2.71 -14.42
CA CYS A 212 -23.14 2.75 -12.96
C CYS A 212 -24.22 3.72 -12.48
N SER A 213 -24.58 3.60 -11.21
CA SER A 213 -25.62 4.45 -10.63
C SER A 213 -25.37 4.65 -9.14
N LEU A 214 -25.98 5.72 -8.61
CA LEU A 214 -25.92 6.06 -7.20
C LEU A 214 -27.35 6.19 -6.67
N GLU A 215 -27.59 5.65 -5.48
CA GLU A 215 -28.95 5.48 -4.95
C GLU A 215 -29.11 6.23 -3.63
N ILE A 216 -30.24 6.91 -3.48
CA ILE A 216 -30.53 7.77 -2.34
C ILE A 216 -31.88 7.37 -1.76
N GLU A 217 -31.95 7.22 -0.45
CA GLU A 217 -33.14 6.73 0.22
C GLU A 217 -33.11 7.18 1.68
N SER A 218 -34.30 7.29 2.29
CA SER A 218 -34.38 7.59 3.71
C SER A 218 -34.23 6.28 4.48
N TYR A 219 -33.63 6.35 5.66
CA TYR A 219 -33.36 5.15 6.42
C TYR A 219 -34.54 4.73 7.30
N ALA A 220 -35.20 5.68 7.94
CA ALA A 220 -36.11 5.36 9.02
C ALA A 220 -37.59 5.48 8.67
N TYR A 221 -37.97 6.31 7.70
CA TYR A 221 -39.37 6.59 7.41
C TYR A 221 -39.81 5.91 6.14
N THR A 222 -40.98 5.27 6.20
CA THR A 222 -41.58 4.64 5.02
C THR A 222 -42.38 5.68 4.23
N GLU A 223 -42.94 5.25 3.10
CA GLU A 223 -43.69 6.15 2.23
C GLU A 223 -44.95 6.68 2.89
N ASP A 224 -45.43 6.06 3.97
CA ASP A 224 -46.57 6.56 4.71
C ASP A 224 -46.20 7.72 5.63
N ASP A 225 -44.91 7.99 5.82
CA ASP A 225 -44.45 9.08 6.65
C ASP A 225 -43.69 10.17 5.89
N LEU A 226 -42.95 9.81 4.86
CA LEU A 226 -42.12 10.75 4.12
C LEU A 226 -42.18 10.44 2.64
N MET A 227 -42.47 11.46 1.83
CA MET A 227 -42.55 11.32 0.38
C MET A 227 -41.35 11.99 -0.27
N LEU A 228 -40.54 11.20 -0.96
CA LEU A 228 -39.28 11.65 -1.55
C LEU A 228 -39.41 11.73 -3.06
N TYR A 229 -39.01 12.86 -3.63
CA TYR A 229 -39.14 13.09 -5.06
C TYR A 229 -38.09 14.08 -5.53
N TRP A 230 -37.87 14.10 -6.84
CA TRP A 230 -36.96 15.08 -7.45
C TRP A 230 -37.63 16.45 -7.49
N LYS A 231 -36.89 17.48 -7.06
CA LYS A 231 -37.48 18.79 -6.83
C LYS A 231 -38.03 19.41 -8.11
N LYS A 232 -37.30 19.31 -9.21
CA LYS A 232 -37.70 19.96 -10.47
C LYS A 232 -37.73 18.99 -11.64
N GLY A 233 -37.93 17.70 -11.36
CA GLY A 233 -38.00 16.74 -12.45
C GLY A 233 -36.63 16.46 -13.03
N ASN A 234 -36.52 16.57 -14.36
CA ASN A 234 -35.26 16.30 -15.03
C ASN A 234 -34.24 17.40 -14.86
N ASP A 235 -34.67 18.60 -14.47
CA ASP A 235 -33.76 19.74 -14.29
C ASP A 235 -33.10 19.75 -12.92
N SER A 236 -33.15 18.65 -12.17
CA SER A 236 -32.63 18.59 -10.82
C SER A 236 -31.19 18.11 -10.74
N LEU A 237 -30.54 17.82 -11.86
CA LEU A 237 -29.16 17.34 -11.87
C LEU A 237 -28.30 18.31 -12.68
N LYS A 238 -27.22 18.79 -12.06
CA LYS A 238 -26.23 19.62 -12.72
C LYS A 238 -24.85 19.01 -12.51
N THR A 239 -23.94 19.33 -13.42
CA THR A 239 -22.57 18.83 -13.35
C THR A 239 -21.59 19.98 -13.57
N ASP A 240 -20.40 19.84 -12.99
CA ASP A 240 -19.33 20.80 -13.20
C ASP A 240 -18.77 20.67 -14.62
N GLU A 241 -18.35 21.80 -15.18
CA GLU A 241 -17.77 21.78 -16.52
C GLU A 241 -16.36 21.20 -16.54
N ARG A 242 -15.75 20.96 -15.38
CA ARG A 242 -14.40 20.44 -15.28
C ARG A 242 -14.35 18.94 -15.01
N ILE A 243 -15.48 18.25 -14.98
CA ILE A 243 -15.49 16.82 -14.65
C ILE A 243 -14.75 16.05 -15.75
N SER A 244 -13.77 15.25 -15.34
CA SER A 244 -12.91 14.58 -16.30
C SER A 244 -12.29 13.34 -15.66
N LEU A 245 -12.06 12.32 -16.48
CA LEU A 245 -11.30 11.14 -16.11
C LEU A 245 -10.22 10.92 -17.14
N SER A 246 -9.03 10.50 -16.68
CA SER A 246 -7.91 10.37 -17.60
C SER A 246 -8.07 9.15 -18.52
N GLN A 247 -8.77 8.12 -18.07
CA GLN A 247 -8.87 6.86 -18.81
C GLN A 247 -10.25 6.61 -19.42
N PHE A 248 -11.25 7.44 -19.13
CA PHE A 248 -12.61 7.19 -19.57
C PHE A 248 -13.23 8.45 -20.17
N LEU A 249 -14.27 8.24 -20.97
CA LEU A 249 -15.14 9.28 -21.47
C LEU A 249 -16.49 9.17 -20.77
N ILE A 250 -16.99 10.29 -20.27
CA ILE A 250 -18.21 10.33 -19.45
C ILE A 250 -19.36 10.89 -20.28
N GLN A 251 -20.53 10.27 -20.18
CA GLN A 251 -21.67 10.72 -20.96
C GLN A 251 -22.98 10.26 -20.31
N GLU A 252 -24.06 10.94 -20.70
CA GLU A 252 -25.44 10.51 -20.44
C GLU A 252 -25.77 10.43 -18.95
N PHE A 253 -25.74 11.59 -18.29
CA PHE A 253 -26.30 11.73 -16.95
C PHE A 253 -27.81 11.87 -17.02
N HIS A 254 -28.54 11.09 -16.21
CA HIS A 254 -29.98 11.24 -16.10
C HIS A 254 -30.44 10.61 -14.77
N THR A 255 -31.71 10.87 -14.43
CA THR A 255 -32.28 10.48 -13.14
C THR A 255 -33.53 9.63 -13.32
N THR A 256 -33.78 8.73 -12.38
CA THR A 256 -34.97 7.87 -12.37
C THR A 256 -35.47 7.71 -10.93
N THR A 257 -36.53 6.92 -10.76
CA THR A 257 -37.18 6.69 -9.48
C THR A 257 -37.77 5.29 -9.46
N LYS A 258 -37.79 4.66 -8.27
CA LYS A 258 -38.35 3.32 -8.12
C LYS A 258 -38.62 3.05 -6.65
N LEU A 259 -39.61 2.20 -6.40
CA LEU A 259 -39.98 1.78 -5.04
C LEU A 259 -39.21 0.53 -4.63
N ALA A 260 -38.97 0.40 -3.33
CA ALA A 260 -38.21 -0.70 -2.77
C ALA A 260 -38.93 -1.29 -1.56
N PHE A 261 -38.73 -2.58 -1.33
CA PHE A 261 -39.43 -3.31 -0.28
C PHE A 261 -38.44 -4.07 0.59
N TYR A 262 -38.64 -3.99 1.90
CA TYR A 262 -37.92 -4.81 2.87
C TYR A 262 -38.95 -5.64 3.62
N SER A 263 -38.69 -6.94 3.76
CA SER A 263 -39.72 -7.85 4.23
C SER A 263 -40.15 -7.59 5.67
N SER A 264 -39.35 -6.88 6.45
CA SER A 264 -39.68 -6.64 7.85
C SER A 264 -39.84 -5.17 8.22
N THR A 265 -39.73 -4.23 7.27
CA THR A 265 -39.88 -2.83 7.64
C THR A 265 -40.88 -2.06 6.77
N GLY A 266 -40.98 -2.39 5.48
CA GLY A 266 -42.00 -1.77 4.65
C GLY A 266 -41.45 -1.26 3.33
N TRP A 267 -42.17 -0.32 2.73
CA TRP A 267 -41.89 0.22 1.40
C TRP A 267 -41.20 1.58 1.47
N TYR A 268 -40.24 1.79 0.58
CA TYR A 268 -39.47 3.02 0.55
C TYR A 268 -39.30 3.50 -0.89
N ASN A 269 -39.02 4.80 -1.04
CA ASN A 269 -38.86 5.44 -2.34
C ASN A 269 -37.37 5.70 -2.59
N ARG A 270 -36.90 5.35 -3.78
CA ARG A 270 -35.49 5.48 -4.13
C ARG A 270 -35.31 6.42 -5.32
N LEU A 271 -34.21 7.17 -5.30
CA LEU A 271 -33.81 8.04 -6.39
C LEU A 271 -32.49 7.55 -6.96
N TYR A 272 -32.32 7.68 -8.28
CA TYR A 272 -31.16 7.15 -8.98
C TYR A 272 -30.46 8.26 -9.78
N ILE A 273 -29.13 8.15 -9.88
CA ILE A 273 -28.31 8.98 -10.74
C ILE A 273 -27.49 8.05 -11.62
N ASN A 274 -27.72 8.10 -12.93
CA ASN A 274 -27.15 7.15 -13.87
C ASN A 274 -26.16 7.83 -14.81
N PHE A 275 -25.12 7.11 -15.20
CA PHE A 275 -24.13 7.61 -16.14
C PHE A 275 -23.41 6.44 -16.79
N THR A 276 -22.71 6.73 -17.88
CA THR A 276 -22.03 5.72 -18.69
C THR A 276 -20.58 6.11 -18.90
N LEU A 277 -19.71 5.10 -19.01
CA LEU A 277 -18.28 5.29 -19.20
C LEU A 277 -17.79 4.48 -20.38
N ARG A 278 -16.85 5.06 -21.15
CA ARG A 278 -16.20 4.36 -22.27
C ARG A 278 -14.69 4.51 -22.12
N ARG A 279 -13.98 3.40 -22.20
CA ARG A 279 -12.54 3.40 -21.99
C ARG A 279 -11.79 3.86 -23.24
N HIS A 280 -10.61 4.44 -23.00
CA HIS A 280 -9.72 4.85 -24.07
C HIS A 280 -8.82 3.68 -24.47
N ILE A 281 -8.64 3.48 -25.77
CA ILE A 281 -7.99 2.28 -26.29
C ILE A 281 -6.53 2.51 -26.70
N PHE A 282 -6.09 3.76 -26.85
CA PHE A 282 -4.79 4.04 -27.44
C PHE A 282 -3.65 3.41 -26.64
N PHE A 283 -3.67 3.57 -25.32
CA PHE A 283 -2.59 3.06 -24.49
C PHE A 283 -2.46 1.55 -24.62
N PHE A 284 -3.58 0.84 -24.57
CA PHE A 284 -3.55 -0.61 -24.68
C PHE A 284 -3.05 -1.05 -26.04
N LEU A 285 -3.49 -0.37 -27.10
CA LEU A 285 -2.95 -0.64 -28.43
C LEU A 285 -1.44 -0.59 -28.41
N LEU A 286 -0.88 0.59 -28.11
CA LEU A 286 0.56 0.79 -28.21
C LEU A 286 1.34 -0.09 -27.24
N GLN A 287 0.77 -0.42 -26.09
CA GLN A 287 1.49 -1.16 -25.06
C GLN A 287 1.42 -2.67 -25.24
N THR A 288 0.33 -3.21 -25.78
CA THR A 288 0.12 -4.65 -25.82
C THR A 288 0.00 -5.20 -27.24
N TYR A 289 -0.80 -4.57 -28.11
CA TYR A 289 -1.08 -5.20 -29.39
C TYR A 289 0.10 -5.11 -30.34
N PHE A 290 0.79 -3.96 -30.35
CA PHE A 290 1.93 -3.78 -31.24
C PHE A 290 3.09 -4.73 -30.91
N PRO A 291 3.54 -4.89 -29.67
CA PRO A 291 4.64 -5.84 -29.40
C PRO A 291 4.34 -7.27 -29.79
N ALA A 292 3.11 -7.76 -29.57
CA ALA A 292 2.79 -9.14 -29.92
C ALA A 292 2.86 -9.35 -31.43
N THR A 293 2.33 -8.40 -32.20
CA THR A 293 2.41 -8.48 -33.65
C THR A 293 3.86 -8.43 -34.11
N LEU A 294 4.68 -7.60 -33.48
CA LEU A 294 6.09 -7.52 -33.86
C LEU A 294 6.80 -8.84 -33.58
N MET A 295 6.50 -9.48 -32.45
CA MET A 295 7.08 -10.79 -32.16
C MET A 295 6.64 -11.84 -33.18
N VAL A 296 5.36 -11.84 -33.54
CA VAL A 296 4.87 -12.79 -34.52
C VAL A 296 5.58 -12.60 -35.87
N MET A 297 5.76 -11.35 -36.28
CA MET A 297 6.46 -11.09 -37.53
C MET A 297 7.94 -11.44 -37.42
N LEU A 298 8.54 -11.27 -36.24
CA LEU A 298 9.93 -11.65 -36.04
C LEU A 298 10.13 -13.15 -36.14
N SER A 299 9.11 -13.94 -35.80
CA SER A 299 9.21 -15.38 -35.96
C SER A 299 9.29 -15.81 -37.42
N TRP A 300 8.79 -14.99 -38.35
CA TRP A 300 8.73 -15.39 -39.75
C TRP A 300 10.06 -15.26 -40.49
N VAL A 301 11.01 -14.47 -39.95
CA VAL A 301 12.25 -14.25 -40.68
C VAL A 301 13.12 -15.50 -40.70
N SER A 302 12.84 -16.49 -39.85
CA SER A 302 13.61 -17.73 -39.87
C SER A 302 13.34 -18.57 -41.11
N PHE A 303 12.16 -18.44 -41.73
CA PHE A 303 11.86 -19.19 -42.94
C PHE A 303 12.76 -18.80 -44.10
N TRP A 304 13.43 -17.66 -44.03
CA TRP A 304 14.29 -17.17 -45.09
C TRP A 304 15.77 -17.43 -44.83
N ILE A 305 16.10 -18.11 -43.74
CA ILE A 305 17.48 -18.40 -43.37
C ILE A 305 17.81 -19.83 -43.77
N ASP A 306 19.05 -20.06 -44.18
CA ASP A 306 19.48 -21.37 -44.65
C ASP A 306 19.27 -22.42 -43.55
N ARG A 307 18.79 -23.59 -43.95
CA ARG A 307 18.44 -24.63 -42.98
C ARG A 307 19.67 -25.30 -42.37
N ARG A 308 20.87 -25.04 -42.88
CA ARG A 308 22.06 -25.66 -42.34
C ARG A 308 22.60 -24.94 -41.10
N ALA A 309 22.03 -23.80 -40.72
CA ALA A 309 22.43 -23.10 -39.50
C ALA A 309 21.44 -23.40 -38.38
N VAL A 310 21.57 -24.61 -37.81
CA VAL A 310 20.64 -25.05 -36.77
C VAL A 310 20.73 -24.19 -35.52
N PRO A 311 21.90 -23.94 -34.93
CA PRO A 311 21.99 -23.06 -33.75
C PRO A 311 21.82 -21.59 -34.05
N ALA A 312 21.49 -21.22 -35.29
CA ALA A 312 21.06 -19.86 -35.61
C ALA A 312 19.55 -19.73 -35.74
N ARG A 313 18.85 -20.82 -36.04
CA ARG A 313 17.42 -20.80 -36.21
C ARG A 313 16.65 -21.27 -34.98
N VAL A 314 17.21 -22.18 -34.18
CA VAL A 314 16.54 -22.57 -32.92
C VAL A 314 16.42 -21.41 -31.94
N PRO A 315 17.48 -20.67 -31.62
CA PRO A 315 17.35 -19.61 -30.59
C PRO A 315 16.36 -18.53 -30.94
N LEU A 316 16.20 -18.20 -32.22
CA LEU A 316 15.27 -17.15 -32.62
C LEU A 316 13.84 -17.51 -32.21
N GLY A 317 13.40 -18.70 -32.58
CA GLY A 317 12.08 -19.16 -32.18
C GLY A 317 11.92 -19.28 -30.68
N ILE A 318 12.95 -19.80 -30.01
CA ILE A 318 12.86 -19.95 -28.55
C ILE A 318 12.68 -18.60 -27.87
N THR A 319 13.47 -17.60 -28.30
CA THR A 319 13.38 -16.28 -27.69
C THR A 319 12.04 -15.62 -27.98
N THR A 320 11.49 -15.82 -29.19
CA THR A 320 10.17 -15.28 -29.46
C THR A 320 9.11 -15.88 -28.54
N VAL A 321 9.19 -17.21 -28.32
CA VAL A 321 8.25 -17.85 -27.41
C VAL A 321 8.35 -17.26 -26.01
N LEU A 322 9.59 -17.11 -25.51
CA LEU A 322 9.76 -16.61 -24.15
C LEU A 322 9.26 -15.18 -24.01
N THR A 323 9.53 -14.33 -25.00
CA THR A 323 9.06 -12.95 -24.92
C THR A 323 7.53 -12.88 -24.97
N MET A 324 6.91 -13.72 -25.80
CA MET A 324 5.45 -13.75 -25.83
C MET A 324 4.89 -14.16 -24.48
N SER A 325 5.50 -15.16 -23.83
CA SER A 325 5.05 -15.58 -22.52
C SER A 325 5.19 -14.44 -21.49
N THR A 326 6.29 -13.70 -21.56
CA THR A 326 6.47 -12.58 -20.63
C THR A 326 5.39 -11.51 -20.84
N ILE A 327 5.07 -11.19 -22.10
CA ILE A 327 4.02 -10.21 -22.37
C ILE A 327 2.68 -10.69 -21.80
N ILE A 328 2.35 -11.97 -22.03
CA ILE A 328 1.09 -12.51 -21.54
C ILE A 328 1.02 -12.42 -20.02
N THR A 329 2.12 -12.77 -19.34
CA THR A 329 2.14 -12.69 -17.88
C THR A 329 1.98 -11.25 -17.40
N GLY A 330 2.64 -10.30 -18.07
CA GLY A 330 2.57 -8.92 -17.62
C GLY A 330 1.22 -8.27 -17.85
N VAL A 331 0.45 -8.76 -18.81
CA VAL A 331 -0.83 -8.11 -19.13
C VAL A 331 -1.83 -8.25 -17.99
N ASN A 332 -1.85 -9.41 -17.33
CA ASN A 332 -2.90 -9.73 -16.36
C ASN A 332 -2.70 -9.14 -14.98
N ALA A 333 -1.59 -8.43 -14.75
CA ALA A 333 -1.24 -7.99 -13.40
C ALA A 333 -2.26 -7.03 -12.79
N SER A 334 -3.06 -6.35 -13.60
CA SER A 334 -3.92 -5.28 -13.13
C SER A 334 -5.38 -5.68 -13.00
N MET A 335 -5.72 -6.95 -13.18
CA MET A 335 -7.12 -7.30 -13.37
C MET A 335 -7.60 -8.30 -12.33
N PRO A 336 -8.90 -8.32 -12.03
CA PRO A 336 -9.45 -9.35 -11.15
C PRO A 336 -9.49 -10.71 -11.82
N ARG A 337 -9.64 -11.74 -11.00
CA ARG A 337 -9.61 -13.13 -11.45
C ARG A 337 -11.04 -13.59 -11.75
N VAL A 338 -11.54 -13.20 -12.93
CA VAL A 338 -12.87 -13.56 -13.36
C VAL A 338 -12.87 -14.98 -13.92
N SER A 339 -14.05 -15.57 -14.10
CA SER A 339 -14.19 -16.94 -14.53
C SER A 339 -14.48 -17.07 -16.03
N TYR A 340 -14.16 -16.06 -16.83
CA TYR A 340 -14.37 -16.09 -18.26
C TYR A 340 -13.20 -15.40 -18.95
N ILE A 341 -13.10 -15.58 -20.26
CA ILE A 341 -11.98 -15.05 -21.03
C ILE A 341 -12.32 -13.66 -21.55
N LYS A 342 -11.31 -12.80 -21.62
CA LYS A 342 -11.43 -11.44 -22.10
C LYS A 342 -10.97 -11.35 -23.56
N ALA A 343 -11.22 -10.20 -24.18
CA ALA A 343 -10.92 -10.02 -25.60
C ALA A 343 -9.42 -10.04 -25.87
N VAL A 344 -8.62 -9.43 -24.99
CA VAL A 344 -7.18 -9.34 -25.22
C VAL A 344 -6.51 -10.71 -25.04
N ASP A 345 -7.06 -11.56 -24.17
CA ASP A 345 -6.49 -12.89 -23.93
C ASP A 345 -6.54 -13.74 -25.20
N ILE A 346 -7.65 -13.65 -25.95
CA ILE A 346 -7.77 -14.41 -27.18
C ILE A 346 -6.65 -14.05 -28.14
N TYR A 347 -6.42 -12.75 -28.33
CA TYR A 347 -5.38 -12.27 -29.24
C TYR A 347 -4.01 -12.78 -28.80
N LEU A 348 -3.70 -12.63 -27.51
CA LEU A 348 -2.38 -13.00 -27.02
C LEU A 348 -2.13 -14.50 -27.15
N TRP A 349 -3.13 -15.33 -26.83
CA TRP A 349 -2.91 -16.77 -26.89
C TRP A 349 -2.87 -17.29 -28.32
N VAL A 350 -3.62 -16.67 -29.24
CA VAL A 350 -3.47 -17.04 -30.65
C VAL A 350 -2.07 -16.71 -31.16
N SER A 351 -1.54 -15.55 -30.75
CA SER A 351 -0.17 -15.21 -31.14
C SER A 351 0.83 -16.21 -30.58
N PHE A 352 0.65 -16.62 -29.32
CA PHE A 352 1.53 -17.62 -28.72
C PHE A 352 1.49 -18.94 -29.51
N VAL A 353 0.30 -19.37 -29.91
CA VAL A 353 0.19 -20.61 -30.70
C VAL A 353 0.90 -20.48 -32.03
N PHE A 354 0.77 -19.31 -32.67
CA PHE A 354 1.46 -19.08 -33.95
C PHE A 354 2.98 -19.26 -33.78
N VAL A 355 3.55 -18.67 -32.72
CA VAL A 355 4.98 -18.78 -32.52
C VAL A 355 5.40 -20.22 -32.22
N PHE A 356 4.58 -20.94 -31.44
CA PHE A 356 4.88 -22.33 -31.13
C PHE A 356 4.91 -23.19 -32.39
N LEU A 357 3.95 -23.00 -33.29
CA LEU A 357 3.95 -23.75 -34.54
C LEU A 357 5.15 -23.39 -35.40
N SER A 358 5.54 -22.12 -35.39
CA SER A 358 6.77 -21.72 -36.08
C SER A 358 7.96 -22.50 -35.58
N VAL A 359 8.03 -22.74 -34.27
CA VAL A 359 9.13 -23.53 -33.71
C VAL A 359 9.05 -24.98 -34.20
N LEU A 360 7.85 -25.56 -34.21
CA LEU A 360 7.73 -26.97 -34.63
C LEU A 360 8.10 -27.21 -36.09
N GLU A 361 7.86 -26.19 -36.94
CA GLU A 361 8.12 -26.36 -38.38
C GLU A 361 9.59 -26.69 -38.65
N TYR A 362 10.51 -26.01 -37.96
CA TYR A 362 11.93 -26.24 -38.22
C TYR A 362 12.37 -27.62 -37.75
N ALA A 363 11.81 -28.10 -36.63
CA ALA A 363 12.10 -29.46 -36.19
C ALA A 363 11.68 -30.47 -37.24
N ALA A 364 10.50 -30.28 -37.83
CA ALA A 364 10.07 -31.18 -38.90
C ALA A 364 11.04 -31.14 -40.08
N VAL A 365 11.46 -29.94 -40.48
CA VAL A 365 12.37 -29.79 -41.62
C VAL A 365 13.69 -30.50 -41.35
N ASN A 366 14.25 -30.30 -40.14
CA ASN A 366 15.52 -30.91 -39.79
C ASN A 366 15.43 -32.44 -39.76
N TYR A 367 14.36 -32.98 -39.17
CA TYR A 367 14.20 -34.43 -39.14
C TYR A 367 14.11 -35.00 -40.55
N LEU A 368 13.32 -34.38 -41.43
CA LEU A 368 13.19 -34.90 -42.78
C LEU A 368 14.50 -34.81 -43.55
N THR A 369 15.26 -33.74 -43.36
CA THR A 369 16.55 -33.62 -44.03
C THR A 369 17.51 -34.72 -43.58
N THR A 370 17.57 -34.99 -42.28
CA THR A 370 18.45 -36.04 -41.79
C THR A 370 18.04 -37.41 -42.32
N VAL A 371 16.74 -37.68 -42.35
CA VAL A 371 16.26 -38.96 -42.88
C VAL A 371 16.64 -39.11 -44.35
N GLN A 372 16.46 -38.05 -45.13
CA GLN A 372 16.81 -38.11 -46.55
C GLN A 372 18.30 -38.34 -46.74
N GLU A 373 19.13 -37.68 -45.92
CA GLU A 373 20.57 -37.90 -46.02
C GLU A 373 20.93 -39.34 -45.71
N ARG A 374 20.33 -39.92 -44.66
CA ARG A 374 20.61 -41.32 -44.34
C ARG A 374 20.18 -42.24 -45.48
N LYS A 375 19.01 -42.01 -46.06
CA LYS A 375 18.54 -42.87 -47.14
C LYS A 375 19.45 -42.77 -48.35
N GLU A 376 19.90 -41.57 -48.70
CA GLU A 376 20.81 -41.43 -49.83
C GLU A 376 22.16 -42.05 -49.52
N GLN A 377 22.61 -41.98 -48.27
CA GLN A 377 23.86 -42.62 -47.89
C GLN A 377 23.78 -44.14 -48.03
N LYS A 378 22.65 -44.73 -47.63
CA LYS A 378 22.53 -46.18 -47.64
C LYS A 378 22.48 -46.77 -49.05
N LEU A 379 22.30 -45.95 -50.09
CA LEU A 379 22.27 -46.47 -51.45
C LEU A 379 23.65 -46.86 -51.95
N ARG A 380 24.71 -46.51 -51.25
CA ARG A 380 26.07 -46.89 -51.65
C ARG A 380 26.62 -47.98 -50.74
N ASP A 451 19.62 -25.96 -51.93
CA ASP A 451 18.21 -25.89 -52.33
C ASP A 451 17.31 -25.71 -51.12
N THR A 452 16.08 -25.28 -51.36
CA THR A 452 15.12 -24.97 -50.30
C THR A 452 14.10 -26.08 -50.18
N HIS A 453 13.84 -26.52 -48.96
CA HIS A 453 12.82 -27.52 -48.71
C HIS A 453 11.43 -26.95 -49.01
N ALA A 454 10.51 -27.83 -49.39
CA ALA A 454 9.17 -27.39 -49.75
C ALA A 454 8.43 -26.80 -48.55
N ILE A 455 8.72 -27.27 -47.35
CA ILE A 455 8.00 -26.81 -46.16
C ILE A 455 8.26 -25.33 -45.91
N ASP A 456 9.52 -24.89 -46.03
CA ASP A 456 9.83 -23.48 -45.87
C ASP A 456 9.16 -22.64 -46.95
N LYS A 457 9.21 -23.12 -48.19
CA LYS A 457 8.64 -22.37 -49.31
C LYS A 457 7.13 -22.18 -49.14
N TYR A 458 6.45 -23.20 -48.61
CA TYR A 458 5.02 -23.05 -48.36
C TYR A 458 4.73 -22.22 -47.11
N SER A 459 5.56 -22.35 -46.08
CA SER A 459 5.34 -21.59 -44.85
C SER A 459 5.42 -20.09 -45.10
N ARG A 460 6.37 -19.67 -45.96
CA ARG A 460 6.58 -18.26 -46.24
C ARG A 460 5.31 -17.55 -46.70
N ILE A 461 4.39 -18.29 -47.34
CA ILE A 461 3.13 -17.72 -47.78
C ILE A 461 1.99 -18.07 -46.82
N ILE A 462 1.99 -19.27 -46.26
CA ILE A 462 0.84 -19.73 -45.49
C ILE A 462 0.74 -18.99 -44.16
N PHE A 463 1.85 -18.78 -43.45
CA PHE A 463 1.76 -18.15 -42.14
C PHE A 463 1.23 -16.72 -42.20
N PRO A 464 1.78 -15.81 -43.01
CA PRO A 464 1.24 -14.44 -43.03
C PRO A 464 -0.22 -14.36 -43.46
N ALA A 465 -0.65 -15.19 -44.40
CA ALA A 465 -2.04 -15.15 -44.86
C ALA A 465 -3.00 -15.54 -43.74
N ALA A 466 -2.66 -16.59 -43.00
CA ALA A 466 -3.50 -16.99 -41.88
C ALA A 466 -3.54 -15.91 -40.79
N TYR A 467 -2.39 -15.27 -40.51
CA TYR A 467 -2.42 -14.22 -39.50
C TYR A 467 -3.26 -13.03 -39.94
N ILE A 468 -3.18 -12.66 -41.22
CA ILE A 468 -3.98 -11.55 -41.72
C ILE A 468 -5.47 -11.88 -41.68
N LEU A 469 -5.83 -13.12 -42.03
CA LEU A 469 -7.23 -13.53 -41.95
C LEU A 469 -7.75 -13.49 -40.51
N PHE A 470 -6.94 -13.96 -39.56
CA PHE A 470 -7.34 -13.89 -38.16
C PHE A 470 -7.55 -12.46 -37.71
N ASN A 471 -6.65 -11.55 -38.11
CA ASN A 471 -6.81 -10.15 -37.73
C ASN A 471 -8.08 -9.55 -38.31
N LEU A 472 -8.38 -9.86 -39.57
CA LEU A 472 -9.60 -9.37 -40.19
C LEU A 472 -10.83 -9.80 -39.40
N ILE A 473 -10.92 -11.10 -39.08
CA ILE A 473 -12.09 -11.59 -38.35
C ILE A 473 -12.16 -10.97 -36.95
N TYR A 474 -11.03 -10.93 -36.25
CA TYR A 474 -11.01 -10.42 -34.88
C TYR A 474 -11.44 -8.96 -34.82
N TRP A 475 -10.92 -8.13 -35.71
CA TRP A 475 -11.28 -6.72 -35.65
C TRP A 475 -12.63 -6.43 -36.29
N SER A 476 -13.21 -7.38 -37.04
CA SER A 476 -14.61 -7.21 -37.41
C SER A 476 -15.53 -7.54 -36.23
N ILE A 477 -15.21 -8.56 -35.44
CA ILE A 477 -16.08 -8.92 -34.32
C ILE A 477 -16.05 -7.86 -33.23
N PHE A 478 -14.86 -7.44 -32.81
CA PHE A 478 -14.72 -6.50 -31.71
C PHE A 478 -14.62 -5.06 -32.16
N SER A 479 -14.82 -4.79 -33.46
CA SER A 479 -14.91 -3.44 -34.01
C SER A 479 -13.63 -2.65 -33.80
N GLN B 77 -43.93 16.27 25.94
CA GLN B 77 -43.24 15.12 25.37
C GLN B 77 -44.11 13.87 25.42
N LEU B 78 -44.08 13.10 24.33
CA LEU B 78 -44.89 11.88 24.28
C LEU B 78 -44.28 10.77 25.12
N LEU B 79 -42.96 10.70 25.20
CA LEU B 79 -42.26 9.71 25.99
C LEU B 79 -41.71 10.35 27.27
N ARG B 80 -41.91 9.67 28.40
CA ARG B 80 -41.47 10.18 29.70
C ARG B 80 -40.06 9.70 30.01
N ILE B 81 -39.09 10.27 29.27
CA ILE B 81 -37.70 9.88 29.42
C ILE B 81 -37.14 10.34 30.75
N ASP B 82 -37.48 11.56 31.17
CA ASP B 82 -36.86 12.17 32.36
C ASP B 82 -37.29 11.53 33.66
N ASP B 83 -38.31 10.67 33.65
CA ASP B 83 -38.86 10.10 34.88
C ASP B 83 -38.21 8.78 35.27
N HIS B 84 -37.22 8.30 34.52
CA HIS B 84 -36.67 6.96 34.75
C HIS B 84 -35.17 7.00 34.70
N ASP B 85 -34.55 5.97 35.28
CA ASP B 85 -33.10 5.79 35.29
C ASP B 85 -32.77 4.66 34.32
N PHE B 86 -32.27 5.01 33.14
CA PHE B 86 -32.01 4.04 32.10
C PHE B 86 -30.60 3.47 32.15
N SER B 87 -29.94 3.52 33.31
CA SER B 87 -28.70 2.80 33.52
C SER B 87 -28.94 1.37 33.97
N MET B 88 -30.20 0.98 34.16
CA MET B 88 -30.57 -0.37 34.55
C MET B 88 -31.47 -0.98 33.48
N ARG B 89 -31.29 -2.28 33.24
CA ARG B 89 -32.05 -2.97 32.22
C ARG B 89 -33.50 -3.16 32.65
N PRO B 90 -34.40 -3.43 31.70
CA PRO B 90 -35.76 -3.83 32.08
C PRO B 90 -35.75 -5.12 32.89
N GLY B 91 -36.57 -5.15 33.94
CA GLY B 91 -36.56 -6.27 34.85
C GLY B 91 -35.30 -6.40 35.66
N PHE B 92 -34.71 -5.28 36.06
CA PHE B 92 -33.46 -5.29 36.83
C PHE B 92 -33.66 -6.00 38.16
N GLY B 93 -32.75 -6.92 38.47
CA GLY B 93 -32.84 -7.68 39.70
C GLY B 93 -33.82 -8.84 39.67
N GLY B 94 -34.31 -9.23 38.50
CA GLY B 94 -35.27 -10.31 38.40
C GLY B 94 -34.92 -11.29 37.31
N PRO B 95 -35.94 -11.88 36.69
CA PRO B 95 -35.70 -12.83 35.59
C PRO B 95 -35.09 -12.15 34.38
N ALA B 96 -34.46 -12.96 33.53
CA ALA B 96 -33.80 -12.45 32.35
C ALA B 96 -34.81 -11.91 31.34
N ILE B 97 -34.35 -11.02 30.48
CA ILE B 97 -35.17 -10.37 29.47
C ILE B 97 -34.85 -11.00 28.12
N PRO B 98 -35.85 -11.43 27.35
CA PRO B 98 -35.57 -12.00 26.02
C PRO B 98 -35.35 -10.92 24.97
N VAL B 99 -34.39 -11.18 24.07
CA VAL B 99 -34.09 -10.29 22.97
C VAL B 99 -33.99 -11.12 21.69
N GLY B 100 -34.80 -10.78 20.69
CA GLY B 100 -34.78 -11.45 19.41
C GLY B 100 -33.96 -10.69 18.37
N VAL B 101 -33.44 -11.44 17.40
CA VAL B 101 -32.49 -10.89 16.42
C VAL B 101 -32.89 -11.33 15.02
N ASP B 102 -32.81 -10.40 14.07
CA ASP B 102 -33.15 -10.61 12.67
C ASP B 102 -32.09 -9.92 11.82
N VAL B 103 -31.78 -10.48 10.65
CA VAL B 103 -30.63 -10.04 9.85
C VAL B 103 -30.95 -10.09 8.35
N GLN B 104 -30.49 -9.07 7.62
CA GLN B 104 -30.46 -9.10 6.16
C GLN B 104 -29.05 -8.74 5.67
N VAL B 105 -28.47 -9.61 4.85
CA VAL B 105 -27.11 -9.43 4.35
C VAL B 105 -27.15 -8.62 3.05
N GLU B 106 -26.33 -7.58 2.97
CA GLU B 106 -26.29 -6.72 1.78
C GLU B 106 -25.17 -7.07 0.81
N SER B 107 -23.96 -7.34 1.29
CA SER B 107 -22.87 -7.64 0.36
C SER B 107 -21.75 -8.38 1.07
N LEU B 108 -20.98 -9.13 0.28
CA LEU B 108 -19.68 -9.68 0.67
C LEU B 108 -18.61 -8.97 -0.15
N ASP B 109 -17.65 -8.36 0.53
CA ASP B 109 -16.78 -7.37 -0.08
C ASP B 109 -15.46 -7.97 -0.59
N SER B 110 -14.66 -8.56 0.30
CA SER B 110 -13.33 -9.00 -0.12
C SER B 110 -12.90 -10.19 0.72
N ILE B 111 -11.96 -10.95 0.17
CA ILE B 111 -11.42 -12.15 0.80
C ILE B 111 -9.91 -12.13 0.65
N SER B 112 -9.20 -12.25 1.76
CA SER B 112 -7.74 -12.17 1.77
C SER B 112 -7.17 -13.51 2.17
N GLU B 113 -6.29 -14.06 1.34
CA GLU B 113 -5.66 -15.34 1.66
C GLU B 113 -4.49 -15.17 2.62
N VAL B 114 -3.73 -14.08 2.49
CA VAL B 114 -2.60 -13.84 3.37
C VAL B 114 -3.09 -13.51 4.79
N ASP B 115 -4.15 -12.73 4.91
CA ASP B 115 -4.69 -12.37 6.21
C ASP B 115 -5.73 -13.34 6.72
N MET B 116 -6.36 -14.11 5.83
CA MET B 116 -7.37 -15.11 6.18
C MET B 116 -8.55 -14.48 6.93
N ASP B 117 -9.26 -13.62 6.18
CA ASP B 117 -10.41 -12.92 6.71
C ASP B 117 -11.34 -12.52 5.56
N PHE B 118 -12.53 -12.03 5.92
CA PHE B 118 -13.52 -11.57 4.96
C PHE B 118 -14.24 -10.34 5.53
N THR B 119 -14.91 -9.60 4.65
CA THR B 119 -15.65 -8.39 5.01
C THR B 119 -17.11 -8.53 4.59
N MET B 120 -18.02 -8.08 5.47
CA MET B 120 -19.45 -8.20 5.24
C MET B 120 -20.16 -6.92 5.66
N THR B 121 -21.24 -6.58 4.96
CA THR B 121 -22.12 -5.47 5.31
C THR B 121 -23.54 -6.02 5.50
N LEU B 122 -24.19 -5.59 6.57
CA LEU B 122 -25.51 -6.11 6.88
C LEU B 122 -26.38 -5.22 7.74
N TYR B 123 -27.67 -5.50 7.73
CA TYR B 123 -28.63 -4.80 8.59
C TYR B 123 -28.95 -5.69 9.79
N LEU B 124 -28.87 -5.12 10.99
CA LEU B 124 -29.05 -5.85 12.24
C LEU B 124 -30.22 -5.27 13.02
N ARG B 125 -31.14 -6.13 13.47
CA ARG B 125 -32.38 -5.69 14.10
C ARG B 125 -32.57 -6.39 15.44
N HIS B 126 -33.15 -5.66 16.40
CA HIS B 126 -33.36 -6.15 17.75
C HIS B 126 -34.82 -5.96 18.16
N TYR B 127 -35.30 -6.88 19.00
CA TYR B 127 -36.68 -6.86 19.47
C TYR B 127 -36.71 -7.11 20.97
N TRP B 128 -37.42 -6.26 21.71
CA TRP B 128 -37.61 -6.45 23.14
C TRP B 128 -38.75 -5.55 23.60
N LYS B 129 -39.14 -5.72 24.87
CA LYS B 129 -40.23 -4.95 25.46
C LYS B 129 -39.74 -4.20 26.70
N ASP B 130 -40.14 -2.94 26.82
CA ASP B 130 -39.76 -2.09 27.95
C ASP B 130 -40.98 -1.25 28.32
N GLU B 131 -41.56 -1.51 29.49
CA GLU B 131 -42.78 -0.84 29.90
C GLU B 131 -42.56 0.64 30.24
N ARG B 132 -41.32 1.07 30.41
CA ARG B 132 -41.05 2.48 30.67
C ARG B 132 -41.25 3.36 29.44
N LEU B 133 -41.40 2.77 28.26
CA LEU B 133 -41.58 3.50 27.01
C LEU B 133 -43.03 3.49 26.53
N SER B 134 -43.98 3.17 27.40
CA SER B 134 -45.38 3.14 27.02
C SER B 134 -45.94 4.56 26.91
N PHE B 135 -46.83 4.75 25.95
CA PHE B 135 -47.51 6.02 25.74
C PHE B 135 -48.95 5.77 25.31
N PRO B 136 -49.86 6.72 25.57
CA PRO B 136 -51.28 6.50 25.24
C PRO B 136 -51.63 6.89 23.81
N SER B 137 -52.48 6.07 23.19
CA SER B 137 -52.96 6.31 21.85
C SER B 137 -54.23 5.49 21.64
N THR B 138 -54.83 5.66 20.46
CA THR B 138 -56.04 4.92 20.11
C THR B 138 -55.88 3.97 18.93
N ASN B 139 -54.91 4.21 18.04
CA ASN B 139 -54.79 3.40 16.83
C ASN B 139 -54.02 2.10 17.04
N ASN B 140 -53.13 2.06 18.04
CA ASN B 140 -52.31 0.88 18.33
C ASN B 140 -51.41 0.52 17.14
N LEU B 141 -50.57 1.47 16.76
CA LEU B 141 -49.63 1.31 15.66
C LEU B 141 -48.26 1.82 16.06
N SER B 142 -47.23 1.31 15.41
CA SER B 142 -45.87 1.75 15.67
C SER B 142 -45.68 3.20 15.22
N MET B 143 -44.87 3.93 15.97
CA MET B 143 -44.48 5.29 15.63
C MET B 143 -42.95 5.34 15.50
N THR B 144 -42.48 6.17 14.58
CA THR B 144 -41.05 6.28 14.30
C THR B 144 -40.51 7.58 14.91
N PHE B 145 -39.38 7.47 15.60
CA PHE B 145 -38.71 8.61 16.20
C PHE B 145 -37.36 8.83 15.53
N ASP B 146 -36.84 10.05 15.66
CA ASP B 146 -35.82 10.53 14.73
C ASP B 146 -34.51 9.76 14.84
N GLY B 147 -34.16 9.26 16.02
CA GLY B 147 -32.96 8.47 16.17
C GLY B 147 -31.90 9.05 17.10
N ARG B 148 -32.00 10.31 17.49
CA ARG B 148 -31.11 10.82 18.53
C ARG B 148 -31.63 10.50 19.93
N LEU B 149 -32.81 9.90 20.03
CA LEU B 149 -33.35 9.45 21.30
C LEU B 149 -32.73 8.14 21.76
N VAL B 150 -31.93 7.49 20.92
CA VAL B 150 -31.33 6.20 21.29
C VAL B 150 -30.39 6.37 22.47
N LYS B 151 -29.60 7.43 22.47
CA LYS B 151 -28.61 7.66 23.52
C LYS B 151 -29.21 8.08 24.85
N LYS B 152 -30.54 8.08 25.02
CA LYS B 152 -31.16 8.43 26.28
C LYS B 152 -31.95 7.29 26.90
N ILE B 153 -31.98 6.13 26.26
CA ILE B 153 -32.74 4.97 26.74
C ILE B 153 -31.78 3.79 26.83
N TRP B 154 -32.28 2.70 27.41
CA TRP B 154 -31.51 1.46 27.48
C TRP B 154 -31.58 0.72 26.14
N VAL B 155 -30.46 0.12 25.77
CA VAL B 155 -30.35 -0.58 24.49
C VAL B 155 -29.40 -1.77 24.67
N PRO B 156 -29.62 -2.89 23.98
CA PRO B 156 -28.70 -4.04 24.09
C PRO B 156 -27.30 -3.70 23.60
N ASP B 157 -26.38 -4.63 23.87
CA ASP B 157 -24.94 -4.40 23.75
C ASP B 157 -24.26 -5.52 22.97
N MET B 158 -24.77 -5.85 21.79
CA MET B 158 -24.19 -6.91 21.00
C MET B 158 -22.83 -6.51 20.41
N PHE B 159 -21.96 -7.51 20.23
CA PHE B 159 -20.66 -7.31 19.60
C PHE B 159 -20.32 -8.55 18.78
N PHE B 160 -19.36 -8.40 17.88
CA PHE B 160 -18.97 -9.46 16.96
C PHE B 160 -17.71 -10.16 17.49
N VAL B 161 -17.83 -11.46 17.75
CA VAL B 161 -16.73 -12.23 18.33
C VAL B 161 -15.72 -12.56 17.24
N HIS B 162 -14.44 -12.50 17.59
CA HIS B 162 -13.32 -12.86 16.71
C HIS B 162 -13.22 -11.94 15.49
N SER B 163 -13.57 -10.67 15.64
CA SER B 163 -13.49 -9.71 14.55
C SER B 163 -12.25 -8.82 14.69
N LYS B 164 -11.78 -8.31 13.56
CA LYS B 164 -10.59 -7.46 13.54
C LYS B 164 -10.93 -5.97 13.59
N ARG B 165 -11.97 -5.55 12.88
CA ARG B 165 -12.37 -4.14 12.88
C ARG B 165 -13.79 -4.04 12.34
N SER B 166 -14.45 -2.94 12.68
CA SER B 166 -15.81 -2.70 12.22
C SER B 166 -16.21 -1.25 12.52
N PHE B 167 -17.27 -0.79 11.88
CA PHE B 167 -17.76 0.57 12.08
C PHE B 167 -19.24 0.63 11.71
N ILE B 168 -19.85 1.76 12.07
CA ILE B 168 -21.25 2.06 11.76
C ILE B 168 -21.28 3.23 10.80
N HIS B 169 -22.04 3.11 9.71
CA HIS B 169 -22.14 4.16 8.72
C HIS B 169 -22.87 5.38 9.27
N ASP B 170 -22.40 6.58 8.89
CA ASP B 170 -22.90 7.80 9.54
C ASP B 170 -23.08 8.97 8.57
N THR B 171 -23.42 8.71 7.31
CA THR B 171 -23.71 9.77 6.35
C THR B 171 -25.07 9.51 5.73
N THR B 172 -25.94 10.52 5.73
CA THR B 172 -25.65 11.87 6.20
C THR B 172 -25.83 12.01 7.71
N THR B 173 -26.42 10.99 8.32
CA THR B 173 -26.51 10.88 9.77
C THR B 173 -26.28 9.41 10.13
N ASP B 174 -26.34 9.10 11.42
CA ASP B 174 -26.24 7.72 11.87
C ASP B 174 -27.37 6.89 11.27
N ASN B 175 -27.01 5.75 10.68
CA ASN B 175 -27.98 4.86 10.04
C ASN B 175 -28.66 4.03 11.13
N VAL B 176 -29.63 4.65 11.80
CA VAL B 176 -30.28 4.09 12.98
C VAL B 176 -31.79 4.29 12.86
N MET B 177 -32.55 3.26 13.26
CA MET B 177 -34.00 3.30 13.24
C MET B 177 -34.53 2.94 14.62
N LEU B 178 -35.58 3.65 15.05
CA LEU B 178 -36.20 3.40 16.34
C LEU B 178 -37.71 3.51 16.21
N ARG B 179 -38.42 2.42 16.48
CA ARG B 179 -39.88 2.38 16.40
C ARG B 179 -40.44 1.79 17.69
N VAL B 180 -41.47 2.43 18.23
CA VAL B 180 -42.07 2.03 19.51
C VAL B 180 -43.57 1.92 19.34
N GLN B 181 -44.14 0.83 19.83
CA GLN B 181 -45.59 0.62 19.90
C GLN B 181 -46.13 1.17 21.21
N PRO B 182 -47.44 1.47 21.27
CA PRO B 182 -47.99 2.10 22.48
C PRO B 182 -47.81 1.28 23.76
N ASP B 183 -47.71 -0.05 23.65
CA ASP B 183 -47.54 -0.88 24.84
C ASP B 183 -46.08 -0.94 25.30
N GLY B 184 -45.13 -0.63 24.44
CA GLY B 184 -43.74 -0.62 24.84
C GLY B 184 -42.83 -1.55 24.08
N LYS B 185 -43.33 -2.20 23.03
CA LYS B 185 -42.48 -3.01 22.18
C LYS B 185 -41.58 -2.12 21.32
N VAL B 186 -40.34 -2.55 21.12
CA VAL B 186 -39.32 -1.73 20.49
C VAL B 186 -38.70 -2.50 19.33
N LEU B 187 -38.43 -1.80 18.23
CA LEU B 187 -37.63 -2.30 17.12
C LEU B 187 -36.48 -1.34 16.88
N TYR B 188 -35.27 -1.89 16.73
CA TYR B 188 -34.05 -1.10 16.67
C TYR B 188 -33.13 -1.70 15.61
N SER B 189 -32.73 -0.89 14.62
CA SER B 189 -32.01 -1.38 13.45
C SER B 189 -30.75 -0.54 13.19
N LEU B 190 -29.72 -1.20 12.66
CA LEU B 190 -28.43 -0.58 12.40
C LEU B 190 -27.83 -1.12 11.11
N ARG B 191 -26.89 -0.37 10.55
CA ARG B 191 -26.15 -0.77 9.36
C ARG B 191 -24.67 -0.74 9.67
N VAL B 192 -23.99 -1.89 9.54
CA VAL B 192 -22.61 -2.05 9.98
C VAL B 192 -21.80 -2.80 8.92
N THR B 193 -20.48 -2.63 9.01
CA THR B 193 -19.51 -3.37 8.19
C THR B 193 -18.49 -4.01 9.12
N VAL B 194 -18.22 -5.30 8.93
CA VAL B 194 -17.37 -6.08 9.83
C VAL B 194 -16.31 -6.81 9.03
N THR B 195 -15.11 -6.91 9.60
CA THR B 195 -14.06 -7.78 9.11
C THR B 195 -13.80 -8.87 10.16
N ALA B 196 -13.89 -10.13 9.76
CA ALA B 196 -13.81 -11.24 10.68
C ALA B 196 -12.85 -12.31 10.17
N MET B 197 -12.29 -13.07 11.12
CA MET B 197 -11.29 -14.08 10.80
C MET B 197 -11.94 -15.37 10.29
N CYS B 198 -11.24 -16.05 9.38
CA CYS B 198 -11.65 -17.35 8.90
C CYS B 198 -10.41 -18.20 8.66
N ASN B 199 -10.40 -19.42 9.20
CA ASN B 199 -9.24 -20.31 9.12
C ASN B 199 -9.38 -21.18 7.87
N MET B 200 -8.46 -21.02 6.93
CA MET B 200 -8.55 -21.65 5.62
C MET B 200 -7.49 -22.74 5.46
N ASP B 201 -7.83 -23.76 4.67
CA ASP B 201 -6.98 -24.90 4.38
C ASP B 201 -6.69 -24.93 2.89
N PHE B 202 -5.40 -24.97 2.52
CA PHE B 202 -4.98 -24.80 1.14
C PHE B 202 -4.32 -26.06 0.56
N SER B 203 -4.64 -27.23 1.10
CA SER B 203 -4.01 -28.45 0.61
C SER B 203 -4.49 -28.83 -0.78
N ARG B 204 -5.70 -28.42 -1.16
CA ARG B 204 -6.24 -28.69 -2.49
C ARG B 204 -6.28 -27.45 -3.38
N PHE B 205 -5.64 -26.37 -2.96
CA PHE B 205 -5.62 -25.13 -3.74
C PHE B 205 -4.99 -25.38 -5.10
N PRO B 206 -5.55 -24.83 -6.19
CA PRO B 206 -6.69 -23.92 -6.26
C PRO B 206 -8.06 -24.57 -6.53
N LEU B 207 -8.20 -25.85 -6.23
CA LEU B 207 -9.46 -26.57 -6.39
C LEU B 207 -10.14 -26.81 -5.04
N ASP B 208 -10.08 -25.82 -4.16
CA ASP B 208 -10.48 -25.98 -2.76
C ASP B 208 -11.87 -25.39 -2.49
N THR B 209 -12.38 -25.69 -1.29
CA THR B 209 -13.65 -25.20 -0.79
C THR B 209 -13.47 -24.78 0.66
N GLN B 210 -14.03 -23.62 1.02
CA GLN B 210 -13.87 -23.05 2.36
C GLN B 210 -15.22 -22.84 3.03
N THR B 211 -15.22 -22.87 4.36
CA THR B 211 -16.40 -22.61 5.17
C THR B 211 -16.07 -21.55 6.22
N CYS B 212 -16.93 -20.54 6.34
CA CYS B 212 -16.70 -19.43 7.25
C CYS B 212 -17.99 -19.11 8.01
N SER B 213 -17.86 -18.37 9.11
CA SER B 213 -19.01 -18.02 9.93
C SER B 213 -18.78 -16.68 10.62
N LEU B 214 -19.88 -16.08 11.05
CA LEU B 214 -19.90 -14.82 11.79
C LEU B 214 -20.66 -15.03 13.09
N GLU B 215 -20.12 -14.49 14.19
CA GLU B 215 -20.61 -14.79 15.53
C GLU B 215 -21.08 -13.52 16.23
N ILE B 216 -22.22 -13.63 16.91
CA ILE B 216 -22.88 -12.49 17.57
C ILE B 216 -23.16 -12.87 19.02
N GLU B 217 -22.83 -11.96 19.94
CA GLU B 217 -22.94 -12.24 21.37
C GLU B 217 -23.03 -10.92 22.11
N SER B 218 -23.63 -10.96 23.31
CA SER B 218 -23.68 -9.77 24.16
C SER B 218 -22.38 -9.72 24.94
N TYR B 219 -21.91 -8.53 25.24
CA TYR B 219 -20.62 -8.38 25.91
C TYR B 219 -20.75 -8.45 27.43
N ALA B 220 -21.78 -7.83 28.00
CA ALA B 220 -21.80 -7.58 29.44
C ALA B 220 -22.74 -8.48 30.22
N TYR B 221 -23.81 -9.01 29.62
CA TYR B 221 -24.84 -9.74 30.34
C TYR B 221 -24.73 -11.24 30.08
N THR B 222 -24.81 -12.03 31.14
CA THR B 222 -24.83 -13.47 31.03
C THR B 222 -26.25 -13.96 30.78
N GLU B 223 -26.39 -15.28 30.60
CA GLU B 223 -27.69 -15.86 30.30
C GLU B 223 -28.69 -15.72 31.44
N ASP B 224 -28.21 -15.41 32.66
CA ASP B 224 -29.11 -15.14 33.76
C ASP B 224 -29.71 -13.74 33.72
N ASP B 225 -29.22 -12.87 32.84
CA ASP B 225 -29.73 -11.53 32.68
C ASP B 225 -30.36 -11.25 31.33
N LEU B 226 -29.85 -11.86 30.26
CA LEU B 226 -30.33 -11.59 28.91
C LEU B 226 -30.37 -12.90 28.12
N MET B 227 -31.51 -13.17 27.49
CA MET B 227 -31.71 -14.37 26.69
C MET B 227 -31.73 -13.99 25.21
N LEU B 228 -30.78 -14.51 24.45
CA LEU B 228 -30.58 -14.16 23.05
C LEU B 228 -30.99 -15.32 22.16
N TYR B 229 -31.81 -15.05 21.15
CA TYR B 229 -32.34 -16.09 20.28
C TYR B 229 -32.68 -15.50 18.92
N TRP B 230 -32.82 -16.39 17.94
CA TRP B 230 -33.26 -15.98 16.61
C TRP B 230 -34.76 -15.69 16.61
N LYS B 231 -35.14 -14.55 16.03
CA LYS B 231 -36.50 -14.05 16.18
C LYS B 231 -37.54 -14.98 15.57
N LYS B 232 -37.26 -15.52 14.39
CA LYS B 232 -38.24 -16.35 13.69
C LYS B 232 -37.65 -17.70 13.27
N GLY B 233 -36.65 -18.19 13.99
CA GLY B 233 -36.10 -19.48 13.67
C GLY B 233 -35.23 -19.42 12.42
N ASN B 234 -35.51 -20.31 11.47
CA ASN B 234 -34.73 -20.38 10.24
C ASN B 234 -35.07 -19.26 9.27
N ASP B 235 -36.22 -18.60 9.44
CA ASP B 235 -36.65 -17.53 8.56
C ASP B 235 -36.06 -16.18 8.93
N SER B 236 -35.05 -16.15 9.79
CA SER B 236 -34.48 -14.90 10.29
C SER B 236 -33.30 -14.39 9.47
N LEU B 237 -32.93 -15.08 8.40
CA LEU B 237 -31.81 -14.67 7.56
C LEU B 237 -32.29 -14.44 6.14
N LYS B 238 -32.00 -13.25 5.60
CA LYS B 238 -32.28 -12.90 4.22
C LYS B 238 -31.01 -12.39 3.57
N THR B 239 -30.95 -12.51 2.24
CA THR B 239 -29.80 -12.05 1.48
C THR B 239 -30.27 -11.24 0.29
N ASP B 240 -29.42 -10.32 -0.16
CA ASP B 240 -29.68 -9.54 -1.35
C ASP B 240 -29.54 -10.42 -2.59
N GLU B 241 -30.36 -10.12 -3.61
CA GLU B 241 -30.27 -10.87 -4.86
C GLU B 241 -29.04 -10.50 -5.68
N ARG B 242 -28.32 -9.45 -5.32
CA ARG B 242 -27.15 -9.00 -6.05
C ARG B 242 -25.83 -9.45 -5.44
N ILE B 243 -25.85 -10.28 -4.39
CA ILE B 243 -24.61 -10.68 -3.74
C ILE B 243 -23.78 -11.52 -4.70
N SER B 244 -22.53 -11.13 -4.89
CA SER B 244 -21.68 -11.77 -5.87
C SER B 244 -20.22 -11.56 -5.52
N LEU B 245 -19.40 -12.55 -5.88
CA LEU B 245 -17.95 -12.46 -5.80
C LEU B 245 -17.38 -12.84 -7.16
N SER B 246 -16.32 -12.14 -7.58
CA SER B 246 -15.78 -12.38 -8.91
C SER B 246 -15.02 -13.70 -8.99
N GLN B 247 -14.45 -14.17 -7.87
CA GLN B 247 -13.61 -15.35 -7.87
C GLN B 247 -14.23 -16.56 -7.20
N PHE B 248 -15.40 -16.42 -6.57
CA PHE B 248 -15.99 -17.51 -5.80
C PHE B 248 -17.46 -17.67 -6.13
N LEU B 249 -17.98 -18.85 -5.83
CA LEU B 249 -19.41 -19.15 -5.86
C LEU B 249 -19.90 -19.30 -4.42
N ILE B 250 -21.00 -18.63 -4.10
CA ILE B 250 -21.53 -18.57 -2.74
C ILE B 250 -22.75 -19.47 -2.63
N GLN B 251 -22.85 -20.22 -1.53
CA GLN B 251 -23.96 -21.13 -1.36
C GLN B 251 -24.17 -21.46 0.12
N GLU B 252 -25.37 -21.93 0.43
CA GLU B 252 -25.70 -22.58 1.71
C GLU B 252 -25.54 -21.64 2.91
N PHE B 253 -26.37 -20.60 2.94
CA PHE B 253 -26.54 -19.78 4.13
C PHE B 253 -27.47 -20.46 5.12
N HIS B 254 -27.06 -20.54 6.39
CA HIS B 254 -27.93 -21.06 7.45
C HIS B 254 -27.42 -20.55 8.79
N THR B 255 -28.24 -20.76 9.83
CA THR B 255 -27.98 -20.23 11.17
C THR B 255 -27.99 -21.35 12.21
N THR B 256 -27.20 -21.15 13.27
CA THR B 256 -27.12 -22.09 14.39
C THR B 256 -26.99 -21.31 15.70
N THR B 257 -26.87 -22.05 16.81
CA THR B 257 -26.79 -21.48 18.15
C THR B 257 -25.93 -22.38 19.03
N LYS B 258 -25.22 -21.78 19.99
CA LYS B 258 -24.37 -22.54 20.90
C LYS B 258 -24.01 -21.68 22.11
N LEU B 259 -23.80 -22.34 23.24
CA LEU B 259 -23.41 -21.67 24.49
C LEU B 259 -21.89 -21.58 24.60
N ALA B 260 -21.42 -20.54 25.29
CA ALA B 260 -20.00 -20.28 25.45
C ALA B 260 -19.69 -19.96 26.91
N PHE B 261 -18.47 -20.29 27.33
CA PHE B 261 -18.05 -20.15 28.71
C PHE B 261 -16.74 -19.39 28.79
N TYR B 262 -16.67 -18.45 29.74
CA TYR B 262 -15.43 -17.76 30.09
C TYR B 262 -15.15 -18.05 31.56
N SER B 263 -13.91 -18.43 31.87
CA SER B 263 -13.61 -18.96 33.19
C SER B 263 -13.80 -17.96 34.31
N SER B 264 -13.84 -16.65 34.01
CA SER B 264 -13.96 -15.64 35.06
C SER B 264 -15.19 -14.76 34.93
N THR B 265 -16.08 -14.99 33.95
CA THR B 265 -17.26 -14.14 33.85
C THR B 265 -18.58 -14.90 33.76
N GLY B 266 -18.60 -16.08 33.13
CA GLY B 266 -19.80 -16.89 33.14
C GLY B 266 -20.15 -17.42 31.76
N TRP B 267 -21.44 -17.76 31.60
CA TRP B 267 -21.96 -18.40 30.39
C TRP B 267 -22.71 -17.40 29.52
N TYR B 268 -22.55 -17.54 28.20
CA TYR B 268 -23.17 -16.63 27.24
C TYR B 268 -23.73 -17.43 26.06
N ASN B 269 -24.68 -16.81 25.36
CA ASN B 269 -25.36 -17.42 24.22
C ASN B 269 -24.84 -16.80 22.93
N ARG B 270 -24.51 -17.64 21.96
CA ARG B 270 -23.93 -17.20 20.70
C ARG B 270 -24.83 -17.58 19.53
N LEU B 271 -24.86 -16.71 18.52
CA LEU B 271 -25.56 -16.95 17.26
C LEU B 271 -24.56 -17.00 16.12
N TYR B 272 -24.82 -17.86 15.15
CA TYR B 272 -23.90 -18.08 14.04
C TYR B 272 -24.57 -17.87 12.69
N ILE B 273 -23.80 -17.38 11.73
CA ILE B 273 -24.21 -17.26 10.33
C ILE B 273 -23.17 -17.98 9.49
N ASN B 274 -23.57 -19.06 8.82
CA ASN B 274 -22.64 -19.94 8.12
C ASN B 274 -22.86 -19.88 6.62
N PHE B 275 -21.77 -20.03 5.86
CA PHE B 275 -21.83 -20.05 4.41
C PHE B 275 -20.59 -20.75 3.86
N THR B 276 -20.66 -21.11 2.58
CA THR B 276 -19.61 -21.89 1.92
C THR B 276 -19.20 -21.19 0.63
N LEU B 277 -17.92 -21.33 0.27
CA LEU B 277 -17.35 -20.73 -0.93
C LEU B 277 -16.64 -21.77 -1.77
N ARG B 278 -16.76 -21.65 -3.10
CA ARG B 278 -16.03 -22.51 -4.04
C ARG B 278 -15.33 -21.64 -5.07
N ARG B 279 -14.05 -21.88 -5.27
CA ARG B 279 -13.24 -21.05 -6.15
C ARG B 279 -13.45 -21.44 -7.61
N HIS B 280 -13.27 -20.45 -8.49
CA HIS B 280 -13.33 -20.66 -9.93
C HIS B 280 -11.96 -21.08 -10.44
N ILE B 281 -11.93 -22.08 -11.33
CA ILE B 281 -10.68 -22.71 -11.73
C ILE B 281 -10.17 -22.25 -13.10
N PHE B 282 -11.00 -21.58 -13.90
CA PHE B 282 -10.65 -21.29 -15.29
C PHE B 282 -9.37 -20.46 -15.40
N PHE B 283 -9.28 -19.39 -14.60
CA PHE B 283 -8.14 -18.50 -14.69
C PHE B 283 -6.84 -19.23 -14.38
N PHE B 284 -6.84 -20.03 -13.32
CA PHE B 284 -5.64 -20.77 -12.96
C PHE B 284 -5.26 -21.78 -14.03
N LEU B 285 -6.24 -22.47 -14.59
CA LEU B 285 -5.97 -23.35 -15.72
C LEU B 285 -5.20 -22.60 -16.80
N LEU B 286 -5.84 -21.58 -17.39
CA LEU B 286 -5.26 -20.89 -18.53
C LEU B 286 -3.94 -20.21 -18.20
N GLN B 287 -3.76 -19.75 -16.96
CA GLN B 287 -2.58 -18.98 -16.59
C GLN B 287 -1.40 -19.84 -16.18
N THR B 288 -1.63 -21.00 -15.58
CA THR B 288 -0.56 -21.80 -14.99
C THR B 288 -0.41 -23.17 -15.62
N TYR B 289 -1.52 -23.91 -15.80
CA TYR B 289 -1.37 -25.31 -16.20
C TYR B 289 -0.99 -25.44 -17.67
N PHE B 290 -1.58 -24.60 -18.53
CA PHE B 290 -1.28 -24.65 -19.95
C PHE B 290 0.18 -24.32 -20.28
N PRO B 291 0.76 -23.23 -19.75
CA PRO B 291 2.18 -22.95 -20.07
C PRO B 291 3.16 -24.05 -19.65
N ALA B 292 2.94 -24.68 -18.49
CA ALA B 292 3.84 -25.73 -18.04
C ALA B 292 3.78 -26.93 -18.96
N THR B 293 2.58 -27.33 -19.37
CA THR B 293 2.43 -28.43 -20.32
C THR B 293 3.07 -28.08 -21.66
N LEU B 294 2.92 -26.84 -22.10
CA LEU B 294 3.55 -26.43 -23.36
C LEU B 294 5.07 -26.50 -23.28
N MET B 295 5.64 -26.09 -22.14
CA MET B 295 7.09 -26.20 -21.97
C MET B 295 7.54 -27.65 -21.95
N VAL B 296 6.80 -28.52 -21.27
CA VAL B 296 7.15 -29.94 -21.24
C VAL B 296 7.12 -30.53 -22.64
N MET B 297 6.10 -30.19 -23.43
CA MET B 297 6.04 -30.69 -24.80
C MET B 297 7.14 -30.08 -25.67
N LEU B 298 7.52 -28.84 -25.41
CA LEU B 298 8.60 -28.21 -26.16
C LEU B 298 9.94 -28.89 -25.88
N SER B 299 10.11 -29.47 -24.69
CA SER B 299 11.34 -30.20 -24.41
C SER B 299 11.47 -31.47 -25.24
N TRP B 300 10.37 -32.03 -25.73
CA TRP B 300 10.42 -33.30 -26.44
C TRP B 300 10.87 -33.17 -27.88
N VAL B 301 10.83 -31.97 -28.48
CA VAL B 301 11.17 -31.85 -29.88
C VAL B 301 12.66 -32.03 -30.12
N SER B 302 13.48 -31.98 -29.07
CA SER B 302 14.91 -32.20 -29.23
C SER B 302 15.24 -33.66 -29.55
N PHE B 303 14.40 -34.61 -29.15
CA PHE B 303 14.65 -36.01 -29.45
C PHE B 303 14.60 -36.30 -30.94
N TRP B 304 14.01 -35.41 -31.74
CA TRP B 304 13.88 -35.59 -33.17
C TRP B 304 14.92 -34.83 -33.97
N ILE B 305 15.85 -34.16 -33.31
CA ILE B 305 16.89 -33.37 -33.96
C ILE B 305 18.17 -34.19 -33.99
N ASP B 306 18.95 -34.03 -35.07
CA ASP B 306 20.19 -34.79 -35.24
C ASP B 306 21.14 -34.53 -34.08
N ARG B 307 21.78 -35.59 -33.61
CA ARG B 307 22.64 -35.49 -32.43
C ARG B 307 23.95 -34.78 -32.69
N ARG B 308 24.27 -34.48 -33.95
CA ARG B 308 25.52 -33.81 -34.27
C ARG B 308 25.44 -32.29 -34.10
N ALA B 309 24.26 -31.74 -33.82
CA ALA B 309 24.12 -30.31 -33.56
C ALA B 309 24.05 -30.05 -32.05
N VAL B 310 25.21 -30.12 -31.40
CA VAL B 310 25.27 -29.96 -29.95
C VAL B 310 24.82 -28.58 -29.50
N PRO B 311 25.35 -27.48 -30.05
CA PRO B 311 24.87 -26.15 -29.64
C PRO B 311 23.51 -25.77 -30.19
N ALA B 312 22.80 -26.70 -30.83
CA ALA B 312 21.39 -26.51 -31.17
C ALA B 312 20.46 -27.25 -30.22
N ARG B 313 20.95 -28.30 -29.57
CA ARG B 313 20.13 -29.09 -28.65
C ARG B 313 20.34 -28.73 -27.19
N VAL B 314 21.54 -28.28 -26.80
CA VAL B 314 21.73 -27.82 -25.41
C VAL B 314 20.88 -26.59 -25.07
N PRO B 315 20.89 -25.51 -25.87
CA PRO B 315 20.13 -24.31 -25.47
C PRO B 315 18.64 -24.54 -25.33
N LEU B 316 18.05 -25.43 -26.13
CA LEU B 316 16.61 -25.68 -26.04
C LEU B 316 16.22 -26.20 -24.66
N GLY B 317 16.92 -27.24 -24.19
CA GLY B 317 16.66 -27.76 -22.86
C GLY B 317 16.96 -26.74 -21.76
N ILE B 318 18.05 -25.99 -21.91
CA ILE B 318 18.39 -25.01 -20.88
C ILE B 318 17.30 -23.94 -20.76
N THR B 319 16.81 -23.45 -21.91
CA THR B 319 15.78 -22.42 -21.88
C THR B 319 14.46 -22.96 -21.32
N THR B 320 14.13 -24.22 -21.64
CA THR B 320 12.92 -24.78 -21.03
C THR B 320 13.04 -24.85 -19.51
N VAL B 321 14.21 -25.26 -19.01
CA VAL B 321 14.41 -25.32 -17.56
C VAL B 321 14.23 -23.93 -16.94
N LEU B 322 14.85 -22.91 -17.56
CA LEU B 322 14.77 -21.57 -16.99
C LEU B 322 13.34 -21.03 -16.99
N THR B 323 12.60 -21.28 -18.08
CA THR B 323 11.23 -20.79 -18.13
C THR B 323 10.35 -21.51 -17.11
N MET B 324 10.56 -22.81 -16.92
CA MET B 324 9.81 -23.52 -15.88
C MET B 324 10.10 -22.95 -14.50
N SER B 325 11.37 -22.64 -14.23
CA SER B 325 11.71 -22.03 -12.94
C SER B 325 11.03 -20.69 -12.76
N THR B 326 10.98 -19.87 -13.82
CA THR B 326 10.31 -18.58 -13.72
C THR B 326 8.82 -18.74 -13.42
N ILE B 327 8.17 -19.69 -14.09
CA ILE B 327 6.74 -19.94 -13.82
C ILE B 327 6.53 -20.35 -12.37
N ILE B 328 7.38 -21.26 -11.88
CA ILE B 328 7.24 -21.71 -10.49
C ILE B 328 7.41 -20.55 -9.53
N THR B 329 8.40 -19.70 -9.76
CA THR B 329 8.61 -18.55 -8.88
C THR B 329 7.42 -17.59 -8.93
N GLY B 330 6.85 -17.36 -10.12
CA GLY B 330 5.75 -16.41 -10.23
C GLY B 330 4.46 -16.91 -9.61
N VAL B 331 4.29 -18.23 -9.52
CA VAL B 331 3.02 -18.76 -9.01
C VAL B 331 2.81 -18.43 -7.54
N ASN B 332 3.87 -18.46 -6.75
CA ASN B 332 3.76 -18.37 -5.29
C ASN B 332 3.62 -16.96 -4.76
N ALA B 333 3.66 -15.93 -5.62
CA ALA B 333 3.73 -14.55 -5.16
C ALA B 333 2.51 -14.12 -4.37
N SER B 334 1.37 -14.80 -4.52
CA SER B 334 0.11 -14.34 -3.95
C SER B 334 -0.32 -15.11 -2.71
N MET B 335 0.52 -15.99 -2.18
CA MET B 335 0.03 -16.93 -1.19
C MET B 335 0.80 -16.83 0.12
N PRO B 336 0.18 -17.22 1.23
CA PRO B 336 0.90 -17.27 2.51
C PRO B 336 1.89 -18.44 2.55
N ARG B 337 2.81 -18.35 3.51
CA ARG B 337 3.90 -19.33 3.65
C ARG B 337 3.47 -20.43 4.61
N VAL B 338 2.67 -21.37 4.10
CA VAL B 338 2.18 -22.49 4.90
C VAL B 338 3.26 -23.56 4.99
N SER B 339 3.08 -24.51 5.91
CA SER B 339 4.08 -25.54 6.17
C SER B 339 3.77 -26.86 5.48
N TYR B 340 2.95 -26.85 4.43
CA TYR B 340 2.60 -28.05 3.69
C TYR B 340 2.53 -27.70 2.20
N ILE B 341 2.50 -28.73 1.37
CA ILE B 341 2.52 -28.55 -0.08
C ILE B 341 1.09 -28.48 -0.61
N LYS B 342 0.90 -27.66 -1.64
CA LYS B 342 -0.38 -27.46 -2.29
C LYS B 342 -0.47 -28.30 -3.57
N ALA B 343 -1.67 -28.35 -4.15
CA ALA B 343 -1.90 -29.21 -5.30
C ALA B 343 -1.15 -28.73 -6.53
N VAL B 344 -1.08 -27.42 -6.74
CA VAL B 344 -0.42 -26.88 -7.94
C VAL B 344 1.10 -27.06 -7.87
N ASP B 345 1.66 -27.04 -6.65
CA ASP B 345 3.10 -27.22 -6.49
C ASP B 345 3.56 -28.59 -6.98
N ILE B 346 2.77 -29.62 -6.69
CA ILE B 346 3.11 -30.98 -7.14
C ILE B 346 3.23 -31.01 -8.65
N TYR B 347 2.24 -30.46 -9.35
CA TYR B 347 2.24 -30.44 -10.81
C TYR B 347 3.46 -29.70 -11.34
N LEU B 348 3.73 -28.52 -10.80
CA LEU B 348 4.83 -27.71 -11.32
C LEU B 348 6.18 -28.38 -11.09
N TRP B 349 6.40 -28.99 -9.92
CA TRP B 349 7.69 -29.59 -9.65
C TRP B 349 7.88 -30.89 -10.42
N VAL B 350 6.81 -31.65 -10.66
CA VAL B 350 6.95 -32.83 -11.52
C VAL B 350 7.33 -32.40 -12.94
N SER B 351 6.72 -31.31 -13.45
CA SER B 351 7.08 -30.82 -14.76
C SER B 351 8.56 -30.39 -14.81
N PHE B 352 9.01 -29.71 -13.76
CA PHE B 352 10.42 -29.31 -13.69
C PHE B 352 11.35 -30.53 -13.74
N VAL B 353 11.01 -31.59 -13.01
CA VAL B 353 11.83 -32.79 -13.01
C VAL B 353 11.86 -33.42 -14.40
N PHE B 354 10.71 -33.44 -15.09
CA PHE B 354 10.67 -33.96 -16.46
C PHE B 354 11.64 -33.23 -17.37
N VAL B 355 11.64 -31.89 -17.30
CA VAL B 355 12.53 -31.12 -18.16
C VAL B 355 14.00 -31.36 -17.80
N PHE B 356 14.30 -31.48 -16.50
CA PHE B 356 15.67 -31.75 -16.07
C PHE B 356 16.18 -33.09 -16.62
N LEU B 357 15.34 -34.12 -16.55
CA LEU B 357 15.75 -35.42 -17.10
C LEU B 357 15.93 -35.35 -18.62
N SER B 358 15.08 -34.57 -19.29
CA SER B 358 15.28 -34.35 -20.72
C SER B 358 16.65 -33.76 -21.01
N VAL B 359 17.12 -32.84 -20.16
CA VAL B 359 18.46 -32.29 -20.33
C VAL B 359 19.53 -33.36 -20.13
N LEU B 360 19.37 -34.20 -19.10
CA LEU B 360 20.40 -35.21 -18.82
C LEU B 360 20.52 -36.26 -19.93
N GLU B 361 19.41 -36.55 -20.61
CA GLU B 361 19.43 -37.58 -21.66
C GLU B 361 20.43 -37.27 -22.76
N TYR B 362 20.48 -36.01 -23.20
CA TYR B 362 21.38 -35.65 -24.29
C TYR B 362 22.84 -35.71 -23.87
N ALA B 363 23.13 -35.36 -22.62
CA ALA B 363 24.49 -35.51 -22.12
C ALA B 363 24.93 -36.97 -22.15
N ALA B 364 24.03 -37.88 -21.75
CA ALA B 364 24.36 -39.30 -21.84
C ALA B 364 24.63 -39.72 -23.27
N VAL B 365 23.78 -39.28 -24.21
CA VAL B 365 23.94 -39.66 -25.61
C VAL B 365 25.28 -39.16 -26.14
N ASN B 366 25.62 -37.91 -25.86
CA ASN B 366 26.87 -37.33 -26.34
C ASN B 366 28.09 -38.06 -25.78
N TYR B 367 28.07 -38.35 -24.48
CA TYR B 367 29.21 -39.07 -23.88
C TYR B 367 29.37 -40.44 -24.52
N LEU B 368 28.28 -41.18 -24.71
CA LEU B 368 28.40 -42.51 -25.30
C LEU B 368 28.88 -42.45 -26.74
N THR B 369 28.43 -41.46 -27.50
CA THR B 369 28.89 -41.31 -28.88
C THR B 369 30.39 -41.03 -28.92
N THR B 370 30.89 -40.14 -28.06
CA THR B 370 32.31 -39.84 -28.05
C THR B 370 33.14 -41.06 -27.65
N VAL B 371 32.66 -41.82 -26.66
CA VAL B 371 33.38 -43.03 -26.25
C VAL B 371 33.44 -44.04 -27.39
N GLN B 372 32.32 -44.22 -28.09
CA GLN B 372 32.30 -45.16 -29.22
C GLN B 372 33.26 -44.72 -30.32
N GLU B 373 33.29 -43.42 -30.60
CA GLU B 373 34.21 -42.92 -31.61
C GLU B 373 35.66 -43.18 -31.22
N ARG B 374 36.00 -42.94 -29.95
CA ARG B 374 37.37 -43.20 -29.51
C ARG B 374 37.71 -44.69 -29.61
N LYS B 375 36.78 -45.57 -29.23
CA LYS B 375 37.05 -47.00 -29.30
C LYS B 375 37.24 -47.46 -30.73
N GLU B 376 36.41 -46.95 -31.65
CA GLU B 376 36.58 -47.32 -33.06
C GLU B 376 37.87 -46.76 -33.63
N GLN B 377 38.28 -45.57 -33.18
CA GLN B 377 39.54 -44.99 -33.63
C GLN B 377 40.73 -45.83 -33.18
N LYS B 378 40.69 -46.32 -31.93
CA LYS B 378 41.82 -47.06 -31.39
C LYS B 378 42.03 -48.42 -32.05
N LEU B 379 41.08 -48.91 -32.83
CA LEU B 379 41.25 -50.19 -33.51
C LEU B 379 42.22 -50.12 -34.68
N ARG B 380 42.61 -48.92 -35.11
CA ARG B 380 43.56 -48.78 -36.20
C ARG B 380 44.93 -48.34 -35.68
N ASP B 451 22.75 -42.35 -38.45
CA ASP B 451 21.88 -43.26 -37.72
C ASP B 451 21.47 -42.68 -36.38
N THR B 452 20.42 -43.24 -35.80
CA THR B 452 19.84 -42.74 -34.55
C THR B 452 20.24 -43.65 -33.39
N HIS B 453 20.69 -43.03 -32.30
CA HIS B 453 21.02 -43.78 -31.10
C HIS B 453 19.76 -44.38 -30.49
N ALA B 454 19.93 -45.50 -29.79
CA ALA B 454 18.79 -46.19 -29.21
C ALA B 454 18.12 -45.36 -28.12
N ILE B 455 18.89 -44.52 -27.42
CA ILE B 455 18.33 -43.75 -26.31
C ILE B 455 17.30 -42.76 -26.81
N ASP B 456 17.58 -42.06 -27.91
CA ASP B 456 16.60 -41.14 -28.49
C ASP B 456 15.35 -41.88 -28.95
N LYS B 457 15.55 -43.03 -29.61
CA LYS B 457 14.43 -43.79 -30.15
C LYS B 457 13.51 -44.27 -29.04
N TYR B 458 14.08 -44.66 -27.90
CA TYR B 458 13.25 -45.07 -26.77
C TYR B 458 12.63 -43.88 -26.05
N SER B 459 13.36 -42.76 -25.95
CA SER B 459 12.84 -41.58 -25.26
C SER B 459 11.59 -41.05 -25.95
N ARG B 460 11.59 -41.07 -27.29
CA ARG B 460 10.48 -40.53 -28.07
C ARG B 460 9.14 -41.14 -27.67
N ILE B 461 9.15 -42.38 -27.20
CA ILE B 461 7.94 -43.05 -26.76
C ILE B 461 7.79 -43.00 -25.23
N ILE B 462 8.89 -43.14 -24.50
CA ILE B 462 8.79 -43.29 -23.06
C ILE B 462 8.37 -41.99 -22.38
N PHE B 463 8.92 -40.85 -22.79
CA PHE B 463 8.57 -39.61 -22.11
C PHE B 463 7.10 -39.23 -22.22
N PRO B 464 6.49 -39.18 -23.41
CA PRO B 464 5.06 -38.82 -23.48
C PRO B 464 4.15 -39.77 -22.74
N ALA B 465 4.44 -41.07 -22.76
CA ALA B 465 3.58 -42.04 -22.08
C ALA B 465 3.60 -41.83 -20.57
N ALA B 466 4.78 -41.58 -20.01
CA ALA B 466 4.88 -41.31 -18.58
C ALA B 466 4.15 -40.02 -18.22
N TYR B 467 4.28 -38.98 -19.04
CA TYR B 467 3.58 -37.73 -18.73
C TYR B 467 2.07 -37.92 -18.78
N ILE B 468 1.57 -38.67 -19.77
CA ILE B 468 0.14 -38.92 -19.87
C ILE B 468 -0.36 -39.72 -18.67
N LEU B 469 0.40 -40.72 -18.24
CA LEU B 469 0.01 -41.50 -17.07
C LEU B 469 -0.04 -40.63 -15.81
N PHE B 470 0.96 -39.76 -15.64
CA PHE B 470 0.94 -38.85 -14.50
C PHE B 470 -0.28 -37.94 -14.53
N ASN B 471 -0.63 -37.41 -15.70
CA ASN B 471 -1.80 -36.55 -15.80
C ASN B 471 -3.08 -37.31 -15.46
N LEU B 472 -3.20 -38.54 -15.93
CA LEU B 472 -4.38 -39.35 -15.61
C LEU B 472 -4.52 -39.52 -14.10
N ILE B 473 -3.45 -39.92 -13.42
CA ILE B 473 -3.52 -40.14 -11.98
C ILE B 473 -3.82 -38.83 -11.24
N TYR B 474 -3.13 -37.74 -11.63
CA TYR B 474 -3.30 -36.46 -10.94
C TYR B 474 -4.72 -35.95 -11.06
N TRP B 475 -5.30 -36.00 -12.25
CA TRP B 475 -6.65 -35.48 -12.41
C TRP B 475 -7.71 -36.45 -11.94
N SER B 476 -7.37 -37.72 -11.70
CA SER B 476 -8.31 -38.58 -10.99
C SER B 476 -8.33 -38.26 -9.50
N ILE B 477 -7.17 -37.98 -8.91
CA ILE B 477 -7.12 -37.71 -7.47
C ILE B 477 -7.80 -36.38 -7.13
N PHE B 478 -7.44 -35.31 -7.86
CA PHE B 478 -7.94 -33.98 -7.56
C PHE B 478 -9.17 -33.61 -8.38
N SER B 479 -9.72 -34.56 -9.13
CA SER B 479 -10.99 -34.40 -9.84
C SER B 479 -10.94 -33.29 -10.88
N GLN C 77 -32.39 6.92 42.38
CA GLN C 77 -31.17 6.29 41.90
C GLN C 77 -30.60 5.34 42.95
N LEU C 78 -30.14 4.17 42.49
CA LEU C 78 -29.58 3.19 43.41
C LEU C 78 -28.19 3.59 43.87
N LEU C 79 -27.41 4.23 43.01
CA LEU C 79 -26.06 4.69 43.35
C LEU C 79 -26.08 6.20 43.56
N ARG C 80 -25.43 6.65 44.63
CA ARG C 80 -25.38 8.07 44.99
C ARG C 80 -24.16 8.73 44.33
N ILE C 81 -24.26 8.89 43.01
CA ILE C 81 -23.16 9.47 42.25
C ILE C 81 -23.00 10.95 42.56
N ASP C 82 -24.12 11.67 42.66
CA ASP C 82 -24.07 13.13 42.78
C ASP C 82 -23.54 13.62 44.13
N ASP C 83 -23.38 12.74 45.11
CA ASP C 83 -22.98 13.15 46.45
C ASP C 83 -21.48 13.12 46.68
N HIS C 84 -20.68 12.80 45.66
CA HIS C 84 -19.25 12.60 45.84
C HIS C 84 -18.48 13.29 44.73
N ASP C 85 -17.20 13.53 45.00
CA ASP C 85 -16.26 14.13 44.05
C ASP C 85 -15.32 13.04 43.57
N PHE C 86 -15.56 12.54 42.35
CA PHE C 86 -14.80 11.42 41.81
C PHE C 86 -13.57 11.84 41.03
N SER C 87 -13.06 13.05 41.29
CA SER C 87 -11.75 13.45 40.79
C SER C 87 -10.62 13.00 41.70
N MET C 88 -10.94 12.39 42.83
CA MET C 88 -9.95 11.87 43.77
C MET C 88 -10.13 10.37 43.92
N ARG C 89 -9.01 9.67 44.06
CA ARG C 89 -9.01 8.22 44.17
C ARG C 89 -9.57 7.78 45.52
N PRO C 90 -9.99 6.52 45.65
CA PRO C 90 -10.33 5.99 46.97
C PRO C 90 -9.12 6.02 47.88
N GLY C 91 -9.35 6.40 49.14
CA GLY C 91 -8.25 6.57 50.08
C GLY C 91 -7.32 7.71 49.73
N PHE C 92 -7.85 8.81 49.22
CA PHE C 92 -7.05 9.96 48.83
C PHE C 92 -6.33 10.53 50.04
N GLY C 93 -5.03 10.77 49.89
CA GLY C 93 -4.22 11.30 50.98
C GLY C 93 -3.80 10.28 52.02
N GLY C 94 -3.95 8.99 51.75
CA GLY C 94 -3.60 7.97 52.70
C GLY C 94 -2.79 6.85 52.08
N PRO C 95 -2.97 5.63 52.59
CA PRO C 95 -2.25 4.47 52.03
C PRO C 95 -2.70 4.17 50.61
N ALA C 96 -1.84 3.44 49.90
CA ALA C 96 -2.12 3.09 48.51
C ALA C 96 -3.29 2.12 48.43
N ILE C 97 -3.93 2.10 47.26
CA ILE C 97 -5.08 1.25 47.00
C ILE C 97 -4.64 0.10 46.11
N PRO C 98 -4.95 -1.15 46.47
CA PRO C 98 -4.57 -2.29 45.62
C PRO C 98 -5.52 -2.47 44.45
N VAL C 99 -4.97 -2.82 43.29
CA VAL C 99 -5.73 -3.09 42.09
C VAL C 99 -5.22 -4.39 41.48
N GLY C 100 -6.12 -5.36 41.30
CA GLY C 100 -5.78 -6.63 40.69
C GLY C 100 -6.15 -6.67 39.22
N VAL C 101 -5.44 -7.52 38.47
CA VAL C 101 -5.55 -7.56 37.01
C VAL C 101 -5.65 -9.01 36.55
N ASP C 102 -6.55 -9.25 35.59
CA ASP C 102 -6.81 -10.55 35.00
C ASP C 102 -6.95 -10.39 33.50
N VAL C 103 -6.53 -11.38 32.72
CA VAL C 103 -6.43 -11.24 31.26
C VAL C 103 -6.83 -12.54 30.56
N GLN C 104 -7.54 -12.41 29.44
CA GLN C 104 -7.76 -13.50 28.50
C GLN C 104 -7.39 -13.05 27.10
N VAL C 105 -6.52 -13.80 26.43
CA VAL C 105 -6.03 -13.46 25.10
C VAL C 105 -6.94 -14.08 24.05
N GLU C 106 -7.37 -13.27 23.08
CA GLU C 106 -8.27 -13.75 22.03
C GLU C 106 -7.56 -14.13 20.74
N SER C 107 -6.60 -13.32 20.27
CA SER C 107 -5.94 -13.66 19.01
C SER C 107 -4.59 -12.95 18.92
N LEU C 108 -3.70 -13.54 18.12
CA LEU C 108 -2.49 -12.90 17.62
C LEU C 108 -2.65 -12.68 16.12
N ASP C 109 -2.51 -11.43 15.69
CA ASP C 109 -2.96 -11.03 14.36
C ASP C 109 -1.86 -11.08 13.30
N SER C 110 -0.79 -10.32 13.49
CA SER C 110 0.21 -10.22 12.44
C SER C 110 1.58 -9.94 13.04
N ILE C 111 2.61 -10.28 12.28
CA ILE C 111 4.00 -10.10 12.69
C ILE C 111 4.76 -9.51 11.52
N SER C 112 5.45 -8.39 11.76
CA SER C 112 6.16 -7.66 10.71
C SER C 112 7.65 -7.72 11.00
N GLU C 113 8.44 -8.20 10.02
CA GLU C 113 9.88 -8.25 10.19
C GLU C 113 10.54 -6.91 9.92
N VAL C 114 10.02 -6.16 8.95
CA VAL C 114 10.59 -4.85 8.65
C VAL C 114 10.31 -3.86 9.78
N ASP C 115 9.11 -3.89 10.35
CA ASP C 115 8.76 -2.99 11.43
C ASP C 115 9.09 -3.55 12.81
N MET C 116 9.23 -4.87 12.94
CA MET C 116 9.58 -5.54 14.19
C MET C 116 8.55 -5.24 15.29
N ASP C 117 7.34 -5.73 15.04
CA ASP C 117 6.23 -5.54 15.97
C ASP C 117 5.20 -6.65 15.76
N PHE C 118 4.23 -6.70 16.67
CA PHE C 118 3.13 -7.67 16.61
C PHE C 118 1.84 -7.01 17.09
N THR C 119 0.72 -7.63 16.77
CA THR C 119 -0.61 -7.15 17.12
C THR C 119 -1.36 -8.20 17.93
N MET C 120 -2.07 -7.77 18.98
CA MET C 120 -2.77 -8.66 19.87
C MET C 120 -4.12 -8.07 20.24
N THR C 121 -5.12 -8.95 20.44
CA THR C 121 -6.44 -8.58 20.93
C THR C 121 -6.71 -9.36 22.21
N LEU C 122 -7.23 -8.64 23.22
CA LEU C 122 -7.46 -9.27 24.51
C LEU C 122 -8.49 -8.60 25.40
N TYR C 123 -8.97 -9.35 26.38
CA TYR C 123 -9.90 -8.82 27.38
C TYR C 123 -9.13 -8.47 28.64
N LEU C 124 -9.35 -7.27 29.17
CA LEU C 124 -8.60 -6.76 30.33
C LEU C 124 -9.57 -6.44 31.46
N ARG C 125 -9.29 -6.94 32.65
CA ARG C 125 -10.19 -6.84 33.79
C ARG C 125 -9.48 -6.25 35.00
N HIS C 126 -10.22 -5.45 35.78
CA HIS C 126 -9.69 -4.75 36.94
C HIS C 126 -10.54 -5.05 38.17
N TYR C 127 -9.91 -5.06 39.33
CA TYR C 127 -10.58 -5.35 40.60
C TYR C 127 -10.12 -4.35 41.66
N TRP C 128 -11.07 -3.71 42.34
CA TRP C 128 -10.75 -2.81 43.46
C TRP C 128 -12.02 -2.58 44.26
N LYS C 129 -11.88 -1.88 45.39
CA LYS C 129 -12.99 -1.59 46.28
C LYS C 129 -13.12 -0.08 46.48
N ASP C 130 -14.36 0.41 46.44
CA ASP C 130 -14.65 1.83 46.61
C ASP C 130 -15.93 1.94 47.43
N GLU C 131 -15.81 2.43 48.66
CA GLU C 131 -16.95 2.48 49.57
C GLU C 131 -17.99 3.52 49.16
N ARG C 132 -17.65 4.43 48.25
CA ARG C 132 -18.62 5.41 47.77
C ARG C 132 -19.67 4.80 46.86
N LEU C 133 -19.48 3.56 46.41
CA LEU C 133 -20.42 2.89 45.50
C LEU C 133 -21.26 1.85 46.22
N SER C 134 -21.35 1.90 47.54
CA SER C 134 -22.15 0.96 48.30
C SER C 134 -23.63 1.27 48.17
N PHE C 135 -24.44 0.22 48.13
CA PHE C 135 -25.90 0.34 48.07
C PHE C 135 -26.54 -0.76 48.90
N PRO C 136 -27.76 -0.56 49.38
CA PRO C 136 -28.39 -1.57 50.24
C PRO C 136 -29.16 -2.63 49.47
N SER C 137 -29.04 -3.87 49.93
CA SER C 137 -29.76 -4.99 49.35
C SER C 137 -29.79 -6.11 50.37
N THR C 138 -30.46 -7.21 49.99
CA THR C 138 -30.56 -8.38 50.86
C THR C 138 -29.89 -9.64 50.30
N ASN C 139 -29.74 -9.75 48.98
CA ASN C 139 -29.23 -10.97 48.39
C ASN C 139 -27.71 -11.05 48.39
N ASN C 140 -27.01 -9.92 48.41
CA ASN C 140 -25.55 -9.87 48.40
C ASN C 140 -24.97 -10.51 47.13
N LEU C 141 -25.38 -9.96 45.99
CA LEU C 141 -24.94 -10.44 44.68
C LEU C 141 -24.55 -9.25 43.81
N SER C 142 -23.70 -9.50 42.83
CA SER C 142 -23.29 -8.47 41.90
C SER C 142 -24.46 -8.04 41.01
N MET C 143 -24.50 -6.75 40.69
CA MET C 143 -25.46 -6.19 39.76
C MET C 143 -24.72 -5.56 38.59
N THR C 144 -25.30 -5.66 37.40
CA THR C 144 -24.69 -5.14 36.18
C THR C 144 -25.35 -3.83 35.77
N PHE C 145 -24.53 -2.84 35.45
CA PHE C 145 -25.01 -1.54 35.00
C PHE C 145 -24.58 -1.31 33.54
N ASP C 146 -25.29 -0.40 32.87
CA ASP C 146 -25.31 -0.40 31.41
C ASP C 146 -23.94 -0.07 30.80
N GLY C 147 -23.14 0.75 31.46
CA GLY C 147 -21.81 1.05 30.97
C GLY C 147 -21.55 2.50 30.64
N ARG C 148 -22.58 3.34 30.55
CA ARG C 148 -22.35 4.78 30.41
C ARG C 148 -22.10 5.44 31.76
N LEU C 149 -22.23 4.69 32.85
CA LEU C 149 -21.92 5.18 34.19
C LEU C 149 -20.42 5.21 34.47
N VAL C 150 -19.61 4.64 33.58
CA VAL C 150 -18.16 4.60 33.79
C VAL C 150 -17.58 6.01 33.82
N LYS C 151 -18.03 6.87 32.92
CA LYS C 151 -17.50 8.23 32.83
C LYS C 151 -17.93 9.14 33.96
N LYS C 152 -18.62 8.65 35.00
CA LYS C 152 -19.01 9.48 36.12
C LYS C 152 -18.40 9.04 37.43
N ILE C 153 -17.56 8.01 37.43
CA ILE C 153 -16.92 7.48 38.63
C ILE C 153 -15.41 7.44 38.39
N TRP C 154 -14.68 7.14 39.46
CA TRP C 154 -13.24 6.97 39.37
C TRP C 154 -12.90 5.60 38.81
N VAL C 155 -11.87 5.54 37.97
CA VAL C 155 -11.47 4.31 37.30
C VAL C 155 -9.94 4.33 37.13
N PRO C 156 -9.26 3.19 37.21
CA PRO C 156 -7.80 3.16 37.00
C PRO C 156 -7.41 3.61 35.60
N ASP C 157 -6.10 3.81 35.41
CA ASP C 157 -5.54 4.50 34.26
C ASP C 157 -4.39 3.71 33.64
N MET C 158 -4.60 2.42 33.36
CA MET C 158 -3.55 1.60 32.79
C MET C 158 -3.26 1.98 31.33
N PHE C 159 -2.01 1.78 30.92
CA PHE C 159 -1.59 2.01 29.55
C PHE C 159 -0.53 0.97 29.19
N PHE C 160 -0.30 0.80 27.89
CA PHE C 160 0.63 -0.20 27.37
C PHE C 160 1.96 0.47 27.05
N VAL C 161 3.02 0.00 27.70
CA VAL C 161 4.35 0.59 27.55
C VAL C 161 4.98 0.09 26.25
N HIS C 162 5.68 0.98 25.56
CA HIS C 162 6.41 0.66 24.33
C HIS C 162 5.50 0.22 23.19
N SER C 163 4.28 0.77 23.12
CA SER C 163 3.34 0.43 22.06
C SER C 163 3.29 1.52 21.01
N LYS C 164 2.92 1.13 19.78
CA LYS C 164 2.85 2.06 18.66
C LYS C 164 1.46 2.63 18.46
N ARG C 165 0.41 1.82 18.60
CA ARG C 165 -0.96 2.29 18.43
C ARG C 165 -1.90 1.26 19.06
N SER C 166 -3.10 1.72 19.39
CA SER C 166 -4.11 0.85 19.99
C SER C 166 -5.45 1.57 19.98
N PHE C 167 -6.52 0.80 20.18
CA PHE C 167 -7.87 1.35 20.22
C PHE C 167 -8.78 0.43 21.00
N ILE C 168 -9.98 0.92 21.30
CA ILE C 168 -11.03 0.19 21.99
C ILE C 168 -12.20 0.00 21.02
N HIS C 169 -12.68 -1.23 20.91
CA HIS C 169 -13.79 -1.54 20.00
C HIS C 169 -15.09 -0.89 20.49
N ASP C 170 -15.89 -0.39 19.54
CA ASP C 170 -17.04 0.42 19.91
C ASP C 170 -18.28 0.16 19.03
N THR C 171 -18.48 -1.07 18.57
CA THR C 171 -19.68 -1.44 17.82
C THR C 171 -20.31 -2.66 18.47
N THR C 172 -21.60 -2.60 18.76
CA THR C 172 -22.48 -1.47 18.42
C THR C 172 -22.44 -0.36 19.46
N THR C 173 -21.79 -0.64 20.58
CA THR C 173 -21.49 0.34 21.61
C THR C 173 -20.09 0.05 22.14
N ASP C 174 -19.64 0.85 23.10
CA ASP C 174 -18.36 0.59 23.75
C ASP C 174 -18.39 -0.77 24.43
N ASN C 175 -17.37 -1.58 24.17
CA ASN C 175 -17.26 -2.93 24.74
C ASN C 175 -16.75 -2.81 26.17
N VAL C 176 -17.66 -2.48 27.08
CA VAL C 176 -17.33 -2.15 28.47
C VAL C 176 -18.33 -2.84 29.39
N MET C 177 -17.82 -3.39 30.50
CA MET C 177 -18.63 -4.06 31.50
C MET C 177 -18.38 -3.43 32.88
N LEU C 178 -19.44 -3.26 33.65
CA LEU C 178 -19.34 -2.68 34.99
C LEU C 178 -20.27 -3.44 35.94
N ARG C 179 -19.69 -4.08 36.96
CA ARG C 179 -20.45 -4.83 37.95
C ARG C 179 -20.05 -4.40 39.34
N VAL C 180 -21.03 -4.18 40.21
CA VAL C 180 -20.79 -3.68 41.56
C VAL C 180 -21.54 -4.55 42.55
N GLN C 181 -20.86 -4.96 43.62
CA GLN C 181 -21.45 -5.67 44.74
C GLN C 181 -21.97 -4.68 45.78
N PRO C 182 -22.89 -5.11 46.64
CA PRO C 182 -23.49 -4.16 47.60
C PRO C 182 -22.49 -3.51 48.54
N ASP C 183 -21.37 -4.15 48.83
CA ASP C 183 -20.37 -3.56 49.72
C ASP C 183 -19.46 -2.57 49.02
N GLY C 184 -19.37 -2.62 47.70
CA GLY C 184 -18.55 -1.67 46.97
C GLY C 184 -17.42 -2.26 46.15
N LYS C 185 -17.35 -3.58 46.05
CA LYS C 185 -16.37 -4.20 45.15
C LYS C 185 -16.78 -4.03 43.70
N VAL C 186 -15.80 -3.80 42.84
CA VAL C 186 -16.04 -3.41 41.45
C VAL C 186 -15.28 -4.35 40.53
N LEU C 187 -15.92 -4.72 39.42
CA LEU C 187 -15.27 -5.42 38.31
C LEU C 187 -15.49 -4.62 37.04
N TYR C 188 -14.41 -4.43 36.27
CA TYR C 188 -14.41 -3.54 35.12
C TYR C 188 -13.62 -4.19 33.99
N SER C 189 -14.24 -4.37 32.83
CA SER C 189 -13.66 -5.15 31.74
C SER C 189 -13.73 -4.37 30.43
N LEU C 190 -12.72 -4.60 29.57
CA LEU C 190 -12.59 -3.90 28.30
C LEU C 190 -12.05 -4.85 27.24
N ARG C 191 -12.27 -4.48 25.97
CA ARG C 191 -11.76 -5.22 24.82
C ARG C 191 -10.92 -4.27 23.96
N VAL C 192 -9.64 -4.60 23.79
CA VAL C 192 -8.69 -3.69 23.14
C VAL C 192 -7.83 -4.46 22.14
N THR C 193 -7.24 -3.71 21.21
CA THR C 193 -6.27 -4.21 20.25
C THR C 193 -5.02 -3.33 20.32
N VAL C 194 -3.85 -3.95 20.42
CA VAL C 194 -2.59 -3.25 20.65
C VAL C 194 -1.55 -3.69 19.63
N THR C 195 -0.73 -2.75 19.17
CA THR C 195 0.47 -3.04 18.39
C THR C 195 1.68 -2.64 19.24
N ALA C 196 2.61 -3.56 19.44
CA ALA C 196 3.74 -3.35 20.34
C ALA C 196 5.04 -3.78 19.68
N MET C 197 6.14 -3.18 20.12
CA MET C 197 7.45 -3.41 19.54
C MET C 197 8.08 -4.69 20.09
N CYS C 198 8.85 -5.37 19.24
CA CYS C 198 9.62 -6.53 19.65
C CYS C 198 10.94 -6.54 18.88
N ASN C 199 12.05 -6.68 19.62
CA ASN C 199 13.39 -6.62 19.03
C ASN C 199 13.81 -8.03 18.63
N MET C 200 14.00 -8.24 17.32
CA MET C 200 14.25 -9.56 16.77
C MET C 200 15.68 -9.69 16.27
N ASP C 201 16.19 -10.92 16.33
CA ASP C 201 17.55 -11.27 15.91
C ASP C 201 17.45 -12.28 14.77
N PHE C 202 18.11 -11.98 13.65
CA PHE C 202 17.95 -12.75 12.42
C PHE C 202 19.24 -13.45 12.00
N SER C 203 20.14 -13.74 12.94
CA SER C 203 21.40 -14.38 12.57
C SER C 203 21.20 -15.84 12.15
N ARG C 204 20.14 -16.49 12.63
CA ARG C 204 19.84 -17.87 12.25
C ARG C 204 18.63 -17.97 11.33
N PHE C 205 18.16 -16.86 10.78
CA PHE C 205 17.02 -16.86 9.89
C PHE C 205 17.31 -17.71 8.66
N PRO C 206 16.36 -18.53 8.19
CA PRO C 206 14.98 -18.69 8.66
C PRO C 206 14.74 -19.84 9.65
N LEU C 207 15.78 -20.27 10.36
CA LEU C 207 15.66 -21.31 11.37
C LEU C 207 15.73 -20.73 12.79
N ASP C 208 15.10 -19.57 12.98
CA ASP C 208 15.27 -18.78 14.19
C ASP C 208 14.09 -18.95 15.16
N THR C 209 14.29 -18.42 16.37
CA THR C 209 13.28 -18.41 17.42
C THR C 209 13.28 -17.04 18.09
N GLN C 210 12.10 -16.49 18.34
CA GLN C 210 11.96 -15.15 18.88
C GLN C 210 11.18 -15.17 20.19
N THR C 211 11.44 -14.18 21.04
CA THR C 211 10.73 -14.00 22.31
C THR C 211 10.23 -12.56 22.40
N CYS C 212 8.95 -12.40 22.76
CA CYS C 212 8.32 -11.09 22.82
C CYS C 212 7.51 -10.98 24.11
N SER C 213 7.16 -9.74 24.47
CA SER C 213 6.41 -9.49 25.69
C SER C 213 5.55 -8.25 25.54
N LEU C 214 4.52 -8.15 26.39
CA LEU C 214 3.63 -7.01 26.47
C LEU C 214 3.61 -6.49 27.89
N GLU C 215 3.65 -5.16 28.04
CA GLU C 215 3.87 -4.51 29.33
C GLU C 215 2.70 -3.62 29.69
N ILE C 216 2.30 -3.68 30.97
CA ILE C 216 1.14 -2.97 31.48
C ILE C 216 1.55 -2.18 32.72
N GLU C 217 1.14 -0.92 32.78
CA GLU C 217 1.57 -0.02 33.85
C GLU C 217 0.56 1.12 33.97
N SER C 218 0.48 1.71 35.15
CA SER C 218 -0.36 2.88 35.35
C SER C 218 0.44 4.10 34.92
N TYR C 219 -0.25 5.10 34.39
CA TYR C 219 0.44 6.28 33.87
C TYR C 219 0.70 7.33 34.93
N ALA C 220 -0.26 7.57 35.83
CA ALA C 220 -0.22 8.75 36.67
C ALA C 220 0.16 8.49 38.12
N TYR C 221 -0.10 7.30 38.65
CA TYR C 221 0.08 7.02 40.07
C TYR C 221 1.34 6.17 40.30
N THR C 222 2.14 6.57 41.29
CA THR C 222 3.31 5.80 41.69
C THR C 222 2.90 4.73 42.69
N GLU C 223 3.88 3.92 43.10
CA GLU C 223 3.61 2.81 44.02
C GLU C 223 3.16 3.27 45.40
N ASP C 224 3.37 4.55 45.73
CA ASP C 224 2.87 5.09 46.98
C ASP C 224 1.38 5.43 46.92
N ASP C 225 0.77 5.40 45.74
CA ASP C 225 -0.65 5.67 45.57
C ASP C 225 -1.45 4.48 45.07
N LEU C 226 -0.86 3.63 44.24
CA LEU C 226 -1.58 2.51 43.62
C LEU C 226 -0.68 1.30 43.58
N MET C 227 -1.17 0.17 44.06
CA MET C 227 -0.43 -1.09 44.07
C MET C 227 -1.02 -2.04 43.03
N LEU C 228 -0.21 -2.41 42.05
CA LEU C 228 -0.65 -3.20 40.92
C LEU C 228 -0.07 -4.61 41.02
N TYR C 229 -0.91 -5.62 40.87
CA TYR C 229 -0.49 -7.01 41.02
C TYR C 229 -1.40 -7.91 40.20
N TRP C 230 -0.92 -9.13 39.96
CA TRP C 230 -1.74 -10.15 39.30
C TRP C 230 -2.77 -10.69 40.27
N LYS C 231 -4.02 -10.79 39.80
CA LYS C 231 -5.14 -11.07 40.69
C LYS C 231 -5.04 -12.45 41.34
N LYS C 232 -4.65 -13.47 40.57
CA LYS C 232 -4.62 -14.84 41.07
C LYS C 232 -3.27 -15.50 40.83
N GLY C 233 -2.21 -14.72 40.74
CA GLY C 233 -0.88 -15.31 40.56
C GLY C 233 -0.71 -15.81 39.14
N ASN C 234 -0.28 -17.08 39.02
CA ASN C 234 -0.03 -17.67 37.71
C ASN C 234 -1.31 -18.03 36.98
N ASP C 235 -2.43 -18.14 37.69
CA ASP C 235 -3.71 -18.51 37.09
C ASP C 235 -4.44 -17.32 36.47
N SER C 236 -3.77 -16.19 36.30
CA SER C 236 -4.39 -14.97 35.81
C SER C 236 -4.33 -14.80 34.30
N LEU C 237 -3.75 -15.75 33.57
CA LEU C 237 -3.65 -15.67 32.12
C LEU C 237 -4.34 -16.86 31.48
N LYS C 238 -5.27 -16.57 30.57
CA LYS C 238 -5.96 -17.58 29.77
C LYS C 238 -5.81 -17.25 28.30
N THR C 239 -5.92 -18.27 27.46
CA THR C 239 -5.82 -18.09 26.02
C THR C 239 -6.96 -18.84 25.34
N ASP C 240 -7.34 -18.34 24.16
CA ASP C 240 -8.34 -19.01 23.34
C ASP C 240 -7.75 -20.28 22.73
N GLU C 241 -8.61 -21.29 22.57
CA GLU C 241 -8.18 -22.54 21.95
C GLU C 241 -7.97 -22.42 20.45
N ARG C 242 -8.38 -21.30 19.84
CA ARG C 242 -8.26 -21.11 18.40
C ARG C 242 -7.07 -20.25 18.00
N ILE C 243 -6.21 -19.86 18.95
CA ILE C 243 -5.10 -18.98 18.63
C ILE C 243 -4.13 -19.70 17.70
N SER C 244 -3.81 -19.07 16.57
CA SER C 244 -3.00 -19.72 15.56
C SER C 244 -2.33 -18.68 14.68
N LEU C 245 -1.15 -19.02 14.20
CA LEU C 245 -0.43 -18.25 13.19
C LEU C 245 -0.05 -19.19 12.06
N SER C 246 -0.13 -18.69 10.82
CA SER C 246 0.12 -19.54 9.67
C SER C 246 1.60 -19.87 9.52
N GLN C 247 2.49 -18.98 9.97
CA GLN C 247 3.92 -19.13 9.75
C GLN C 247 4.70 -19.48 11.01
N PHE C 248 4.08 -19.49 12.18
CA PHE C 248 4.79 -19.69 13.44
C PHE C 248 4.07 -20.70 14.32
N LEU C 249 4.83 -21.26 15.25
CA LEU C 249 4.30 -22.08 16.33
C LEU C 249 4.42 -21.30 17.63
N ILE C 250 3.34 -21.27 18.40
CA ILE C 250 3.24 -20.46 19.62
C ILE C 250 3.35 -21.36 20.83
N GLN C 251 4.11 -20.92 21.84
CA GLN C 251 4.31 -21.74 23.03
C GLN C 251 4.72 -20.87 24.21
N GLU C 252 4.52 -21.42 25.41
CA GLU C 252 5.11 -20.91 26.65
C GLU C 252 4.64 -19.50 27.01
N PHE C 253 3.33 -19.38 27.27
CA PHE C 253 2.77 -18.18 27.88
C PHE C 253 3.02 -18.19 29.38
N HIS C 254 3.54 -17.08 29.92
CA HIS C 254 3.68 -16.93 31.37
C HIS C 254 3.79 -15.45 31.70
N THR C 255 3.70 -15.14 33.00
CA THR C 255 3.64 -13.77 33.50
C THR C 255 4.74 -13.50 34.52
N THR C 256 5.19 -12.25 34.57
CA THR C 256 6.21 -11.80 35.53
C THR C 256 5.87 -10.39 36.02
N THR C 257 6.74 -9.85 36.87
CA THR C 257 6.55 -8.54 37.49
C THR C 257 7.92 -7.89 37.73
N LYS C 258 7.97 -6.56 37.64
CA LYS C 258 9.21 -5.83 37.87
C LYS C 258 8.91 -4.35 38.11
N LEU C 259 9.77 -3.70 38.89
CA LEU C 259 9.66 -2.28 39.18
C LEU C 259 10.41 -1.44 38.16
N ALA C 260 9.92 -0.22 37.93
CA ALA C 260 10.50 0.69 36.95
C ALA C 260 10.67 2.07 37.55
N PHE C 261 11.67 2.80 37.06
CA PHE C 261 12.04 4.10 37.60
C PHE C 261 12.13 5.13 36.48
N TYR C 262 11.54 6.30 36.72
CA TYR C 262 11.71 7.48 35.87
C TYR C 262 12.36 8.57 36.69
N SER C 263 13.39 9.20 36.14
CA SER C 263 14.24 10.08 36.94
C SER C 263 13.49 11.32 37.45
N SER C 264 12.36 11.67 36.87
CA SER C 264 11.64 12.87 37.28
C SER C 264 10.23 12.62 37.80
N THR C 265 9.77 11.37 37.89
CA THR C 265 8.41 11.14 38.37
C THR C 265 8.33 10.09 39.49
N GLY C 266 9.18 9.06 39.48
CA GLY C 266 9.20 8.13 40.59
C GLY C 266 9.19 6.69 40.14
N TRP C 267 8.76 5.81 41.04
CA TRP C 267 8.79 4.35 40.86
C TRP C 267 7.40 3.82 40.51
N TYR C 268 7.36 2.84 39.60
CA TYR C 268 6.12 2.25 39.13
C TYR C 268 6.26 0.73 39.04
N ASN C 269 5.12 0.05 39.07
CA ASN C 269 5.05 -1.40 39.02
C ASN C 269 4.59 -1.85 37.65
N ARG C 270 5.29 -2.82 37.06
CA ARG C 270 5.02 -3.30 35.71
C ARG C 270 4.64 -4.77 35.73
N LEU C 271 3.72 -5.14 34.83
CA LEU C 271 3.31 -6.53 34.61
C LEU C 271 3.70 -6.94 33.20
N TYR C 272 4.09 -8.20 33.03
CA TYR C 272 4.58 -8.70 31.75
C TYR C 272 3.78 -9.93 31.32
N ILE C 273 3.63 -10.07 30.00
CA ILE C 273 3.06 -11.25 29.37
C ILE C 273 4.06 -11.74 28.33
N ASN C 274 4.62 -12.94 28.53
CA ASN C 274 5.72 -13.43 27.72
C ASN C 274 5.28 -14.64 26.89
N PHE C 275 5.85 -14.77 25.69
CA PHE C 275 5.58 -15.90 24.83
C PHE C 275 6.73 -16.06 23.84
N THR C 276 6.77 -17.23 23.19
CA THR C 276 7.84 -17.60 22.28
C THR C 276 7.26 -18.06 20.95
N LEU C 277 8.00 -17.80 19.87
CA LEU C 277 7.59 -18.16 18.51
C LEU C 277 8.68 -18.94 17.81
N ARG C 278 8.28 -19.93 17.02
CA ARG C 278 9.20 -20.71 16.18
C ARG C 278 8.68 -20.75 14.76
N ARG C 279 9.54 -20.42 13.80
CA ARG C 279 9.13 -20.32 12.42
C ARG C 279 9.07 -21.70 11.76
N HIS C 280 8.20 -21.82 10.76
CA HIS C 280 8.08 -23.03 9.95
C HIS C 280 9.07 -22.97 8.80
N ILE C 281 9.75 -24.08 8.54
CA ILE C 281 10.88 -24.11 7.60
C ILE C 281 10.52 -24.68 6.24
N PHE C 282 9.37 -25.36 6.10
CA PHE C 282 9.09 -26.11 4.87
C PHE C 282 9.05 -25.21 3.64
N PHE C 283 8.37 -24.07 3.74
CA PHE C 283 8.23 -23.18 2.60
C PHE C 283 9.58 -22.69 2.11
N PHE C 284 10.44 -22.27 3.04
CA PHE C 284 11.75 -21.77 2.66
C PHE C 284 12.60 -22.87 2.03
N LEU C 285 12.54 -24.08 2.59
CA LEU C 285 13.21 -25.22 1.96
C LEU C 285 12.82 -25.33 0.50
N LEU C 286 11.52 -25.58 0.25
CA LEU C 286 11.06 -25.86 -1.11
C LEU C 286 11.27 -24.68 -2.04
N GLN C 287 11.21 -23.45 -1.53
CA GLN C 287 11.27 -22.26 -2.38
C GLN C 287 12.68 -21.79 -2.67
N THR C 288 13.63 -22.00 -1.75
CA THR C 288 14.97 -21.42 -1.88
C THR C 288 16.07 -22.47 -1.93
N TYR C 289 16.05 -23.47 -1.04
CA TYR C 289 17.21 -24.35 -0.94
C TYR C 289 17.26 -25.34 -2.10
N PHE C 290 16.10 -25.87 -2.51
CA PHE C 290 16.05 -26.83 -3.60
C PHE C 290 16.49 -26.23 -4.93
N PRO C 291 16.01 -25.06 -5.37
CA PRO C 291 16.49 -24.52 -6.66
C PRO C 291 17.98 -24.25 -6.72
N ALA C 292 18.59 -23.77 -5.63
CA ALA C 292 20.03 -23.50 -5.66
C ALA C 292 20.82 -24.78 -5.80
N THR C 293 20.42 -25.83 -5.09
CA THR C 293 21.09 -27.12 -5.23
C THR C 293 20.91 -27.68 -6.63
N LEU C 294 19.72 -27.51 -7.22
CA LEU C 294 19.50 -27.98 -8.59
C LEU C 294 20.38 -27.24 -9.58
N MET C 295 20.56 -25.91 -9.40
CA MET C 295 21.45 -25.17 -10.27
C MET C 295 22.90 -25.63 -10.12
N VAL C 296 23.33 -25.86 -8.88
CA VAL C 296 24.71 -26.33 -8.65
C VAL C 296 24.92 -27.67 -9.33
N MET C 297 23.96 -28.58 -9.22
CA MET C 297 24.08 -29.88 -9.89
C MET C 297 24.03 -29.74 -11.41
N LEU C 298 23.25 -28.78 -11.91
CA LEU C 298 23.18 -28.55 -13.35
C LEU C 298 24.50 -28.04 -13.90
N SER C 299 25.29 -27.33 -13.08
CA SER C 299 26.60 -26.88 -13.52
C SER C 299 27.57 -28.04 -13.75
N TRP C 300 27.34 -29.18 -13.09
CA TRP C 300 28.30 -30.29 -13.17
C TRP C 300 28.18 -31.11 -14.45
N VAL C 301 27.06 -31.02 -15.18
CA VAL C 301 26.89 -31.86 -16.35
C VAL C 301 27.80 -31.43 -17.49
N SER C 302 28.38 -30.23 -17.41
CA SER C 302 29.31 -29.80 -18.46
C SER C 302 30.63 -30.55 -18.42
N PHE C 303 31.03 -31.09 -17.27
CA PHE C 303 32.27 -31.84 -17.18
C PHE C 303 32.21 -33.13 -18.01
N TRP C 304 31.02 -33.58 -18.38
CA TRP C 304 30.84 -34.82 -19.13
C TRP C 304 30.62 -34.58 -20.62
N ILE C 305 30.70 -33.33 -21.08
CA ILE C 305 30.49 -32.98 -22.47
C ILE C 305 31.85 -32.78 -23.14
N ASP C 306 31.93 -33.16 -24.41
CA ASP C 306 33.18 -33.06 -25.15
C ASP C 306 33.70 -31.62 -25.16
N ARG C 307 35.01 -31.46 -24.98
CA ARG C 307 35.60 -30.13 -24.86
C ARG C 307 35.66 -29.39 -26.19
N ARG C 308 35.37 -30.05 -27.30
CA ARG C 308 35.41 -29.39 -28.61
C ARG C 308 34.16 -28.59 -28.92
N ALA C 309 33.12 -28.68 -28.10
CA ALA C 309 31.91 -27.88 -28.28
C ALA C 309 31.93 -26.67 -27.36
N VAL C 310 32.73 -25.67 -27.75
CA VAL C 310 32.88 -24.48 -26.92
C VAL C 310 31.58 -23.69 -26.76
N PRO C 311 30.86 -23.35 -27.83
CA PRO C 311 29.58 -22.64 -27.67
C PRO C 311 28.44 -23.52 -27.17
N ALA C 312 28.71 -24.76 -26.79
CA ALA C 312 27.74 -25.58 -26.08
C ALA C 312 28.02 -25.65 -24.58
N ARG C 313 29.27 -25.42 -24.17
CA ARG C 313 29.64 -25.48 -22.77
C ARG C 313 29.71 -24.11 -22.10
N VAL C 314 30.05 -23.05 -22.84
CA VAL C 314 30.03 -21.70 -22.24
C VAL C 314 28.62 -21.28 -21.82
N PRO C 315 27.60 -21.36 -22.68
CA PRO C 315 26.28 -20.86 -22.28
C PRO C 315 25.68 -21.55 -21.06
N LEU C 316 25.96 -22.84 -20.87
CA LEU C 316 25.40 -23.56 -19.72
C LEU C 316 25.87 -22.94 -18.41
N GLY C 317 27.18 -22.75 -18.27
CA GLY C 317 27.71 -22.11 -17.07
C GLY C 317 27.23 -20.68 -16.92
N ILE C 318 27.17 -19.93 -18.02
CA ILE C 318 26.73 -18.53 -17.92
C ILE C 318 25.29 -18.46 -17.43
N THR C 319 24.42 -19.32 -17.96
CA THR C 319 23.02 -19.30 -17.55
C THR C 319 22.86 -19.74 -16.10
N THR C 320 23.65 -20.71 -15.65
CA THR C 320 23.59 -21.09 -14.24
C THR C 320 23.98 -19.93 -13.34
N VAL C 321 25.03 -19.19 -13.72
CA VAL C 321 25.44 -18.03 -12.92
C VAL C 321 24.31 -17.00 -12.84
N LEU C 322 23.69 -16.71 -14.00
CA LEU C 322 22.64 -15.68 -14.01
C LEU C 322 21.44 -16.11 -13.18
N THR C 323 21.04 -17.38 -13.26
CA THR C 323 19.90 -17.84 -12.48
C THR C 323 20.20 -17.81 -10.99
N MET C 324 21.43 -18.17 -10.60
CA MET C 324 21.79 -18.07 -9.19
C MET C 324 21.72 -16.63 -8.70
N SER C 325 22.19 -15.69 -9.52
CA SER C 325 22.11 -14.29 -9.15
C SER C 325 20.66 -13.83 -8.97
N THR C 326 19.78 -14.28 -9.87
CA THR C 326 18.37 -13.91 -9.76
C THR C 326 17.76 -14.46 -8.47
N ILE C 327 18.07 -15.71 -8.13
CA ILE C 327 17.55 -16.28 -6.88
C ILE C 327 18.05 -15.47 -5.68
N ILE C 328 19.34 -15.13 -5.66
CA ILE C 328 19.89 -14.37 -4.55
C ILE C 328 19.19 -13.02 -4.42
N THR C 329 18.97 -12.34 -5.54
CA THR C 329 18.29 -11.05 -5.50
C THR C 329 16.86 -11.19 -5.00
N GLY C 330 16.15 -12.24 -5.44
CA GLY C 330 14.76 -12.39 -5.03
C GLY C 330 14.59 -12.76 -3.57
N VAL C 331 15.60 -13.38 -2.96
CA VAL C 331 15.45 -13.85 -1.59
C VAL C 331 15.32 -12.68 -0.61
N ASN C 332 16.07 -11.60 -0.85
CA ASN C 332 16.19 -10.53 0.13
C ASN C 332 15.03 -9.53 0.11
N ALA C 333 14.06 -9.69 -0.79
CA ALA C 333 13.05 -8.66 -0.99
C ALA C 333 12.18 -8.43 0.23
N SER C 334 12.10 -9.39 1.15
CA SER C 334 11.14 -9.33 2.26
C SER C 334 11.76 -8.95 3.59
N MET C 335 13.04 -8.57 3.62
CA MET C 335 13.74 -8.50 4.89
C MET C 335 14.30 -7.09 5.15
N PRO C 336 14.49 -6.74 6.41
CA PRO C 336 15.15 -5.46 6.73
C PRO C 336 16.64 -5.52 6.44
N ARG C 337 17.23 -4.33 6.38
CA ARG C 337 18.64 -4.17 6.00
C ARG C 337 19.50 -4.16 7.26
N VAL C 338 19.76 -5.35 7.80
CA VAL C 338 20.55 -5.50 9.01
C VAL C 338 22.04 -5.43 8.66
N SER C 339 22.89 -5.26 9.67
CA SER C 339 24.32 -5.08 9.46
C SER C 339 25.12 -6.36 9.66
N TYR C 340 24.47 -7.52 9.57
CA TYR C 340 25.15 -8.80 9.74
C TYR C 340 24.57 -9.79 8.73
N ILE C 341 25.25 -10.91 8.56
CA ILE C 341 24.86 -11.91 7.57
C ILE C 341 23.93 -12.93 8.22
N LYS C 342 22.97 -13.42 7.43
CA LYS C 342 22.01 -14.42 7.86
C LYS C 342 22.42 -15.82 7.38
N ALA C 343 21.72 -16.82 7.88
CA ALA C 343 22.09 -18.21 7.59
C ALA C 343 21.88 -18.57 6.12
N VAL C 344 20.79 -18.08 5.51
CA VAL C 344 20.49 -18.41 4.13
C VAL C 344 21.46 -17.74 3.16
N ASP C 345 21.97 -16.56 3.52
CA ASP C 345 22.93 -15.85 2.67
C ASP C 345 24.20 -16.64 2.48
N ILE C 346 24.69 -17.27 3.54
CA ILE C 346 25.91 -18.08 3.46
C ILE C 346 25.74 -19.18 2.42
N TYR C 347 24.62 -19.91 2.51
CA TYR C 347 24.35 -21.00 1.58
C TYR C 347 24.29 -20.49 0.14
N LEU C 348 23.56 -19.39 -0.09
CA LEU C 348 23.38 -18.90 -1.46
C LEU C 348 24.71 -18.41 -2.05
N TRP C 349 25.53 -17.72 -1.25
CA TRP C 349 26.77 -17.19 -1.80
C TRP C 349 27.82 -18.29 -2.01
N VAL C 350 27.83 -19.32 -1.16
CA VAL C 350 28.71 -20.46 -1.43
C VAL C 350 28.31 -21.15 -2.73
N SER C 351 27.00 -21.31 -2.96
CA SER C 351 26.55 -21.90 -4.22
C SER C 351 26.98 -21.05 -5.42
N PHE C 352 26.85 -19.73 -5.30
CA PHE C 352 27.29 -18.83 -6.37
C PHE C 352 28.78 -19.00 -6.67
N VAL C 353 29.60 -19.10 -5.62
CA VAL C 353 31.04 -19.29 -5.82
C VAL C 353 31.33 -20.62 -6.53
N PHE C 354 30.60 -21.68 -6.15
CA PHE C 354 30.76 -22.97 -6.81
C PHE C 354 30.51 -22.86 -8.31
N VAL C 355 29.43 -22.18 -8.69
CA VAL C 355 29.11 -22.06 -10.12
C VAL C 355 30.17 -21.22 -10.84
N PHE C 356 30.65 -20.15 -10.19
CA PHE C 356 31.69 -19.32 -10.80
C PHE C 356 32.97 -20.12 -11.07
N LEU C 357 33.39 -20.94 -10.11
CA LEU C 357 34.57 -21.78 -10.33
C LEU C 357 34.34 -22.78 -11.43
N SER C 358 33.12 -23.33 -11.52
CA SER C 358 32.79 -24.21 -12.63
C SER C 358 33.00 -23.51 -13.97
N VAL C 359 32.64 -22.23 -14.05
CA VAL C 359 32.86 -21.48 -15.29
C VAL C 359 34.36 -21.33 -15.57
N LEU C 360 35.16 -21.02 -14.53
CA LEU C 360 36.60 -20.80 -14.76
C LEU C 360 37.32 -22.07 -15.21
N GLU C 361 36.85 -23.24 -14.78
CA GLU C 361 37.52 -24.49 -15.11
C GLU C 361 37.59 -24.71 -16.62
N TYR C 362 36.50 -24.44 -17.34
CA TYR C 362 36.50 -24.68 -18.78
C TYR C 362 37.41 -23.70 -19.51
N ALA C 363 37.50 -22.46 -19.04
CA ALA C 363 38.44 -21.52 -19.63
C ALA C 363 39.87 -22.03 -19.49
N ALA C 364 40.21 -22.55 -18.31
CA ALA C 364 41.55 -23.12 -18.14
C ALA C 364 41.79 -24.28 -19.11
N VAL C 365 40.80 -25.18 -19.24
CA VAL C 365 40.95 -26.34 -20.13
C VAL C 365 41.16 -25.88 -21.57
N ASN C 366 40.35 -24.93 -22.03
CA ASN C 366 40.46 -24.44 -23.40
C ASN C 366 41.82 -23.79 -23.67
N TYR C 367 42.29 -22.95 -22.74
CA TYR C 367 43.59 -22.32 -22.93
C TYR C 367 44.70 -23.35 -23.01
N LEU C 368 44.69 -24.35 -22.12
CA LEU C 368 45.74 -25.36 -22.15
C LEU C 368 45.70 -26.19 -23.43
N THR C 369 44.49 -26.51 -23.91
CA THR C 369 44.38 -27.26 -25.16
C THR C 369 44.95 -26.47 -26.33
N THR C 370 44.63 -25.17 -26.42
CA THR C 370 45.15 -24.36 -27.51
C THR C 370 46.67 -24.24 -27.45
N VAL C 371 47.22 -24.07 -26.23
CA VAL C 371 48.67 -23.99 -26.10
C VAL C 371 49.33 -25.29 -26.53
N GLN C 372 48.76 -26.43 -26.14
CA GLN C 372 49.32 -27.72 -26.54
C GLN C 372 49.27 -27.90 -28.05
N GLU C 373 48.17 -27.49 -28.67
CA GLU C 373 48.07 -27.59 -30.12
C GLU C 373 49.13 -26.74 -30.80
N ARG C 374 49.35 -25.51 -30.31
CA ARG C 374 50.39 -24.67 -30.91
C ARG C 374 51.77 -25.29 -30.75
N LYS C 375 52.06 -25.83 -29.57
CA LYS C 375 53.37 -26.42 -29.34
C LYS C 375 53.59 -27.64 -30.24
N GLU C 376 52.58 -28.47 -30.40
CA GLU C 376 52.71 -29.63 -31.29
C GLU C 376 52.84 -29.19 -32.74
N GLN C 377 52.15 -28.11 -33.13
CA GLN C 377 52.28 -27.59 -34.48
C GLN C 377 53.68 -27.09 -34.76
N LYS C 378 54.30 -26.40 -33.79
CA LYS C 378 55.61 -25.81 -34.01
C LYS C 378 56.73 -26.84 -34.14
N LEU C 379 56.47 -28.11 -33.81
CA LEU C 379 57.51 -29.13 -33.94
C LEU C 379 57.76 -29.53 -35.39
N ARG C 380 56.91 -29.10 -36.32
CA ARG C 380 57.11 -29.42 -37.72
C ARG C 380 57.56 -28.19 -38.50
N ASP C 451 40.24 -37.81 -26.56
CA ASP C 451 40.65 -38.09 -25.20
C ASP C 451 40.19 -37.00 -24.24
N THR C 452 40.19 -37.31 -22.95
CA THR C 452 39.69 -36.41 -21.92
C THR C 452 40.86 -35.77 -21.18
N HIS C 453 40.79 -34.45 -20.99
CA HIS C 453 41.79 -33.74 -20.23
C HIS C 453 41.73 -34.15 -18.77
N ALA C 454 42.87 -34.07 -18.08
CA ALA C 454 42.93 -34.48 -16.68
C ALA C 454 42.08 -33.59 -15.79
N ILE C 455 41.92 -32.32 -16.15
CA ILE C 455 41.19 -31.38 -15.31
C ILE C 455 39.72 -31.77 -15.21
N ASP C 456 39.11 -32.14 -16.34
CA ASP C 456 37.72 -32.62 -16.31
C ASP C 456 37.57 -33.88 -15.48
N LYS C 457 38.50 -34.83 -15.68
CA LYS C 457 38.44 -36.10 -14.98
C LYS C 457 38.54 -35.92 -13.48
N TYR C 458 39.36 -34.97 -13.03
CA TYR C 458 39.46 -34.70 -11.60
C TYR C 458 38.28 -33.89 -11.09
N SER C 459 37.76 -32.96 -11.89
CA SER C 459 36.64 -32.13 -11.47
C SER C 459 35.40 -32.98 -11.21
N ARG C 460 35.19 -34.00 -12.05
CA ARG C 460 34.01 -34.85 -11.93
C ARG C 460 33.86 -35.46 -10.54
N ILE C 461 34.97 -35.68 -9.85
CA ILE C 461 34.95 -36.22 -8.50
C ILE C 461 35.11 -35.13 -7.45
N ILE C 462 35.93 -34.12 -7.71
CA ILE C 462 36.28 -33.15 -6.68
C ILE C 462 35.09 -32.23 -6.37
N PHE C 463 34.37 -31.76 -7.39
CA PHE C 463 33.28 -30.82 -7.10
C PHE C 463 32.16 -31.42 -6.25
N PRO C 464 31.58 -32.58 -6.60
CA PRO C 464 30.50 -33.13 -5.75
C PRO C 464 30.94 -33.43 -4.33
N ALA C 465 32.16 -33.93 -4.13
CA ALA C 465 32.63 -34.26 -2.79
C ALA C 465 32.72 -33.02 -1.92
N ALA C 466 33.26 -31.93 -2.47
CA ALA C 466 33.33 -30.67 -1.72
C ALA C 466 31.94 -30.14 -1.39
N TYR C 467 31.01 -30.22 -2.34
CA TYR C 467 29.66 -29.73 -2.06
C TYR C 467 28.99 -30.57 -0.96
N ILE C 468 29.17 -31.88 -1.00
CA ILE C 468 28.59 -32.74 0.04
C ILE C 468 29.19 -32.45 1.40
N LEU C 469 30.51 -32.23 1.45
CA LEU C 469 31.16 -31.90 2.72
C LEU C 469 30.63 -30.57 3.27
N PHE C 470 30.48 -29.57 2.40
CA PHE C 470 29.92 -28.30 2.85
C PHE C 470 28.52 -28.47 3.41
N ASN C 471 27.68 -29.26 2.73
CA ASN C 471 26.33 -29.48 3.21
C ASN C 471 26.32 -30.17 4.58
N LEU C 472 27.19 -31.16 4.76
CA LEU C 472 27.28 -31.83 6.05
C LEU C 472 27.61 -30.84 7.17
N ILE C 473 28.65 -30.03 6.96
CA ILE C 473 29.04 -29.08 8.00
C ILE C 473 27.93 -28.05 8.24
N TYR C 474 27.34 -27.52 7.18
CA TYR C 474 26.32 -26.48 7.32
C TYR C 474 25.11 -26.99 8.09
N TRP C 475 24.63 -28.19 7.74
CA TRP C 475 23.45 -28.69 8.43
C TRP C 475 23.76 -29.29 9.79
N SER C 476 25.03 -29.53 10.11
CA SER C 476 25.35 -29.83 11.50
C SER C 476 25.36 -28.57 12.36
N ILE C 477 25.84 -27.45 11.82
CA ILE C 477 25.91 -26.22 12.62
C ILE C 477 24.51 -25.67 12.87
N PHE C 478 23.70 -25.55 11.83
CA PHE C 478 22.38 -24.94 11.94
C PHE C 478 21.27 -25.95 12.17
N SER C 479 21.63 -27.22 12.38
CA SER C 479 20.69 -28.27 12.77
C SER C 479 19.60 -28.51 11.72
N GLN D 77 -15.50 20.35 47.54
CA GLN D 77 -14.42 20.26 46.58
C GLN D 77 -13.14 20.87 47.14
N LEU D 78 -12.01 20.21 46.90
CA LEU D 78 -10.74 20.72 47.39
C LEU D 78 -10.24 21.91 46.56
N LEU D 79 -10.51 21.90 45.27
CA LEU D 79 -10.13 22.99 44.37
C LEU D 79 -11.35 23.84 44.04
N ARG D 80 -11.19 25.17 44.11
CA ARG D 80 -12.28 26.10 43.84
C ARG D 80 -12.30 26.47 42.35
N ILE D 81 -12.72 25.49 41.54
CA ILE D 81 -12.75 25.69 40.09
C ILE D 81 -13.84 26.68 39.70
N ASP D 82 -15.01 26.57 40.32
CA ASP D 82 -16.18 27.34 39.90
C ASP D 82 -16.06 28.83 40.21
N ASP D 83 -15.08 29.25 41.00
CA ASP D 83 -14.97 30.64 41.42
C ASP D 83 -14.11 31.50 40.51
N HIS D 84 -13.61 30.95 39.41
CA HIS D 84 -12.65 31.66 38.57
C HIS D 84 -13.01 31.48 37.09
N ASP D 85 -12.48 32.40 36.29
CA ASP D 85 -12.65 32.38 34.83
C ASP D 85 -11.33 31.94 34.21
N PHE D 86 -11.25 30.69 33.79
CA PHE D 86 -10.02 30.12 33.26
C PHE D 86 -9.87 30.30 31.75
N SER D 87 -10.54 31.28 31.17
CA SER D 87 -10.27 31.68 29.79
C SER D 87 -9.14 32.69 29.71
N MET D 88 -8.59 33.12 30.84
CA MET D 88 -7.49 34.07 30.89
C MET D 88 -6.31 33.41 31.59
N ARG D 89 -5.10 33.72 31.11
CA ARG D 89 -3.89 33.13 31.65
C ARG D 89 -3.58 33.70 33.03
N PRO D 90 -2.74 33.03 33.81
CA PRO D 90 -2.24 33.63 35.05
C PRO D 90 -1.46 34.89 34.75
N GLY D 91 -1.67 35.92 35.57
CA GLY D 91 -1.07 37.22 35.33
C GLY D 91 -1.58 37.91 34.09
N PHE D 92 -2.88 37.77 33.80
CA PHE D 92 -3.47 38.37 32.61
C PHE D 92 -3.35 39.89 32.68
N GLY D 93 -2.89 40.49 31.58
CA GLY D 93 -2.70 41.92 31.53
C GLY D 93 -1.45 42.45 32.20
N GLY D 94 -0.50 41.58 32.55
CA GLY D 94 0.70 42.01 33.23
C GLY D 94 1.94 41.39 32.62
N PRO D 95 2.95 41.15 33.46
CA PRO D 95 4.18 40.53 32.97
C PRO D 95 3.96 39.09 32.50
N ALA D 96 4.88 38.62 31.67
CA ALA D 96 4.78 37.29 31.12
C ALA D 96 4.96 36.23 32.20
N ILE D 97 4.42 35.04 31.93
CA ILE D 97 4.47 33.92 32.86
C ILE D 97 5.52 32.93 32.36
N PRO D 98 6.44 32.48 33.20
CA PRO D 98 7.44 31.49 32.76
C PRO D 98 6.88 30.07 32.77
N VAL D 99 7.26 29.30 31.75
CA VAL D 99 6.87 27.90 31.63
C VAL D 99 8.11 27.09 31.30
N GLY D 100 8.41 26.09 32.14
CA GLY D 100 9.54 25.20 31.93
C GLY D 100 9.12 23.89 31.28
N VAL D 101 10.06 23.27 30.58
CA VAL D 101 9.78 22.10 29.75
C VAL D 101 10.86 21.03 30.00
N ASP D 102 10.41 19.78 30.11
CA ASP D 102 11.25 18.61 30.35
C ASP D 102 10.75 17.48 29.45
N VAL D 103 11.68 16.63 28.98
CA VAL D 103 11.36 15.64 27.95
C VAL D 103 12.10 14.34 28.21
N GLN D 104 11.42 13.20 27.98
CA GLN D 104 12.05 11.89 27.90
C GLN D 104 11.61 11.20 26.60
N VAL D 105 12.58 10.76 25.82
CA VAL D 105 12.33 10.13 24.51
C VAL D 105 12.17 8.63 24.71
N GLU D 106 11.10 8.06 24.15
CA GLU D 106 10.84 6.64 24.29
C GLU D 106 11.30 5.81 23.09
N SER D 107 11.06 6.27 21.86
CA SER D 107 11.46 5.47 20.70
C SER D 107 11.57 6.33 19.45
N LEU D 108 12.39 5.87 18.52
CA LEU D 108 12.41 6.36 17.14
C LEU D 108 11.89 5.25 16.24
N ASP D 109 10.85 5.54 15.47
CA ASP D 109 10.04 4.51 14.84
C ASP D 109 10.47 4.20 13.40
N SER D 110 10.44 5.18 12.52
CA SER D 110 10.71 4.90 11.10
C SER D 110 11.31 6.12 10.43
N ILE D 111 12.00 5.87 9.32
CA ILE D 111 12.66 6.89 8.54
C ILE D 111 12.36 6.63 7.07
N SER D 112 11.85 7.64 6.38
CA SER D 112 11.43 7.51 4.98
C SER D 112 12.32 8.39 4.12
N GLU D 113 12.96 7.79 3.11
CA GLU D 113 13.80 8.57 2.21
C GLU D 113 12.98 9.29 1.14
N VAL D 114 11.91 8.65 0.66
CA VAL D 114 11.07 9.29 -0.36
C VAL D 114 10.30 10.46 0.23
N ASP D 115 9.80 10.32 1.45
CA ASP D 115 9.06 11.39 2.09
C ASP D 115 9.93 12.34 2.90
N MET D 116 11.13 11.89 3.31
CA MET D 116 12.09 12.70 4.05
C MET D 116 11.49 13.20 5.38
N ASP D 117 11.22 12.23 6.24
CA ASP D 117 10.63 12.51 7.55
C ASP D 117 10.97 11.35 8.51
N PHE D 118 10.65 11.57 9.79
CA PHE D 118 10.87 10.58 10.83
C PHE D 118 9.73 10.65 11.83
N THR D 119 9.59 9.59 12.64
CA THR D 119 8.55 9.48 13.64
C THR D 119 9.17 9.25 15.02
N MET D 120 8.61 9.92 16.04
CA MET D 120 9.15 9.87 17.39
C MET D 120 8.01 9.79 18.40
N THR D 121 8.23 9.08 19.50
CA THR D 121 7.32 9.01 20.64
C THR D 121 8.04 9.50 21.88
N LEU D 122 7.36 10.35 22.65
CA LEU D 122 7.98 10.94 23.82
C LEU D 122 7.04 11.43 24.90
N TYR D 123 7.57 11.62 26.09
CA TYR D 123 6.83 12.19 27.21
C TYR D 123 7.17 13.66 27.34
N LEU D 124 6.15 14.52 27.44
CA LEU D 124 6.32 15.97 27.48
C LEU D 124 5.74 16.52 28.77
N ARG D 125 6.53 17.34 29.47
CA ARG D 125 6.15 17.82 30.81
C ARG D 125 6.25 19.35 30.87
N HIS D 126 5.34 19.96 31.62
CA HIS D 126 5.24 21.41 31.75
C HIS D 126 5.25 21.81 33.22
N TYR D 127 5.82 22.98 33.51
CA TYR D 127 5.91 23.50 34.86
C TYR D 127 5.51 24.97 34.88
N TRP D 128 4.61 25.34 35.78
CA TRP D 128 4.22 26.74 35.97
C TRP D 128 3.50 26.87 37.30
N LYS D 129 3.20 28.11 37.68
CA LYS D 129 2.52 28.41 38.93
C LYS D 129 1.24 29.19 38.67
N ASP D 130 0.16 28.81 39.36
CA ASP D 130 -1.14 29.45 39.23
C ASP D 130 -1.77 29.53 40.61
N GLU D 131 -1.88 30.75 41.15
CA GLU D 131 -2.37 30.93 42.51
C GLU D 131 -3.86 30.61 42.66
N ARG D 132 -4.59 30.49 41.55
CA ARG D 132 -6.00 30.13 41.64
C ARG D 132 -6.22 28.67 42.00
N LEU D 133 -5.17 27.84 41.97
CA LEU D 133 -5.26 26.43 42.29
C LEU D 133 -4.72 26.09 43.68
N SER D 134 -4.58 27.09 44.54
CA SER D 134 -4.08 26.86 45.89
C SER D 134 -5.16 26.22 46.76
N PHE D 135 -4.72 25.33 47.66
CA PHE D 135 -5.60 24.67 48.61
C PHE D 135 -4.87 24.49 49.93
N PRO D 136 -5.61 24.39 51.04
CA PRO D 136 -4.96 24.28 52.35
C PRO D 136 -4.62 22.86 52.75
N SER D 137 -3.45 22.70 53.36
CA SER D 137 -2.99 21.41 53.85
C SER D 137 -1.89 21.65 54.89
N THR D 138 -1.40 20.56 55.47
CA THR D 138 -0.34 20.63 56.46
C THR D 138 0.95 19.94 56.04
N ASN D 139 0.90 18.96 55.14
CA ASN D 139 2.09 18.20 54.80
C ASN D 139 2.96 18.86 53.75
N ASN D 140 2.38 19.71 52.90
CA ASN D 140 3.11 20.41 51.84
C ASN D 140 3.73 19.41 50.84
N LEU D 141 2.85 18.62 50.23
CA LEU D 141 3.25 17.62 49.26
C LEU D 141 2.31 17.68 48.06
N SER D 142 2.81 17.21 46.92
CA SER D 142 2.00 17.16 45.71
C SER D 142 0.87 16.15 45.85
N MET D 143 -0.28 16.47 45.26
CA MET D 143 -1.41 15.57 45.18
C MET D 143 -1.75 15.32 43.72
N THR D 144 -2.19 14.10 43.42
CA THR D 144 -2.50 13.69 42.06
C THR D 144 -4.01 13.68 41.86
N PHE D 145 -4.46 14.27 40.75
CA PHE D 145 -5.86 14.29 40.38
C PHE D 145 -6.08 13.49 39.10
N ASP D 146 -7.33 13.07 38.89
CA ASP D 146 -7.61 11.95 37.99
C ASP D 146 -7.26 12.27 36.53
N GLY D 147 -7.41 13.52 36.11
CA GLY D 147 -7.04 13.91 34.76
C GLY D 147 -8.16 14.43 33.90
N ARG D 148 -9.42 14.28 34.31
CA ARG D 148 -10.50 14.94 33.60
C ARG D 148 -10.69 16.37 34.06
N LEU D 149 -9.94 16.80 35.07
CA LEU D 149 -9.95 18.18 35.53
C LEU D 149 -9.14 19.10 34.64
N VAL D 150 -8.40 18.55 33.67
CA VAL D 150 -7.56 19.36 32.80
C VAL D 150 -8.41 20.30 31.95
N LYS D 151 -9.53 19.80 31.44
CA LYS D 151 -10.38 20.59 30.56
C LYS D 151 -11.18 21.67 31.30
N LYS D 152 -10.94 21.91 32.58
CA LYS D 152 -11.65 22.95 33.31
C LYS D 152 -10.73 24.05 33.82
N ILE D 153 -9.42 23.95 33.57
CA ILE D 153 -8.44 24.93 34.03
C ILE D 153 -7.65 25.42 32.83
N TRP D 154 -6.82 26.44 33.07
CA TRP D 154 -5.94 26.95 32.03
C TRP D 154 -4.71 26.06 31.89
N VAL D 155 -4.27 25.88 30.65
CA VAL D 155 -3.15 25.00 30.33
C VAL D 155 -2.40 25.58 29.14
N PRO D 156 -1.06 25.44 29.07
CA PRO D 156 -0.31 25.94 27.91
C PRO D 156 -0.72 25.26 26.62
N ASP D 157 -0.23 25.82 25.51
CA ASP D 157 -0.71 25.52 24.16
C ASP D 157 0.45 25.22 23.20
N MET D 158 1.34 24.32 23.60
CA MET D 158 2.50 24.00 22.75
C MET D 158 2.07 23.20 21.51
N PHE D 159 2.83 23.38 20.43
CA PHE D 159 2.63 22.64 19.20
C PHE D 159 3.98 22.37 18.55
N PHE D 160 4.02 21.42 17.63
CA PHE D 160 5.24 21.01 16.96
C PHE D 160 5.34 21.68 15.60
N VAL D 161 6.40 22.46 15.41
CA VAL D 161 6.59 23.23 14.18
C VAL D 161 7.12 22.31 13.08
N HIS D 162 6.61 22.50 11.86
CA HIS D 162 7.05 21.77 10.67
C HIS D 162 6.74 20.28 10.76
N SER D 163 5.63 19.91 11.39
CA SER D 163 5.22 18.52 11.51
C SER D 163 4.10 18.19 10.54
N LYS D 164 4.02 16.91 10.16
CA LYS D 164 3.02 16.46 9.21
C LYS D 164 1.76 15.92 9.88
N ARG D 165 1.91 15.17 10.98
CA ARG D 165 0.77 14.62 11.69
C ARG D 165 1.23 14.19 13.08
N SER D 166 0.27 14.09 14.00
CA SER D 166 0.56 13.68 15.36
C SER D 166 -0.75 13.39 16.09
N PHE D 167 -0.64 12.69 17.22
CA PHE D 167 -1.81 12.35 18.02
C PHE D 167 -1.38 12.08 19.46
N ILE D 168 -2.38 11.99 20.34
CA ILE D 168 -2.20 11.69 21.75
C ILE D 168 -2.83 10.33 22.03
N HIS D 169 -2.09 9.46 22.71
CA HIS D 169 -2.58 8.11 23.02
C HIS D 169 -3.71 8.17 24.03
N ASP D 170 -4.72 7.31 23.86
CA ASP D 170 -5.94 7.43 24.64
C ASP D 170 -6.53 6.07 25.06
N THR D 171 -5.70 5.07 25.30
CA THR D 171 -6.16 3.78 25.80
C THR D 171 -5.36 3.42 27.06
N THR D 172 -6.05 3.06 28.14
CA THR D 172 -7.52 2.92 28.18
C THR D 172 -8.22 4.23 28.44
N THR D 173 -7.45 5.26 28.78
CA THR D 173 -7.93 6.63 28.89
C THR D 173 -6.85 7.54 28.33
N ASP D 174 -7.11 8.84 28.36
CA ASP D 174 -6.10 9.81 27.94
C ASP D 174 -4.86 9.69 28.82
N ASN D 175 -3.70 9.60 28.19
CA ASN D 175 -2.42 9.46 28.90
C ASN D 175 -1.99 10.85 29.39
N VAL D 176 -2.60 11.26 30.50
CA VAL D 176 -2.46 12.62 31.03
C VAL D 176 -2.25 12.54 32.54
N MET D 177 -1.33 13.37 33.05
CA MET D 177 -1.03 13.45 34.47
C MET D 177 -1.17 14.90 34.95
N LEU D 178 -1.74 15.07 36.14
CA LEU D 178 -1.92 16.40 36.73
C LEU D 178 -1.61 16.33 38.22
N ARG D 179 -0.61 17.09 38.66
CA ARG D 179 -0.21 17.14 40.05
C ARG D 179 -0.11 18.58 40.50
N VAL D 180 -0.65 18.89 41.67
CA VAL D 180 -0.72 20.26 42.18
C VAL D 180 -0.21 20.26 43.62
N GLN D 181 0.68 21.20 43.94
CA GLN D 181 1.16 21.45 45.29
C GLN D 181 0.25 22.45 45.99
N PRO D 182 0.26 22.48 47.32
CA PRO D 182 -0.67 23.37 48.04
C PRO D 182 -0.53 24.85 47.72
N ASP D 183 0.67 25.29 47.30
CA ASP D 183 0.85 26.70 46.96
C ASP D 183 0.39 27.04 45.56
N GLY D 184 0.25 26.05 44.68
CA GLY D 184 -0.23 26.32 43.34
C GLY D 184 0.70 25.95 42.21
N LYS D 185 1.82 25.29 42.52
CA LYS D 185 2.70 24.79 41.47
C LYS D 185 2.07 23.59 40.79
N VAL D 186 2.26 23.49 39.48
CA VAL D 186 1.57 22.50 38.66
C VAL D 186 2.59 21.71 37.84
N LEU D 187 2.37 20.42 37.72
CA LEU D 187 3.10 19.55 36.79
C LEU D 187 2.09 18.86 35.89
N TYR D 188 2.36 18.85 34.59
CA TYR D 188 1.42 18.39 33.58
C TYR D 188 2.18 17.60 32.51
N SER D 189 1.79 16.35 32.28
CA SER D 189 2.55 15.43 31.44
C SER D 189 1.65 14.76 30.41
N LEU D 190 2.21 14.47 29.24
CA LEU D 190 1.47 13.89 28.12
C LEU D 190 2.36 12.90 27.38
N ARG D 191 1.72 12.00 26.62
CA ARG D 191 2.40 11.04 25.77
C ARG D 191 1.90 11.20 24.35
N VAL D 192 2.82 11.50 23.42
CA VAL D 192 2.47 11.87 22.06
C VAL D 192 3.38 11.16 21.06
N THR D 193 2.90 11.07 19.82
CA THR D 193 3.66 10.57 18.68
C THR D 193 3.61 11.59 17.56
N VAL D 194 4.77 11.94 16.99
CA VAL D 194 4.89 13.01 16.01
C VAL D 194 5.63 12.52 14.78
N THR D 195 5.20 12.99 13.61
CA THR D 195 5.94 12.83 12.36
C THR D 195 6.39 14.20 11.90
N ALA D 196 7.69 14.36 11.67
CA ALA D 196 8.27 15.67 11.36
C ALA D 196 9.20 15.57 10.16
N MET D 197 9.35 16.70 9.46
CA MET D 197 10.14 16.76 8.24
C MET D 197 11.64 16.87 8.56
N CYS D 198 12.45 16.28 7.69
CA CYS D 198 13.90 16.41 7.76
C CYS D 198 14.46 16.45 6.35
N ASN D 199 15.30 17.45 6.06
CA ASN D 199 15.86 17.65 4.73
C ASN D 199 17.17 16.90 4.62
N MET D 200 17.22 15.90 3.74
CA MET D 200 18.35 14.99 3.65
C MET D 200 19.14 15.21 2.35
N ASP D 201 20.44 14.94 2.42
CA ASP D 201 21.36 15.09 1.31
C ASP D 201 21.95 13.72 0.97
N PHE D 202 21.85 13.31 -0.29
CA PHE D 202 22.20 11.95 -0.70
C PHE D 202 23.39 11.91 -1.65
N SER D 203 24.27 12.91 -1.60
CA SER D 203 25.40 12.92 -2.52
C SER D 203 26.43 11.83 -2.18
N ARG D 204 26.49 11.42 -0.92
CA ARG D 204 27.41 10.36 -0.51
C ARG D 204 26.69 9.04 -0.19
N PHE D 205 25.42 8.93 -0.55
CA PHE D 205 24.66 7.72 -0.30
C PHE D 205 25.32 6.53 -1.01
N PRO D 206 25.40 5.36 -0.37
CA PRO D 206 24.89 5.01 0.96
C PRO D 206 25.89 5.12 2.12
N LEU D 207 26.92 5.94 1.96
CA LEU D 207 27.90 6.18 3.01
C LEU D 207 27.71 7.55 3.66
N ASP D 208 26.45 7.94 3.86
CA ASP D 208 26.09 9.30 4.25
C ASP D 208 25.78 9.41 5.74
N THR D 209 25.66 10.66 6.19
CA THR D 209 25.30 11.01 7.57
C THR D 209 24.28 12.13 7.54
N GLN D 210 23.25 12.02 8.37
CA GLN D 210 22.16 12.99 8.38
C GLN D 210 21.99 13.61 9.77
N THR D 211 21.46 14.83 9.79
CA THR D 211 21.15 15.55 11.03
C THR D 211 19.71 16.02 10.99
N CYS D 212 18.96 15.78 12.07
CA CYS D 212 17.55 16.14 12.14
C CYS D 212 17.25 16.79 13.48
N SER D 213 16.11 17.47 13.55
CA SER D 213 15.72 18.16 14.79
C SER D 213 14.20 18.22 14.89
N LEU D 214 13.74 18.43 16.13
CA LEU D 214 12.33 18.59 16.45
C LEU D 214 12.13 19.91 17.18
N GLU D 215 11.07 20.64 16.83
CA GLU D 215 10.90 22.02 17.27
C GLU D 215 9.59 22.18 18.04
N ILE D 216 9.65 22.92 19.15
CA ILE D 216 8.54 23.09 20.06
C ILE D 216 8.32 24.59 20.29
N GLU D 217 7.07 25.02 20.22
CA GLU D 217 6.73 26.44 20.30
C GLU D 217 5.28 26.58 20.73
N SER D 218 4.95 27.72 21.33
CA SER D 218 3.56 28.01 21.68
C SER D 218 2.90 28.61 20.46
N TYR D 219 1.61 28.35 20.29
CA TYR D 219 0.91 28.80 19.09
C TYR D 219 0.37 30.22 19.24
N ALA D 220 -0.18 30.57 20.40
CA ALA D 220 -0.99 31.76 20.53
C ALA D 220 -0.31 32.91 21.25
N TYR D 221 0.63 32.66 22.14
CA TYR D 221 1.21 33.70 22.99
C TYR D 221 2.61 34.07 22.52
N THR D 222 2.88 35.36 22.45
CA THR D 222 4.20 35.86 22.12
C THR D 222 5.07 35.94 23.38
N GLU D 223 6.32 36.33 23.20
CA GLU D 223 7.26 36.39 24.31
C GLU D 223 6.88 37.44 25.35
N ASP D 224 6.00 38.38 25.00
CA ASP D 224 5.49 39.34 25.98
C ASP D 224 4.42 38.77 26.89
N ASP D 225 3.92 37.57 26.59
CA ASP D 225 2.90 36.91 27.40
C ASP D 225 3.38 35.62 28.03
N LEU D 226 4.25 34.86 27.36
CA LEU D 226 4.69 33.56 27.85
C LEU D 226 6.17 33.38 27.56
N MET D 227 6.93 33.00 28.58
CA MET D 227 8.37 32.78 28.47
C MET D 227 8.65 31.29 28.54
N LEU D 228 9.22 30.75 27.46
CA LEU D 228 9.45 29.32 27.32
C LEU D 228 10.94 29.02 27.42
N TYR D 229 11.30 28.05 28.26
CA TYR D 229 12.70 27.73 28.49
C TYR D 229 12.84 26.28 28.92
N TRP D 230 14.06 25.76 28.82
CA TRP D 230 14.35 24.42 29.30
C TRP D 230 14.43 24.41 30.83
N LYS D 231 13.76 23.44 31.45
CA LYS D 231 13.56 23.47 32.89
C LYS D 231 14.87 23.38 33.66
N LYS D 232 15.79 22.51 33.23
CA LYS D 232 17.03 22.29 33.96
C LYS D 232 18.26 22.42 33.07
N GLY D 233 18.15 23.20 32.00
CA GLY D 233 19.30 23.41 31.14
C GLY D 233 19.58 22.19 30.28
N ASN D 234 20.82 21.71 30.32
CA ASN D 234 21.22 20.57 29.51
C ASN D 234 20.71 19.25 30.08
N ASP D 235 20.33 19.21 31.35
CA ASP D 235 19.85 18.00 32.00
C ASP D 235 18.37 17.74 31.76
N SER D 236 17.76 18.43 30.79
CA SER D 236 16.32 18.33 30.56
C SER D 236 15.95 17.29 29.51
N LEU D 237 16.93 16.57 28.94
CA LEU D 237 16.66 15.56 27.94
C LEU D 237 17.16 14.21 28.41
N LYS D 238 16.28 13.22 28.39
CA LYS D 238 16.61 11.83 28.71
C LYS D 238 16.14 10.94 27.58
N THR D 239 16.79 9.78 27.46
CA THR D 239 16.44 8.81 26.43
C THR D 239 16.34 7.42 27.04
N ASP D 240 15.52 6.58 26.42
CA ASP D 240 15.40 5.19 26.82
C ASP D 240 16.64 4.41 26.45
N GLU D 241 17.01 3.43 27.27
CA GLU D 241 18.17 2.60 26.97
C GLU D 241 17.91 1.61 25.85
N ARG D 242 16.66 1.47 25.40
CA ARG D 242 16.31 0.52 24.36
C ARG D 242 16.15 1.16 22.98
N ILE D 243 16.45 2.45 22.84
CA ILE D 243 16.26 3.13 21.56
C ILE D 243 17.21 2.55 20.53
N SER D 244 16.65 2.12 19.39
CA SER D 244 17.44 1.42 18.39
C SER D 244 16.77 1.56 17.03
N LEU D 245 17.61 1.58 15.99
CA LEU D 245 17.17 1.51 14.61
C LEU D 245 17.94 0.38 13.93
N SER D 246 17.26 -0.36 13.06
CA SER D 246 17.92 -1.51 12.43
C SER D 246 18.94 -1.09 11.38
N GLN D 247 18.75 0.07 10.75
CA GLN D 247 19.59 0.50 9.65
C GLN D 247 20.52 1.66 9.99
N PHE D 248 20.40 2.26 11.17
CA PHE D 248 21.17 3.45 11.52
C PHE D 248 21.78 3.32 12.90
N LEU D 249 22.81 4.12 13.13
CA LEU D 249 23.41 4.33 14.44
C LEU D 249 23.05 5.73 14.93
N ILE D 250 22.58 5.83 16.17
CA ILE D 250 22.08 7.07 16.73
C ILE D 250 23.09 7.63 17.72
N GLN D 251 23.31 8.94 17.66
CA GLN D 251 24.30 9.57 18.53
C GLN D 251 24.01 11.05 18.69
N GLU D 252 24.57 11.62 19.76
CA GLU D 252 24.68 13.07 19.96
C GLU D 252 23.32 13.76 20.07
N PHE D 253 22.58 13.41 21.12
CA PHE D 253 21.40 14.17 21.51
C PHE D 253 21.80 15.42 22.29
N HIS D 254 21.24 16.58 21.91
CA HIS D 254 21.45 17.81 22.65
C HIS D 254 20.33 18.79 22.32
N THR D 255 20.26 19.87 23.09
CA THR D 255 19.18 20.85 23.01
C THR D 255 19.72 22.26 22.79
N THR D 256 18.92 23.08 22.10
CA THR D 256 19.26 24.49 21.83
C THR D 256 18.00 25.34 21.93
N THR D 257 18.16 26.64 21.67
CA THR D 257 17.09 27.62 21.76
C THR D 257 17.31 28.73 20.74
N LYS D 258 16.22 29.29 20.23
CA LYS D 258 16.31 30.37 19.25
C LYS D 258 14.97 31.09 19.14
N LEU D 259 15.02 32.38 18.81
CA LEU D 259 13.83 33.21 18.62
C LEU D 259 13.36 33.16 17.17
N ALA D 260 12.05 33.32 16.98
CA ALA D 260 11.43 33.26 15.66
C ALA D 260 10.47 34.42 15.49
N PHE D 261 10.31 34.85 14.23
CA PHE D 261 9.52 36.02 13.89
C PHE D 261 8.51 35.69 12.80
N TYR D 262 7.27 36.14 12.99
CA TYR D 262 6.24 36.09 11.96
C TYR D 262 5.82 37.53 11.66
N SER D 263 5.74 37.87 10.38
CA SER D 263 5.59 39.28 10.00
C SER D 263 4.28 39.89 10.45
N SER D 264 3.27 39.07 10.78
CA SER D 264 1.98 39.61 11.17
C SER D 264 1.52 39.23 12.57
N THR D 265 2.33 38.51 13.35
CA THR D 265 1.90 38.14 14.70
C THR D 265 2.91 38.48 15.79
N GLY D 266 4.22 38.39 15.51
CA GLY D 266 5.20 38.82 16.50
C GLY D 266 6.31 37.81 16.68
N TRP D 267 6.97 37.90 17.83
CA TRP D 267 8.16 37.10 18.16
C TRP D 267 7.81 35.95 19.09
N TYR D 268 8.45 34.80 18.87
CA TYR D 268 8.19 33.60 19.65
C TYR D 268 9.51 32.91 19.98
N ASN D 269 9.48 32.09 21.02
CA ASN D 269 10.64 31.36 21.51
C ASN D 269 10.53 29.88 21.12
N ARG D 270 11.59 29.32 20.56
CA ARG D 270 11.61 27.96 20.07
C ARG D 270 12.64 27.12 20.82
N LEU D 271 12.29 25.84 21.03
CA LEU D 271 13.19 24.85 21.61
C LEU D 271 13.49 23.77 20.59
N TYR D 272 14.71 23.25 20.62
CA TYR D 272 15.16 22.27 19.63
C TYR D 272 15.69 21.01 20.31
N ILE D 273 15.49 19.88 19.64
CA ILE D 273 16.06 18.59 20.02
C ILE D 273 16.81 18.05 18.81
N ASN D 274 18.13 17.91 18.93
CA ASN D 274 18.99 17.58 17.80
C ASN D 274 19.61 16.20 17.99
N PHE D 275 19.81 15.50 16.87
CA PHE D 275 20.45 14.19 16.89
C PHE D 275 21.02 13.90 15.50
N THR D 276 21.89 12.89 15.43
CA THR D 276 22.60 12.53 14.22
C THR D 276 22.44 11.04 13.94
N LEU D 277 22.43 10.68 12.66
CA LEU D 277 22.27 9.30 12.22
C LEU D 277 23.38 8.91 11.25
N ARG D 278 23.85 7.67 11.36
CA ARG D 278 24.84 7.12 10.43
C ARG D 278 24.34 5.77 9.93
N ARG D 279 24.34 5.60 8.60
CA ARG D 279 23.80 4.39 8.00
C ARG D 279 24.81 3.24 8.07
N HIS D 280 24.27 2.02 8.10
CA HIS D 280 25.06 0.80 8.07
C HIS D 280 25.33 0.41 6.61
N ILE D 281 26.58 0.03 6.33
CA ILE D 281 27.03 -0.17 4.96
C ILE D 281 27.07 -1.64 4.53
N PHE D 282 27.01 -2.59 5.47
CA PHE D 282 27.26 -3.99 5.16
C PHE D 282 26.28 -4.53 4.11
N PHE D 283 24.99 -4.25 4.30
CA PHE D 283 23.97 -4.79 3.39
C PHE D 283 24.20 -4.30 1.98
N PHE D 284 24.46 -3.00 1.81
CA PHE D 284 24.68 -2.46 0.48
C PHE D 284 25.94 -3.05 -0.16
N LEU D 285 27.00 -3.20 0.62
CA LEU D 285 28.19 -3.88 0.11
C LEU D 285 27.82 -5.22 -0.49
N LEU D 286 27.30 -6.13 0.35
CA LEU D 286 27.04 -7.51 -0.08
C LEU D 286 26.01 -7.58 -1.20
N GLN D 287 25.05 -6.66 -1.22
CA GLN D 287 23.94 -6.73 -2.17
C GLN D 287 24.25 -6.08 -3.52
N THR D 288 25.08 -5.03 -3.54
CA THR D 288 25.29 -4.26 -4.76
C THR D 288 26.74 -4.26 -5.24
N TYR D 289 27.71 -4.05 -4.35
CA TYR D 289 29.07 -3.84 -4.83
C TYR D 289 29.72 -5.15 -5.27
N PHE D 290 29.47 -6.23 -4.53
CA PHE D 290 30.04 -7.53 -4.87
C PHE D 290 29.56 -8.07 -6.22
N PRO D 291 28.25 -8.08 -6.52
CA PRO D 291 27.82 -8.58 -7.84
C PRO D 291 28.39 -7.82 -9.03
N ALA D 292 28.49 -6.49 -8.93
CA ALA D 292 29.03 -5.72 -10.05
C ALA D 292 30.49 -6.05 -10.30
N THR D 293 31.28 -6.18 -9.23
CA THR D 293 32.67 -6.57 -9.38
C THR D 293 32.80 -7.97 -9.96
N LEU D 294 31.91 -8.89 -9.54
CA LEU D 294 31.95 -10.23 -10.08
C LEU D 294 31.62 -10.24 -11.57
N MET D 295 30.66 -9.43 -12.00
CA MET D 295 30.35 -9.33 -13.43
C MET D 295 31.53 -8.74 -14.22
N VAL D 296 32.17 -7.71 -13.66
CA VAL D 296 33.32 -7.12 -14.34
C VAL D 296 34.44 -8.15 -14.50
N MET D 297 34.70 -8.93 -13.45
CA MET D 297 35.72 -9.97 -13.55
C MET D 297 35.31 -11.09 -14.49
N LEU D 298 34.01 -11.39 -14.57
CA LEU D 298 33.54 -12.41 -15.49
C LEU D 298 33.71 -11.98 -16.94
N SER D 299 33.68 -10.67 -17.21
CA SER D 299 33.94 -10.20 -18.57
C SER D 299 35.37 -10.44 -19.02
N TRP D 300 36.31 -10.57 -18.09
CA TRP D 300 37.71 -10.69 -18.46
C TRP D 300 38.11 -12.09 -18.92
N VAL D 301 37.31 -13.12 -18.60
CA VAL D 301 37.71 -14.48 -18.95
C VAL D 301 37.64 -14.72 -20.46
N SER D 302 36.96 -13.85 -21.21
CA SER D 302 36.90 -14.01 -22.65
C SER D 302 38.24 -13.73 -23.33
N PHE D 303 39.10 -12.90 -22.72
CA PHE D 303 40.40 -12.62 -23.30
C PHE D 303 41.30 -13.85 -23.37
N TRP D 304 40.98 -14.89 -22.61
CA TRP D 304 41.77 -16.12 -22.56
C TRP D 304 41.19 -17.23 -23.42
N ILE D 305 40.12 -16.98 -24.15
CA ILE D 305 39.46 -17.97 -24.99
C ILE D 305 39.90 -17.76 -26.42
N ASP D 306 40.04 -18.85 -27.18
CA ASP D 306 40.49 -18.78 -28.56
C ASP D 306 39.56 -17.90 -29.39
N ARG D 307 40.16 -17.07 -30.26
CA ARG D 307 39.39 -16.11 -31.03
C ARG D 307 38.57 -16.76 -32.15
N ARG D 308 38.77 -18.03 -32.42
CA ARG D 308 38.02 -18.69 -33.49
C ARG D 308 36.63 -19.16 -33.04
N ALA D 309 36.30 -19.05 -31.76
CA ALA D 309 34.97 -19.39 -31.27
C ALA D 309 34.14 -18.12 -31.10
N VAL D 310 33.66 -17.60 -32.23
CA VAL D 310 32.90 -16.35 -32.20
C VAL D 310 31.59 -16.47 -31.43
N PRO D 311 30.74 -17.47 -31.69
CA PRO D 311 29.50 -17.62 -30.91
C PRO D 311 29.70 -18.16 -29.51
N ALA D 312 30.95 -18.32 -29.06
CA ALA D 312 31.24 -18.60 -27.67
C ALA D 312 31.70 -17.37 -26.91
N ARG D 313 32.25 -16.37 -27.60
CA ARG D 313 32.74 -15.16 -26.97
C ARG D 313 31.76 -13.99 -27.05
N VAL D 314 30.93 -13.92 -28.09
CA VAL D 314 29.91 -12.86 -28.13
C VAL D 314 28.88 -13.00 -27.00
N PRO D 315 28.26 -14.16 -26.78
CA PRO D 315 27.21 -14.23 -25.75
C PRO D 315 27.69 -13.91 -24.35
N LEU D 316 28.94 -14.22 -24.01
CA LEU D 316 29.44 -13.94 -22.67
C LEU D 316 29.42 -12.44 -22.37
N GLY D 317 29.98 -11.63 -23.28
CA GLY D 317 29.93 -10.19 -23.12
C GLY D 317 28.52 -9.64 -23.13
N ILE D 318 27.67 -10.17 -24.02
CA ILE D 318 26.30 -9.66 -24.09
C ILE D 318 25.56 -9.92 -22.77
N THR D 319 25.71 -11.12 -22.22
CA THR D 319 25.03 -11.44 -20.97
C THR D 319 25.56 -10.62 -19.81
N THR D 320 26.87 -10.36 -19.78
CA THR D 320 27.40 -9.49 -18.73
C THR D 320 26.81 -8.09 -18.82
N VAL D 321 26.68 -7.55 -20.03
CA VAL D 321 26.07 -6.22 -20.20
C VAL D 321 24.64 -6.23 -19.69
N LEU D 322 23.87 -7.24 -20.06
CA LEU D 322 22.46 -7.28 -19.65
C LEU D 322 22.32 -7.40 -18.14
N THR D 323 23.15 -8.24 -17.50
CA THR D 323 23.07 -8.38 -16.06
C THR D 323 23.46 -7.08 -15.34
N MET D 324 24.48 -6.39 -15.85
CA MET D 324 24.84 -5.11 -15.26
C MET D 324 23.69 -4.11 -15.36
N SER D 325 23.01 -4.08 -16.51
CA SER D 325 21.87 -3.19 -16.68
C SER D 325 20.76 -3.54 -15.68
N THR D 326 20.50 -4.82 -15.48
CA THR D 326 19.47 -5.22 -14.52
C THR D 326 19.83 -4.78 -13.10
N ILE D 327 21.09 -4.94 -12.71
CA ILE D 327 21.51 -4.49 -11.38
C ILE D 327 21.32 -2.99 -11.22
N ILE D 328 21.72 -2.23 -12.25
CA ILE D 328 21.57 -0.77 -12.18
C ILE D 328 20.11 -0.38 -12.03
N THR D 329 19.23 -1.02 -12.82
CA THR D 329 17.81 -0.72 -12.71
C THR D 329 17.25 -1.06 -11.33
N GLY D 330 17.67 -2.21 -10.77
CA GLY D 330 17.15 -2.61 -9.49
C GLY D 330 17.60 -1.76 -8.32
N VAL D 331 18.77 -1.11 -8.46
CA VAL D 331 19.32 -0.35 -7.34
C VAL D 331 18.44 0.87 -7.01
N ASN D 332 17.90 1.53 -8.03
CA ASN D 332 17.24 2.82 -7.85
C ASN D 332 15.81 2.73 -7.37
N ALA D 333 15.27 1.52 -7.19
CA ALA D 333 13.84 1.36 -6.92
C ALA D 333 13.40 2.00 -5.60
N SER D 334 14.32 2.22 -4.67
CA SER D 334 13.96 2.64 -3.32
C SER D 334 14.21 4.12 -3.05
N MET D 335 14.58 4.90 -4.07
CA MET D 335 15.10 6.23 -3.79
C MET D 335 14.30 7.32 -4.46
N PRO D 336 14.31 8.53 -3.92
CA PRO D 336 13.66 9.65 -4.60
C PRO D 336 14.44 10.10 -5.83
N ARG D 337 13.77 10.88 -6.68
CA ARG D 337 14.32 11.31 -7.95
C ARG D 337 14.98 12.68 -7.77
N VAL D 338 16.19 12.66 -7.24
CA VAL D 338 16.96 13.88 -7.00
C VAL D 338 17.62 14.33 -8.29
N SER D 339 18.10 15.57 -8.32
CA SER D 339 18.68 16.16 -9.53
C SER D 339 20.20 16.10 -9.55
N TYR D 340 20.81 15.20 -8.78
CA TYR D 340 22.26 15.05 -8.76
C TYR D 340 22.59 13.57 -8.65
N ILE D 341 23.86 13.24 -8.89
CA ILE D 341 24.30 11.85 -8.91
C ILE D 341 24.77 11.45 -7.51
N LYS D 342 24.53 10.18 -7.17
CA LYS D 342 24.92 9.60 -5.90
C LYS D 342 26.22 8.80 -6.05
N ALA D 343 26.77 8.39 -4.91
CA ALA D 343 28.07 7.71 -4.91
C ALA D 343 27.98 6.33 -5.57
N VAL D 344 26.90 5.59 -5.34
CA VAL D 344 26.78 4.24 -5.88
C VAL D 344 26.57 4.27 -7.39
N ASP D 345 25.92 5.32 -7.91
CA ASP D 345 25.68 5.43 -9.34
C ASP D 345 26.98 5.53 -10.13
N ILE D 346 27.95 6.27 -9.59
CA ILE D 346 29.25 6.40 -10.26
C ILE D 346 29.90 5.03 -10.43
N TYR D 347 29.92 4.24 -9.35
CA TYR D 347 30.51 2.91 -9.39
C TYR D 347 29.81 2.03 -10.41
N LEU D 348 28.47 2.02 -10.39
CA LEU D 348 27.73 1.13 -11.28
C LEU D 348 27.92 1.50 -12.74
N TRP D 349 27.91 2.81 -13.05
CA TRP D 349 28.04 3.21 -14.45
C TRP D 349 29.47 3.04 -14.98
N VAL D 350 30.48 3.21 -14.12
CA VAL D 350 31.84 2.90 -14.55
C VAL D 350 31.98 1.40 -14.85
N SER D 351 31.37 0.56 -14.02
CA SER D 351 31.40 -0.88 -14.30
C SER D 351 30.71 -1.21 -15.63
N PHE D 352 29.58 -0.57 -15.88
CA PHE D 352 28.88 -0.76 -17.16
C PHE D 352 29.76 -0.38 -18.34
N VAL D 353 30.46 0.75 -18.25
CA VAL D 353 31.34 1.18 -19.32
C VAL D 353 32.46 0.17 -19.54
N PHE D 354 33.03 -0.36 -18.45
CA PHE D 354 34.07 -1.38 -18.57
C PHE D 354 33.58 -2.58 -19.37
N VAL D 355 32.38 -3.07 -19.06
CA VAL D 355 31.86 -4.23 -19.77
C VAL D 355 31.59 -3.91 -21.23
N PHE D 356 31.08 -2.71 -21.51
CA PHE D 356 30.82 -2.31 -22.90
C PHE D 356 32.11 -2.29 -23.72
N LEU D 357 33.19 -1.74 -23.15
CA LEU D 357 34.47 -1.74 -23.87
C LEU D 357 35.00 -3.16 -24.07
N SER D 358 34.79 -4.03 -23.09
CA SER D 358 35.15 -5.43 -23.26
C SER D 358 34.45 -6.03 -24.47
N VAL D 359 33.18 -5.67 -24.68
CA VAL D 359 32.46 -6.17 -25.85
C VAL D 359 33.06 -5.61 -27.15
N LEU D 360 33.41 -4.32 -27.16
CA LEU D 360 33.95 -3.72 -28.39
C LEU D 360 35.31 -4.31 -28.79
N GLU D 361 36.10 -4.73 -27.80
CA GLU D 361 37.44 -5.24 -28.09
C GLU D 361 37.40 -6.45 -29.02
N TYR D 362 36.47 -7.38 -28.78
CA TYR D 362 36.42 -8.59 -29.60
C TYR D 362 35.96 -8.27 -31.03
N ALA D 363 35.06 -7.31 -31.19
CA ALA D 363 34.67 -6.89 -32.53
C ALA D 363 35.87 -6.35 -33.29
N ALA D 364 36.70 -5.54 -32.63
CA ALA D 364 37.91 -5.05 -33.29
C ALA D 364 38.82 -6.21 -33.69
N VAL D 365 39.02 -7.17 -32.79
CA VAL D 365 39.91 -8.30 -33.08
C VAL D 365 39.39 -9.10 -34.28
N ASN D 366 38.09 -9.38 -34.30
CA ASN D 366 37.50 -10.14 -35.39
C ASN D 366 37.63 -9.42 -36.73
N TYR D 367 37.34 -8.12 -36.75
CA TYR D 367 37.47 -7.37 -38.00
C TYR D 367 38.90 -7.40 -38.51
N LEU D 368 39.89 -7.17 -37.62
CA LEU D 368 41.28 -7.17 -38.07
C LEU D 368 41.71 -8.54 -38.58
N THR D 369 41.26 -9.62 -37.91
CA THR D 369 41.60 -10.96 -38.37
C THR D 369 41.04 -11.22 -39.77
N THR D 370 39.78 -10.84 -40.01
CA THR D 370 39.19 -11.06 -41.32
C THR D 370 39.92 -10.25 -42.39
N VAL D 371 40.27 -9.00 -42.09
CA VAL D 371 41.00 -8.18 -43.06
C VAL D 371 42.35 -8.80 -43.39
N GLN D 372 43.07 -9.29 -42.36
CA GLN D 372 44.37 -9.91 -42.60
C GLN D 372 44.22 -11.17 -43.46
N GLU D 373 43.19 -11.97 -43.19
CA GLU D 373 42.96 -13.16 -44.01
C GLU D 373 42.70 -12.79 -45.45
N ARG D 374 41.87 -11.77 -45.69
CA ARG D 374 41.62 -11.36 -47.07
C ARG D 374 42.90 -10.88 -47.75
N LYS D 375 43.71 -10.08 -47.04
CA LYS D 375 44.94 -9.58 -47.65
C LYS D 375 45.90 -10.71 -47.98
N GLU D 376 46.03 -11.69 -47.09
CA GLU D 376 46.91 -12.83 -47.37
C GLU D 376 46.35 -13.67 -48.52
N GLN D 377 45.02 -13.78 -48.62
CA GLN D 377 44.42 -14.52 -49.72
C GLN D 377 44.70 -13.85 -51.05
N LYS D 378 44.62 -12.52 -51.10
CA LYS D 378 44.79 -11.80 -52.36
C LYS D 378 46.21 -11.85 -52.90
N LEU D 379 47.19 -12.30 -52.12
CA LEU D 379 48.55 -12.39 -52.61
C LEU D 379 48.76 -13.55 -53.56
N ARG D 380 47.80 -14.47 -53.68
CA ARG D 380 47.92 -15.58 -54.60
C ARG D 380 47.00 -15.39 -55.81
N ASP D 451 47.91 -18.77 -32.93
CA ASP D 451 48.61 -17.66 -32.28
C ASP D 451 47.63 -16.65 -31.70
N THR D 452 48.12 -15.81 -30.80
CA THR D 452 47.29 -14.86 -30.08
C THR D 452 47.51 -13.46 -30.66
N HIS D 453 46.41 -12.76 -30.91
CA HIS D 453 46.49 -11.38 -31.37
C HIS D 453 47.04 -10.48 -30.28
N ALA D 454 47.70 -9.40 -30.69
CA ALA D 454 48.32 -8.49 -29.72
C ALA D 454 47.29 -7.80 -28.84
N ILE D 455 46.08 -7.57 -29.37
CA ILE D 455 45.07 -6.84 -28.62
C ILE D 455 44.64 -7.63 -27.38
N ASP D 456 44.42 -8.93 -27.53
CA ASP D 456 44.08 -9.77 -26.38
C ASP D 456 45.20 -9.79 -25.36
N LYS D 457 46.44 -9.94 -25.84
CA LYS D 457 47.59 -10.03 -24.95
C LYS D 457 47.76 -8.75 -24.13
N TYR D 458 47.49 -7.60 -24.75
CA TYR D 458 47.57 -6.35 -24.00
C TYR D 458 46.36 -6.13 -23.10
N SER D 459 45.17 -6.56 -23.54
CA SER D 459 43.96 -6.38 -22.73
C SER D 459 44.06 -7.14 -21.42
N ARG D 460 44.64 -8.35 -21.47
CA ARG D 460 44.74 -9.19 -20.28
C ARG D 460 45.42 -8.48 -19.11
N ILE D 461 46.32 -7.54 -19.40
CA ILE D 461 46.99 -6.77 -18.36
C ILE D 461 46.34 -5.40 -18.17
N ILE D 462 45.91 -4.76 -19.25
CA ILE D 462 45.46 -3.38 -19.15
C ILE D 462 44.13 -3.27 -18.41
N PHE D 463 43.17 -4.16 -18.68
CA PHE D 463 41.87 -4.02 -18.04
C PHE D 463 41.92 -4.17 -16.52
N PRO D 464 42.52 -5.23 -15.94
CA PRO D 464 42.54 -5.34 -14.48
C PRO D 464 43.28 -4.20 -13.79
N ALA D 465 44.37 -3.71 -14.39
CA ALA D 465 45.13 -2.62 -13.77
C ALA D 465 44.30 -1.35 -13.69
N ALA D 466 43.59 -1.02 -14.76
CA ALA D 466 42.72 0.15 -14.74
C ALA D 466 41.60 0.00 -13.72
N TYR D 467 41.01 -1.19 -13.63
CA TYR D 467 39.94 -1.38 -12.65
C TYR D 467 40.46 -1.23 -11.22
N ILE D 468 41.65 -1.77 -10.94
CA ILE D 468 42.24 -1.66 -9.61
C ILE D 468 42.55 -0.20 -9.28
N LEU D 469 43.08 0.55 -10.25
CA LEU D 469 43.37 1.96 -10.02
C LEU D 469 42.09 2.75 -9.73
N PHE D 470 41.03 2.47 -10.49
CA PHE D 470 39.75 3.13 -10.23
C PHE D 470 39.24 2.82 -8.82
N ASN D 471 39.35 1.56 -8.39
CA ASN D 471 38.89 1.20 -7.05
C ASN D 471 39.70 1.92 -5.98
N LEU D 472 41.02 2.00 -6.16
CA LEU D 472 41.86 2.72 -5.21
C LEU D 472 41.40 4.17 -5.06
N ILE D 473 41.22 4.87 -6.18
CA ILE D 473 40.84 6.28 -6.12
C ILE D 473 39.44 6.42 -5.50
N TYR D 474 38.49 5.58 -5.92
CA TYR D 474 37.12 5.68 -5.44
C TYR D 474 37.03 5.47 -3.94
N TRP D 475 37.72 4.44 -3.42
CA TRP D 475 37.63 4.18 -2.00
C TRP D 475 38.53 5.09 -1.17
N SER D 476 39.47 5.81 -1.79
CA SER D 476 40.13 6.88 -1.07
C SER D 476 39.23 8.10 -0.93
N ILE D 477 38.47 8.44 -1.98
CA ILE D 477 37.63 9.63 -1.91
C ILE D 477 36.46 9.43 -0.93
N PHE D 478 35.76 8.32 -1.05
CA PHE D 478 34.57 8.07 -0.25
C PHE D 478 34.87 7.26 1.01
N SER D 479 36.15 7.01 1.30
CA SER D 479 36.59 6.39 2.56
C SER D 479 36.03 4.98 2.73
N GLN E 77 -15.98 37.33 33.78
CA GLN E 77 -15.50 37.08 32.42
C GLN E 77 -15.26 38.38 31.67
N LEU E 78 -14.16 38.43 30.93
CA LEU E 78 -13.83 39.64 30.17
C LEU E 78 -14.71 39.78 28.93
N LEU E 79 -15.08 38.67 28.31
CA LEU E 79 -15.95 38.66 27.13
C LEU E 79 -17.34 38.22 27.52
N ARG E 80 -18.36 38.95 27.04
CA ARG E 80 -19.76 38.65 27.36
C ARG E 80 -20.33 37.69 26.31
N ILE E 81 -19.88 36.44 26.40
CA ILE E 81 -20.32 35.42 25.45
C ILE E 81 -21.78 35.04 25.67
N ASP E 82 -22.19 34.93 26.94
CA ASP E 82 -23.52 34.41 27.26
C ASP E 82 -24.64 35.38 26.90
N ASP E 83 -24.34 36.62 26.57
CA ASP E 83 -25.37 37.63 26.32
C ASP E 83 -25.79 37.72 24.86
N HIS E 84 -25.27 36.88 23.98
CA HIS E 84 -25.50 37.01 22.56
C HIS E 84 -25.81 35.66 21.94
N ASP E 85 -26.44 35.69 20.76
CA ASP E 85 -26.76 34.51 19.98
C ASP E 85 -25.83 34.48 18.79
N PHE E 86 -24.81 33.61 18.85
CA PHE E 86 -23.78 33.54 17.82
C PHE E 86 -24.12 32.56 16.71
N SER E 87 -25.40 32.24 16.52
CA SER E 87 -25.83 31.52 15.33
C SER E 87 -26.09 32.44 14.16
N MET E 88 -25.98 33.75 14.35
CA MET E 88 -26.17 34.74 13.30
C MET E 88 -24.88 35.52 13.11
N ARG E 89 -24.60 35.86 11.86
CA ARG E 89 -23.38 36.58 11.51
C ARG E 89 -23.46 38.03 11.99
N PRO E 90 -22.30 38.70 12.09
CA PRO E 90 -22.34 40.16 12.33
C PRO E 90 -23.04 40.88 11.19
N GLY E 91 -23.86 41.85 11.54
CA GLY E 91 -24.67 42.56 10.55
C GLY E 91 -25.73 41.68 9.92
N PHE E 92 -26.34 40.79 10.70
CA PHE E 92 -27.37 39.88 10.18
C PHE E 92 -28.55 40.67 9.66
N GLY E 93 -29.00 40.34 8.45
CA GLY E 93 -30.12 41.03 7.84
C GLY E 93 -29.78 42.37 7.22
N GLY E 94 -28.51 42.69 7.03
CA GLY E 94 -28.11 43.96 6.47
C GLY E 94 -27.06 43.81 5.39
N PRO E 95 -26.18 44.80 5.29
CA PRO E 95 -25.10 44.73 4.29
C PRO E 95 -24.12 43.62 4.61
N ALA E 96 -23.38 43.22 3.57
CA ALA E 96 -22.41 42.14 3.71
C ALA E 96 -21.25 42.56 4.60
N ILE E 97 -20.58 41.58 5.18
CA ILE E 97 -19.45 41.80 6.08
C ILE E 97 -18.18 41.45 5.34
N PRO E 98 -17.16 42.33 5.34
CA PRO E 98 -15.90 42.01 4.66
C PRO E 98 -15.01 41.11 5.51
N VAL E 99 -14.34 40.17 4.84
CA VAL E 99 -13.40 39.25 5.48
C VAL E 99 -12.13 39.23 4.65
N GLY E 100 -10.99 39.55 5.27
CA GLY E 100 -9.71 39.51 4.62
C GLY E 100 -8.94 38.23 4.91
N VAL E 101 -8.05 37.86 3.99
CA VAL E 101 -7.36 36.58 4.04
C VAL E 101 -5.88 36.78 3.76
N ASP E 102 -5.04 36.09 4.55
CA ASP E 102 -3.59 36.14 4.46
C ASP E 102 -3.06 34.72 4.60
N VAL E 103 -1.95 34.41 3.92
CA VAL E 103 -1.47 33.03 3.80
C VAL E 103 0.06 32.98 3.85
N GLN E 104 0.60 31.97 4.54
CA GLN E 104 2.01 31.61 4.45
C GLN E 104 2.13 30.11 4.16
N VAL E 105 2.86 29.77 3.11
CA VAL E 105 3.03 28.39 2.67
C VAL E 105 4.24 27.77 3.36
N GLU E 106 4.05 26.60 3.96
CA GLU E 106 5.13 25.92 4.68
C GLU E 106 5.85 24.86 3.85
N SER E 107 5.12 24.02 3.10
CA SER E 107 5.80 22.97 2.34
C SER E 107 4.91 22.48 1.21
N LEU E 108 5.57 21.93 0.18
CA LEU E 108 4.93 21.13 -0.86
C LEU E 108 5.42 19.70 -0.71
N ASP E 109 4.49 18.76 -0.54
CA ASP E 109 4.83 17.43 -0.05
C ASP E 109 5.06 16.41 -1.16
N SER E 110 4.07 16.17 -2.00
CA SER E 110 4.20 15.10 -2.99
C SER E 110 3.38 15.42 -4.22
N ILE E 111 3.76 14.79 -5.33
CA ILE E 111 3.10 14.98 -6.62
C ILE E 111 2.91 13.61 -7.25
N SER E 112 1.67 13.30 -7.64
CA SER E 112 1.32 12.00 -8.18
C SER E 112 0.90 12.16 -9.63
N GLU E 113 1.56 11.42 -10.53
CA GLU E 113 1.19 11.48 -11.95
C GLU E 113 -0.02 10.62 -12.25
N VAL E 114 -0.14 9.46 -11.60
CA VAL E 114 -1.28 8.59 -11.84
C VAL E 114 -2.57 9.21 -11.30
N ASP E 115 -2.49 9.83 -10.12
CA ASP E 115 -3.67 10.45 -9.52
C ASP E 115 -3.85 11.90 -9.94
N MET E 116 -2.78 12.57 -10.39
CA MET E 116 -2.84 13.96 -10.86
C MET E 116 -3.32 14.90 -9.76
N ASP E 117 -2.51 14.98 -8.71
CA ASP E 117 -2.81 15.82 -7.55
C ASP E 117 -1.51 16.18 -6.83
N PHE E 118 -1.63 17.10 -5.87
CA PHE E 118 -0.50 17.55 -5.06
C PHE E 118 -0.98 17.81 -3.63
N THR E 119 -0.03 17.87 -2.70
CA THR E 119 -0.30 18.08 -1.28
C THR E 119 0.44 19.32 -0.79
N MET E 120 -0.21 20.13 0.03
CA MET E 120 0.34 21.38 0.53
C MET E 120 -0.01 21.56 2.00
N THR E 121 0.90 22.18 2.75
CA THR E 121 0.67 22.58 4.14
C THR E 121 0.86 24.09 4.25
N LEU E 122 -0.07 24.73 4.96
CA LEU E 122 -0.03 26.18 5.06
C LEU E 122 -0.74 26.77 6.27
N TYR E 123 -0.42 28.01 6.57
CA TYR E 123 -1.09 28.76 7.63
C TYR E 123 -2.12 29.69 7.01
N LEU E 124 -3.34 29.68 7.53
CA LEU E 124 -4.45 30.44 6.98
C LEU E 124 -4.99 31.40 8.04
N ARG E 125 -5.15 32.67 7.68
CA ARG E 125 -5.51 33.72 8.61
C ARG E 125 -6.72 34.51 8.11
N HIS E 126 -7.57 34.93 9.05
CA HIS E 126 -8.80 35.63 8.74
C HIS E 126 -8.88 36.93 9.55
N TYR E 127 -9.52 37.94 8.96
CA TYR E 127 -9.66 39.25 9.58
C TYR E 127 -11.09 39.74 9.41
N TRP E 128 -11.72 40.17 10.52
CA TRP E 128 -13.05 40.77 10.46
C TRP E 128 -13.30 41.49 11.78
N LYS E 129 -14.43 42.20 11.83
CA LYS E 129 -14.81 42.96 13.02
C LYS E 129 -16.19 42.52 13.52
N ASP E 130 -16.29 42.36 14.83
CA ASP E 130 -17.55 41.94 15.48
C ASP E 130 -17.70 42.73 16.77
N GLU E 131 -18.68 43.63 16.81
CA GLU E 131 -18.84 44.50 17.96
C GLU E 131 -19.33 43.78 19.21
N ARG E 132 -19.81 42.54 19.07
CA ARG E 132 -20.22 41.78 20.25
C ARG E 132 -19.05 41.29 21.08
N LEU E 133 -17.83 41.39 20.57
CA LEU E 133 -16.63 40.94 21.28
C LEU E 133 -15.83 42.10 21.88
N SER E 134 -16.43 43.27 22.01
CA SER E 134 -15.75 44.41 22.58
C SER E 134 -15.61 44.28 24.09
N PHE E 135 -14.49 44.75 24.62
CA PHE E 135 -14.23 44.76 26.05
C PHE E 135 -13.46 46.03 26.43
N PRO E 136 -13.57 46.48 27.68
CA PRO E 136 -12.92 47.73 28.07
C PRO E 136 -11.48 47.54 28.54
N SER E 137 -10.63 48.48 28.13
CA SER E 137 -9.22 48.49 28.52
C SER E 137 -8.67 49.89 28.31
N THR E 138 -7.40 50.06 28.68
CA THR E 138 -6.74 51.35 28.52
C THR E 138 -5.57 51.34 27.55
N ASN E 139 -4.94 50.18 27.33
CA ASN E 139 -3.73 50.13 26.51
C ASN E 139 -4.01 50.04 25.01
N ASN E 140 -5.17 49.52 24.62
CA ASN E 140 -5.56 49.38 23.22
C ASN E 140 -4.59 48.46 22.47
N LEU E 141 -4.48 47.23 22.95
CA LEU E 141 -3.61 46.23 22.37
C LEU E 141 -4.36 44.90 22.26
N SER E 142 -3.91 44.06 21.34
CA SER E 142 -4.51 42.75 21.17
C SER E 142 -4.22 41.86 22.37
N MET E 143 -5.20 41.01 22.71
CA MET E 143 -5.05 40.02 23.76
C MET E 143 -5.28 38.64 23.16
N THR E 144 -4.55 37.65 23.67
CA THR E 144 -4.61 36.29 23.15
C THR E 144 -5.42 35.41 24.10
N PHE E 145 -6.34 34.63 23.54
CA PHE E 145 -7.16 33.70 24.30
C PHE E 145 -6.83 32.27 23.91
N ASP E 146 -7.16 31.33 24.79
CA ASP E 146 -6.54 30.02 24.76
C ASP E 146 -6.87 29.22 23.51
N GLY E 147 -8.07 29.40 22.95
CA GLY E 147 -8.43 28.73 21.72
C GLY E 147 -9.61 27.78 21.81
N ARG E 148 -10.06 27.43 23.01
CA ARG E 148 -11.30 26.68 23.13
C ARG E 148 -12.53 27.59 23.10
N LEU E 149 -12.31 28.90 23.07
CA LEU E 149 -13.39 29.88 22.94
C LEU E 149 -13.88 30.00 21.50
N VAL E 150 -13.20 29.37 20.55
CA VAL E 150 -13.60 29.47 19.14
C VAL E 150 -14.97 28.87 18.93
N LYS E 151 -15.23 27.71 19.54
CA LYS E 151 -16.50 27.00 19.36
C LYS E 151 -17.68 27.68 20.04
N LYS E 152 -17.54 28.88 20.62
CA LYS E 152 -18.65 29.57 21.25
C LYS E 152 -18.99 30.88 20.58
N ILE E 153 -18.28 31.26 19.52
CA ILE E 153 -18.48 32.51 18.80
C ILE E 153 -18.70 32.20 17.33
N TRP E 154 -19.08 33.23 16.59
CA TRP E 154 -19.22 33.11 15.14
C TRP E 154 -17.86 33.16 14.45
N VAL E 155 -17.70 32.36 13.42
CA VAL E 155 -16.44 32.24 12.70
C VAL E 155 -16.74 31.96 11.22
N PRO E 156 -15.93 32.47 10.28
CA PRO E 156 -16.16 32.18 8.86
C PRO E 156 -16.04 30.69 8.54
N ASP E 157 -16.44 30.34 7.32
CA ASP E 157 -16.67 28.96 6.92
C ASP E 157 -15.99 28.65 5.58
N MET E 158 -14.71 28.95 5.47
CA MET E 158 -13.98 28.71 4.22
C MET E 158 -13.76 27.22 3.99
N PHE E 159 -13.71 26.83 2.71
CA PHE E 159 -13.40 25.46 2.31
C PHE E 159 -12.60 25.49 1.02
N PHE E 160 -11.94 24.38 0.72
CA PHE E 160 -11.07 24.27 -0.44
C PHE E 160 -11.82 23.59 -1.59
N VAL E 161 -11.95 24.29 -2.70
CA VAL E 161 -12.70 23.81 -3.85
C VAL E 161 -11.85 22.80 -4.63
N HIS E 162 -12.49 21.73 -5.10
CA HIS E 162 -11.87 20.70 -5.93
C HIS E 162 -10.77 19.94 -5.19
N SER E 163 -10.93 19.73 -3.89
CA SER E 163 -9.96 19.00 -3.09
C SER E 163 -10.44 17.59 -2.81
N LYS E 164 -9.49 16.68 -2.58
CA LYS E 164 -9.80 15.29 -2.33
C LYS E 164 -9.89 14.97 -0.84
N ARG E 165 -8.99 15.52 -0.02
CA ARG E 165 -9.00 15.27 1.41
C ARG E 165 -8.16 16.34 2.09
N SER E 166 -8.41 16.54 3.38
CA SER E 166 -7.68 17.53 4.17
C SER E 166 -7.98 17.33 5.65
N PHE E 167 -7.15 17.92 6.50
CA PHE E 167 -7.33 17.82 7.95
C PHE E 167 -6.65 18.99 8.63
N ILE E 168 -6.94 19.14 9.92
CA ILE E 168 -6.33 20.16 10.77
C ILE E 168 -5.49 19.46 11.82
N HIS E 169 -4.25 19.91 11.99
CA HIS E 169 -3.34 19.32 12.96
C HIS E 169 -3.79 19.57 14.39
N ASP E 170 -3.63 18.58 15.26
CA ASP E 170 -4.23 18.65 16.59
C ASP E 170 -3.33 18.07 17.69
N THR E 171 -2.01 18.19 17.56
CA THR E 171 -1.09 17.76 18.62
C THR E 171 -0.16 18.93 18.95
N THR E 172 -0.03 19.26 20.23
CA THR E 172 -0.66 18.54 21.34
C THR E 172 -2.09 18.99 21.60
N THR E 173 -2.48 20.08 20.94
CA THR E 173 -3.85 20.56 20.92
C THR E 173 -4.15 21.06 19.52
N ASP E 174 -5.37 21.55 19.31
CA ASP E 174 -5.72 22.15 18.03
C ASP E 174 -4.83 23.34 17.75
N ASN E 175 -4.25 23.37 16.55
CA ASN E 175 -3.34 24.45 16.12
C ASN E 175 -4.19 25.65 15.71
N VAL E 176 -4.66 26.40 16.71
CA VAL E 176 -5.62 27.48 16.51
C VAL E 176 -5.18 28.69 17.34
N MET E 177 -5.31 29.88 16.74
CA MET E 177 -4.96 31.14 17.41
C MET E 177 -6.16 32.08 17.36
N LEU E 178 -6.39 32.80 18.45
CA LEU E 178 -7.49 33.75 18.54
C LEU E 178 -7.01 34.99 19.28
N ARG E 179 -7.04 36.14 18.60
CA ARG E 179 -6.64 37.41 19.18
C ARG E 179 -7.71 38.45 18.94
N VAL E 180 -8.04 39.22 19.97
CA VAL E 180 -9.12 40.20 19.91
C VAL E 180 -8.61 41.53 20.46
N GLN E 181 -8.88 42.61 19.73
CA GLN E 181 -8.60 43.98 20.16
C GLN E 181 -9.79 44.53 20.93
N PRO E 182 -9.58 45.56 21.76
CA PRO E 182 -10.67 46.07 22.60
C PRO E 182 -11.88 46.56 21.83
N ASP E 183 -11.71 47.01 20.58
CA ASP E 183 -12.84 47.48 19.80
C ASP E 183 -13.62 46.35 19.13
N GLY E 184 -13.02 45.18 18.98
CA GLY E 184 -13.74 44.05 18.40
C GLY E 184 -13.13 43.48 17.14
N LYS E 185 -11.94 43.94 16.74
CA LYS E 185 -11.25 43.33 15.61
C LYS E 185 -10.70 41.98 16.01
N VAL E 186 -10.75 41.02 15.09
CA VAL E 186 -10.43 39.63 15.36
C VAL E 186 -9.38 39.14 14.37
N LEU E 187 -8.43 38.34 14.86
CA LEU E 187 -7.50 37.60 14.03
C LEU E 187 -7.60 36.12 14.39
N TYR E 188 -7.68 35.26 13.37
CA TYR E 188 -7.96 33.84 13.56
C TYR E 188 -7.10 33.04 12.59
N SER E 189 -6.29 32.12 13.11
CA SER E 189 -5.28 31.43 12.33
C SER E 189 -5.38 29.91 12.54
N LEU E 190 -5.04 29.16 11.48
CA LEU E 190 -5.14 27.71 11.49
C LEU E 190 -3.98 27.11 10.70
N ARG E 191 -3.70 25.83 10.96
CA ARG E 191 -2.68 25.07 10.24
C ARG E 191 -3.33 23.84 9.64
N VAL E 192 -3.27 23.70 8.31
CA VAL E 192 -4.00 22.67 7.59
C VAL E 192 -3.10 22.02 6.53
N THR E 193 -3.50 20.82 6.11
CA THR E 193 -2.87 20.09 5.01
C THR E 193 -3.96 19.69 4.03
N VAL E 194 -3.74 19.95 2.74
CA VAL E 194 -4.76 19.76 1.70
C VAL E 194 -4.17 18.94 0.56
N THR E 195 -4.99 18.07 -0.02
CA THR E 195 -4.69 17.40 -1.29
C THR E 195 -5.68 17.88 -2.33
N ALA E 196 -5.18 18.39 -3.45
CA ALA E 196 -6.01 19.02 -4.46
C ALA E 196 -5.66 18.52 -5.85
N MET E 197 -6.64 18.57 -6.74
CA MET E 197 -6.50 18.05 -8.10
C MET E 197 -5.76 19.04 -9.00
N CYS E 198 -4.99 18.50 -9.94
CA CYS E 198 -4.33 19.30 -10.97
C CYS E 198 -4.31 18.51 -12.27
N ASN E 199 -4.76 19.14 -13.35
CA ASN E 199 -4.87 18.50 -14.65
C ASN E 199 -3.57 18.69 -15.42
N MET E 200 -2.87 17.59 -15.70
CA MET E 200 -1.54 17.63 -16.28
C MET E 200 -1.55 17.12 -17.72
N ASP E 201 -0.63 17.67 -18.52
CA ASP E 201 -0.46 17.32 -19.93
C ASP E 201 0.93 16.73 -20.13
N PHE E 202 1.00 15.55 -20.71
CA PHE E 202 2.24 14.78 -20.79
C PHE E 202 2.73 14.60 -22.23
N SER E 203 2.36 15.50 -23.14
CA SER E 203 2.79 15.35 -24.53
C SER E 203 4.28 15.59 -24.71
N ARG E 204 4.90 16.39 -23.83
CA ARG E 204 6.33 16.66 -23.89
C ARG E 204 7.11 15.96 -22.77
N PHE E 205 6.48 15.03 -22.06
CA PHE E 205 7.14 14.32 -20.97
C PHE E 205 8.33 13.56 -21.52
N PRO E 206 9.48 13.55 -20.80
CA PRO E 206 9.74 14.15 -19.50
C PRO E 206 10.36 15.54 -19.52
N LEU E 207 10.19 16.29 -20.61
CA LEU E 207 10.69 17.65 -20.72
C LEU E 207 9.55 18.68 -20.59
N ASP E 208 8.61 18.42 -19.70
CA ASP E 208 7.35 19.16 -19.62
C ASP E 208 7.37 20.20 -18.49
N THR E 209 6.34 21.04 -18.50
CA THR E 209 6.11 22.07 -17.51
C THR E 209 4.63 22.08 -17.14
N GLN E 210 4.32 22.17 -15.85
CA GLN E 210 2.95 22.09 -15.37
C GLN E 210 2.59 23.35 -14.57
N THR E 211 1.29 23.67 -14.56
CA THR E 211 0.76 24.79 -13.78
C THR E 211 -0.41 24.30 -12.94
N CYS E 212 -0.41 24.65 -11.66
CA CYS E 212 -1.43 24.20 -10.72
C CYS E 212 -1.90 25.38 -9.86
N SER E 213 -3.04 25.21 -9.22
CA SER E 213 -3.61 26.26 -8.39
C SER E 213 -4.43 25.66 -7.25
N LEU E 214 -4.63 26.47 -6.21
CA LEU E 214 -5.44 26.11 -5.05
C LEU E 214 -6.52 27.18 -4.86
N GLU E 215 -7.75 26.75 -4.57
CA GLU E 215 -8.91 27.62 -4.59
C GLU E 215 -9.58 27.66 -3.23
N ILE E 216 -9.98 28.86 -2.81
CA ILE E 216 -10.54 29.11 -1.49
C ILE E 216 -11.86 29.86 -1.65
N GLU E 217 -12.89 29.41 -0.95
CA GLU E 217 -14.24 29.96 -1.11
C GLU E 217 -15.04 29.65 0.16
N SER E 218 -16.06 30.48 0.41
CA SER E 218 -16.96 30.23 1.53
C SER E 218 -18.03 29.26 1.04
N TYR E 219 -18.51 28.40 1.93
CA TYR E 219 -19.46 27.37 1.55
C TYR E 219 -20.91 27.87 1.57
N ALA E 220 -21.27 28.65 2.59
CA ALA E 220 -22.67 28.90 2.88
C ALA E 220 -23.16 30.30 2.49
N TYR E 221 -22.30 31.30 2.46
CA TYR E 221 -22.70 32.69 2.26
C TYR E 221 -22.36 33.16 0.86
N THR E 222 -23.33 33.82 0.21
CA THR E 222 -23.10 34.41 -1.10
C THR E 222 -22.50 35.81 -0.95
N GLU E 223 -22.20 36.45 -2.08
CA GLU E 223 -21.57 37.76 -2.06
C GLU E 223 -22.46 38.84 -1.46
N ASP E 224 -23.77 38.59 -1.35
CA ASP E 224 -24.67 39.52 -0.68
C ASP E 224 -24.58 39.44 0.84
N ASP E 225 -23.90 38.44 1.38
CA ASP E 225 -23.73 38.28 2.82
C ASP E 225 -22.29 38.39 3.29
N LEU E 226 -21.32 37.96 2.49
CA LEU E 226 -19.93 37.93 2.89
C LEU E 226 -19.05 38.34 1.71
N MET E 227 -18.16 39.29 1.93
CA MET E 227 -17.26 39.79 0.90
C MET E 227 -15.84 39.30 1.21
N LEU E 228 -15.28 38.51 0.29
CA LEU E 228 -13.99 37.85 0.49
C LEU E 228 -12.95 38.49 -0.42
N TYR E 229 -11.80 38.86 0.15
CA TYR E 229 -10.77 39.56 -0.59
C TYR E 229 -9.41 39.27 0.03
N TRP E 230 -8.35 39.54 -0.73
CA TRP E 230 -6.99 39.44 -0.22
C TRP E 230 -6.68 40.63 0.69
N LYS E 231 -6.11 40.34 1.85
CA LYS E 231 -5.99 41.35 2.91
C LYS E 231 -5.08 42.51 2.48
N LYS E 232 -3.96 42.22 1.84
CA LYS E 232 -2.99 43.25 1.48
C LYS E 232 -2.64 43.22 0.00
N GLY E 233 -3.52 42.72 -0.84
CA GLY E 233 -3.24 42.70 -2.26
C GLY E 233 -2.23 41.63 -2.61
N ASN E 234 -1.19 42.03 -3.34
CA ASN E 234 -0.16 41.07 -3.77
C ASN E 234 0.78 40.67 -2.64
N ASP E 235 0.83 41.45 -1.55
CA ASP E 235 1.71 41.16 -0.43
C ASP E 235 1.10 40.16 0.55
N SER E 236 0.05 39.46 0.18
CA SER E 236 -0.67 38.56 1.07
C SER E 236 -0.17 37.12 1.00
N LEU E 237 0.83 36.82 0.18
CA LEU E 237 1.36 35.47 0.04
C LEU E 237 2.84 35.46 0.42
N LYS E 238 3.21 34.57 1.35
CA LYS E 238 4.58 34.35 1.74
C LYS E 238 4.90 32.87 1.64
N THR E 239 6.17 32.55 1.46
CA THR E 239 6.62 31.17 1.37
C THR E 239 7.83 30.95 2.25
N ASP E 240 7.99 29.71 2.71
CA ASP E 240 9.16 29.34 3.49
C ASP E 240 10.40 29.28 2.60
N GLU E 241 11.55 29.63 3.18
CA GLU E 241 12.79 29.57 2.43
C GLU E 241 13.29 28.15 2.20
N ARG E 242 12.69 27.16 2.85
CA ARG E 242 13.11 25.77 2.74
C ARG E 242 12.25 24.96 1.79
N ILE E 243 11.30 25.58 1.08
CA ILE E 243 10.41 24.82 0.20
C ILE E 243 11.21 24.22 -0.94
N SER E 244 11.07 22.91 -1.13
CA SER E 244 11.89 22.21 -2.11
C SER E 244 11.20 20.93 -2.53
N LEU E 245 11.43 20.54 -3.78
CA LEU E 245 11.03 19.25 -4.32
C LEU E 245 12.24 18.60 -4.95
N SER E 246 12.35 17.28 -4.79
CA SER E 246 13.54 16.59 -5.28
C SER E 246 13.54 16.46 -6.80
N GLN E 247 12.36 16.42 -7.42
CA GLN E 247 12.25 16.19 -8.85
C GLN E 247 11.83 17.41 -9.66
N PHE E 248 11.47 18.52 -9.01
CA PHE E 248 10.94 19.68 -9.71
C PHE E 248 11.62 20.95 -9.24
N LEU E 249 11.53 21.98 -10.08
CA LEU E 249 11.89 23.34 -9.74
C LEU E 249 10.62 24.18 -9.62
N ILE E 250 10.52 24.94 -8.53
CA ILE E 250 9.31 25.70 -8.20
C ILE E 250 9.55 27.17 -8.49
N GLN E 251 8.56 27.83 -9.08
CA GLN E 251 8.71 29.23 -9.44
C GLN E 251 7.34 29.89 -9.59
N GLU E 252 7.35 31.23 -9.50
CA GLU E 252 6.23 32.09 -9.90
C GLU E 252 4.96 31.84 -9.08
N PHE E 253 5.05 32.13 -7.78
CA PHE E 253 3.87 32.22 -6.93
C PHE E 253 3.17 33.55 -7.12
N HIS E 254 1.85 33.53 -7.32
CA HIS E 254 1.06 34.75 -7.38
C HIS E 254 -0.41 34.42 -7.11
N THR E 255 -1.21 35.46 -6.91
CA THR E 255 -2.60 35.33 -6.50
C THR E 255 -3.53 36.06 -7.46
N THR E 256 -4.76 35.53 -7.59
CA THR E 256 -5.80 36.12 -8.44
C THR E 256 -7.15 35.99 -7.75
N THR E 257 -8.20 36.46 -8.43
CA THR E 257 -9.56 36.47 -7.91
C THR E 257 -10.55 36.32 -9.06
N LYS E 258 -11.68 35.66 -8.79
CA LYS E 258 -12.71 35.46 -9.80
C LYS E 258 -14.02 35.07 -9.14
N LEU E 259 -15.13 35.43 -9.79
CA LEU E 259 -16.47 35.10 -9.33
C LEU E 259 -16.93 33.76 -9.88
N ALA E 260 -17.78 33.07 -9.12
CA ALA E 260 -18.29 31.76 -9.49
C ALA E 260 -19.79 31.70 -9.29
N PHE E 261 -20.45 30.87 -10.10
CA PHE E 261 -21.91 30.77 -10.10
C PHE E 261 -22.34 29.31 -9.98
N TYR E 262 -23.33 29.07 -9.13
CA TYR E 262 -24.01 27.79 -9.02
C TYR E 262 -25.48 28.02 -9.36
N SER E 263 -26.04 27.17 -10.22
CA SER E 263 -27.34 27.45 -10.79
C SER E 263 -28.47 27.46 -9.76
N SER E 264 -28.26 26.86 -8.58
CA SER E 264 -29.32 26.79 -7.58
C SER E 264 -28.99 27.46 -6.26
N THR E 265 -27.83 28.11 -6.12
CA THR E 265 -27.52 28.75 -4.84
C THR E 265 -27.07 30.21 -4.98
N GLY E 266 -26.37 30.57 -6.07
CA GLY E 266 -26.04 31.97 -6.28
C GLY E 266 -24.58 32.18 -6.63
N TRP E 267 -24.10 33.40 -6.41
CA TRP E 267 -22.77 33.85 -6.79
C TRP E 267 -21.82 33.88 -5.60
N TYR E 268 -20.57 33.48 -5.83
CA TYR E 268 -19.56 33.40 -4.79
C TYR E 268 -18.24 33.96 -5.30
N ASN E 269 -17.39 34.36 -4.36
CA ASN E 269 -16.08 34.94 -4.65
C ASN E 269 -14.99 33.91 -4.36
N ARG E 270 -14.07 33.75 -5.30
CA ARG E 270 -12.99 32.77 -5.18
C ARG E 270 -11.63 33.43 -5.18
N LEU E 271 -10.71 32.86 -4.41
CA LEU E 271 -9.31 33.28 -4.37
C LEU E 271 -8.44 32.15 -4.88
N TYR E 272 -7.35 32.51 -5.58
CA TYR E 272 -6.47 31.53 -6.22
C TYR E 272 -5.04 31.72 -5.77
N ILE E 273 -4.31 30.60 -5.70
CA ILE E 273 -2.87 30.59 -5.46
C ILE E 273 -2.23 29.77 -6.57
N ASN E 274 -1.42 30.42 -7.40
CA ASN E 274 -0.88 29.81 -8.62
C ASN E 274 0.63 29.62 -8.52
N PHE E 275 1.12 28.55 -9.14
CA PHE E 275 2.55 28.27 -9.18
C PHE E 275 2.84 27.36 -10.36
N THR E 276 4.13 27.27 -10.71
CA THR E 276 4.59 26.52 -11.87
C THR E 276 5.70 25.56 -11.46
N LEU E 277 5.77 24.42 -12.15
CA LEU E 277 6.76 23.38 -11.88
C LEU E 277 7.49 23.00 -13.16
N ARG E 278 8.79 22.73 -13.05
CA ARG E 278 9.61 22.24 -14.15
C ARG E 278 10.39 21.02 -13.70
N ARG E 279 10.30 19.95 -14.48
CA ARG E 279 10.92 18.69 -14.10
C ARG E 279 12.42 18.69 -14.41
N HIS E 280 13.16 17.91 -13.62
CA HIS E 280 14.59 17.69 -13.83
C HIS E 280 14.80 16.55 -14.82
N ILE E 281 15.72 16.75 -15.76
CA ILE E 281 15.88 15.83 -16.89
C ILE E 281 17.05 14.86 -16.72
N PHE E 282 17.97 15.11 -15.79
CA PHE E 282 19.22 14.35 -15.74
C PHE E 282 18.97 12.86 -15.52
N PHE E 283 18.10 12.52 -14.57
CA PHE E 283 17.86 11.12 -14.26
C PHE E 283 17.32 10.38 -15.46
N PHE E 284 16.35 10.96 -16.16
CA PHE E 284 15.77 10.30 -17.32
C PHE E 284 16.80 10.14 -18.43
N LEU E 285 17.62 11.17 -18.65
CA LEU E 285 18.73 11.03 -19.61
C LEU E 285 19.54 9.79 -19.30
N LEU E 286 20.18 9.77 -18.12
CA LEU E 286 21.11 8.70 -17.78
C LEU E 286 20.44 7.34 -17.72
N GLN E 287 19.17 7.28 -17.34
CA GLN E 287 18.48 6.01 -17.13
C GLN E 287 17.87 5.44 -18.40
N THR E 288 17.42 6.28 -19.33
CA THR E 288 16.68 5.81 -20.49
C THR E 288 17.35 6.12 -21.82
N TYR E 289 17.83 7.36 -22.02
CA TYR E 289 18.29 7.73 -23.35
C TYR E 289 19.64 7.10 -23.68
N PHE E 290 20.54 7.06 -22.70
CA PHE E 290 21.86 6.48 -22.92
C PHE E 290 21.82 4.99 -23.26
N PRO E 291 21.09 4.13 -22.51
CA PRO E 291 21.06 2.71 -22.88
C PRO E 291 20.51 2.42 -24.27
N ALA E 292 19.48 3.15 -24.70
CA ALA E 292 18.91 2.91 -26.03
C ALA E 292 19.91 3.25 -27.12
N THR E 293 20.61 4.37 -26.97
CA THR E 293 21.64 4.74 -27.93
C THR E 293 22.77 3.72 -27.94
N LEU E 294 23.15 3.22 -26.77
CA LEU E 294 24.20 2.21 -26.71
C LEU E 294 23.78 0.92 -27.42
N MET E 295 22.51 0.52 -27.26
CA MET E 295 22.02 -0.66 -27.97
C MET E 295 22.01 -0.44 -29.48
N VAL E 296 21.59 0.74 -29.92
CA VAL E 296 21.57 1.04 -31.34
C VAL E 296 22.99 0.98 -31.92
N MET E 297 23.96 1.54 -31.20
CA MET E 297 25.34 1.48 -31.67
C MET E 297 25.90 0.06 -31.62
N LEU E 298 25.46 -0.74 -30.64
CA LEU E 298 25.90 -2.14 -30.57
C LEU E 298 25.37 -2.95 -31.75
N SER E 299 24.22 -2.56 -32.30
CA SER E 299 23.71 -3.26 -33.49
C SER E 299 24.59 -3.04 -34.71
N TRP E 300 25.36 -1.95 -34.76
CA TRP E 300 26.13 -1.62 -35.95
C TRP E 300 27.42 -2.42 -36.08
N VAL E 301 27.91 -3.03 -35.00
CA VAL E 301 29.19 -3.71 -35.07
C VAL E 301 29.10 -5.00 -35.89
N SER E 302 27.88 -5.49 -36.16
CA SER E 302 27.73 -6.68 -36.98
C SER E 302 28.08 -6.43 -38.44
N PHE E 303 27.95 -5.19 -38.93
CA PHE E 303 28.29 -4.89 -40.31
C PHE E 303 29.77 -5.08 -40.60
N TRP E 304 30.61 -5.14 -39.57
CA TRP E 304 32.05 -5.28 -39.72
C TRP E 304 32.54 -6.71 -39.50
N ILE E 305 31.63 -7.65 -39.28
CA ILE E 305 31.97 -9.05 -39.03
C ILE E 305 31.77 -9.83 -40.32
N ASP E 306 32.62 -10.82 -40.54
CA ASP E 306 32.56 -11.62 -41.76
C ASP E 306 31.19 -12.29 -41.90
N ARG E 307 30.67 -12.30 -43.12
CA ARG E 307 29.32 -12.81 -43.36
C ARG E 307 29.22 -14.33 -43.28
N ARG E 308 30.35 -15.02 -43.20
CA ARG E 308 30.32 -16.48 -43.12
C ARG E 308 30.07 -17.01 -41.72
N ALA E 309 30.03 -16.14 -40.72
CA ALA E 309 29.70 -16.56 -39.34
C ALA E 309 28.24 -16.25 -39.03
N VAL E 310 27.35 -17.09 -39.58
CA VAL E 310 25.92 -16.86 -39.42
C VAL E 310 25.47 -16.95 -37.96
N PRO E 311 25.81 -18.01 -37.20
CA PRO E 311 25.43 -18.06 -35.79
C PRO E 311 26.24 -17.14 -34.88
N ALA E 312 27.10 -16.29 -35.43
CA ALA E 312 27.73 -15.22 -34.67
C ALA E 312 27.07 -13.87 -34.91
N ARG E 313 26.41 -13.69 -36.04
CA ARG E 313 25.76 -12.43 -36.38
C ARG E 313 24.26 -12.42 -36.10
N VAL E 314 23.58 -13.57 -36.18
CA VAL E 314 22.16 -13.59 -35.81
C VAL E 314 21.94 -13.30 -34.33
N PRO E 315 22.63 -13.95 -33.38
CA PRO E 315 22.32 -13.70 -31.97
C PRO E 315 22.53 -12.26 -31.52
N LEU E 316 23.51 -11.56 -32.11
CA LEU E 316 23.78 -10.17 -31.71
C LEU E 316 22.56 -9.29 -31.97
N GLY E 317 22.02 -9.35 -33.18
CA GLY E 317 20.82 -8.59 -33.50
C GLY E 317 19.62 -9.01 -32.67
N ILE E 318 19.46 -10.32 -32.48
CA ILE E 318 18.31 -10.79 -31.70
C ILE E 318 18.37 -10.26 -30.26
N THR E 319 19.55 -10.32 -29.65
CA THR E 319 19.69 -9.84 -28.28
C THR E 319 19.48 -8.34 -28.18
N THR E 320 19.95 -7.58 -29.18
CA THR E 320 19.69 -6.14 -29.17
C THR E 320 18.19 -5.86 -29.23
N VAL E 321 17.46 -6.59 -30.07
CA VAL E 321 16.02 -6.40 -30.16
C VAL E 321 15.36 -6.68 -28.82
N LEU E 322 15.74 -7.79 -28.18
CA LEU E 322 15.10 -8.16 -26.91
C LEU E 322 15.40 -7.14 -25.82
N THR E 323 16.63 -6.65 -25.76
CA THR E 323 16.97 -5.65 -24.73
C THR E 323 16.22 -4.35 -24.97
N MET E 324 16.08 -3.94 -26.23
CA MET E 324 15.30 -2.73 -26.53
C MET E 324 13.85 -2.90 -26.08
N SER E 325 13.28 -4.08 -26.33
CA SER E 325 11.91 -4.33 -25.89
C SER E 325 11.78 -4.26 -24.38
N THR E 326 12.76 -4.81 -23.66
CA THR E 326 12.72 -4.75 -22.20
C THR E 326 12.79 -3.31 -21.70
N ILE E 327 13.65 -2.49 -22.29
CA ILE E 327 13.74 -1.08 -21.91
C ILE E 327 12.40 -0.38 -22.14
N ILE E 328 11.80 -0.62 -23.31
CA ILE E 328 10.52 0.02 -23.61
C ILE E 328 9.46 -0.38 -22.60
N THR E 329 9.40 -1.67 -22.26
CA THR E 329 8.41 -2.13 -21.28
C THR E 329 8.66 -1.50 -19.91
N GLY E 330 9.93 -1.39 -19.50
CA GLY E 330 10.22 -0.86 -18.19
C GLY E 330 9.95 0.63 -18.05
N VAL E 331 9.99 1.36 -19.17
CA VAL E 331 9.84 2.82 -19.09
C VAL E 331 8.43 3.21 -18.65
N ASN E 332 7.41 2.48 -19.11
CA ASN E 332 6.02 2.89 -18.94
C ASN E 332 5.43 2.53 -17.57
N ALA E 333 6.20 1.87 -16.70
CA ALA E 333 5.62 1.33 -15.47
C ALA E 333 5.09 2.41 -14.53
N SER E 334 5.55 3.65 -14.66
CA SER E 334 5.26 4.70 -13.68
C SER E 334 4.20 5.69 -14.16
N MET E 335 3.55 5.45 -15.30
CA MET E 335 2.78 6.51 -15.91
C MET E 335 1.32 6.10 -16.10
N PRO E 336 0.41 7.08 -16.16
CA PRO E 336 -0.98 6.77 -16.47
C PRO E 336 -1.16 6.41 -17.93
N ARG E 337 -2.32 5.80 -18.23
CA ARG E 337 -2.61 5.29 -19.57
C ARG E 337 -3.38 6.35 -20.35
N VAL E 338 -2.63 7.33 -20.87
CA VAL E 338 -3.22 8.42 -21.63
C VAL E 338 -3.47 7.95 -23.08
N SER E 339 -4.26 8.73 -23.82
CA SER E 339 -4.66 8.35 -25.17
C SER E 339 -3.82 9.02 -26.26
N TYR E 340 -2.61 9.48 -25.93
CA TYR E 340 -1.73 10.11 -26.89
C TYR E 340 -0.29 9.69 -26.59
N ILE E 341 0.59 9.94 -27.54
CA ILE E 341 1.98 9.52 -27.43
C ILE E 341 2.81 10.61 -26.76
N LYS E 342 3.80 10.18 -25.98
CA LYS E 342 4.71 11.06 -25.28
C LYS E 342 6.03 11.20 -26.04
N ALA E 343 6.87 12.13 -25.59
CA ALA E 343 8.11 12.43 -26.30
C ALA E 343 9.10 11.27 -26.23
N VAL E 344 9.19 10.60 -25.08
CA VAL E 344 10.16 9.52 -24.91
C VAL E 344 9.76 8.29 -25.73
N ASP E 345 8.45 8.07 -25.92
CA ASP E 345 7.98 6.92 -26.68
C ASP E 345 8.45 6.99 -28.14
N ILE E 346 8.43 8.17 -28.72
CA ILE E 346 8.87 8.35 -30.10
C ILE E 346 10.33 7.90 -30.24
N TYR E 347 11.18 8.37 -29.34
CA TYR E 347 12.60 8.01 -29.37
C TYR E 347 12.79 6.51 -29.23
N LEU E 348 12.11 5.90 -28.26
CA LEU E 348 12.30 4.47 -28.02
C LEU E 348 11.83 3.63 -29.19
N TRP E 349 10.69 3.98 -29.79
CA TRP E 349 10.17 3.16 -30.89
C TRP E 349 10.97 3.36 -32.17
N VAL E 350 11.51 4.56 -32.41
CA VAL E 350 12.40 4.74 -33.56
C VAL E 350 13.66 3.89 -33.38
N SER E 351 14.21 3.84 -32.16
CA SER E 351 15.38 3.00 -31.91
C SER E 351 15.05 1.53 -32.16
N PHE E 352 13.88 1.08 -31.70
CA PHE E 352 13.45 -0.30 -31.95
C PHE E 352 13.38 -0.61 -33.44
N VAL E 353 12.83 0.31 -34.22
CA VAL E 353 12.74 0.10 -35.67
C VAL E 353 14.13 0.01 -36.29
N PHE E 354 15.06 0.87 -35.84
CA PHE E 354 16.42 0.80 -36.33
C PHE E 354 17.03 -0.58 -36.12
N VAL E 355 16.87 -1.13 -34.91
CA VAL E 355 17.45 -2.44 -34.62
C VAL E 355 16.78 -3.54 -35.45
N PHE E 356 15.46 -3.45 -35.65
CA PHE E 356 14.75 -4.42 -36.47
C PHE E 356 15.26 -4.44 -37.90
N LEU E 357 15.47 -3.25 -38.48
CA LEU E 357 16.00 -3.18 -39.85
C LEU E 357 17.43 -3.73 -39.91
N SER E 358 18.22 -3.48 -38.86
CA SER E 358 19.54 -4.08 -38.80
C SER E 358 19.46 -5.60 -38.86
N VAL E 359 18.47 -6.19 -38.21
CA VAL E 359 18.30 -7.65 -38.28
C VAL E 359 17.93 -8.08 -39.71
N LEU E 360 17.03 -7.34 -40.36
CA LEU E 360 16.59 -7.75 -41.70
C LEU E 360 17.72 -7.67 -42.74
N GLU E 361 18.67 -6.75 -42.54
CA GLU E 361 19.74 -6.56 -43.53
C GLU E 361 20.57 -7.84 -43.70
N TYR E 362 20.90 -8.51 -42.60
CA TYR E 362 21.72 -9.71 -42.69
C TYR E 362 20.98 -10.86 -43.37
N ALA E 363 19.67 -10.97 -43.13
CA ALA E 363 18.89 -11.98 -43.83
C ALA E 363 18.93 -11.75 -45.34
N ALA E 364 18.81 -10.49 -45.76
CA ALA E 364 18.92 -10.19 -47.19
C ALA E 364 20.29 -10.60 -47.74
N VAL E 365 21.35 -10.26 -47.01
CA VAL E 365 22.71 -10.56 -47.46
C VAL E 365 22.89 -12.08 -47.60
N ASN E 366 22.44 -12.83 -46.60
CA ASN E 366 22.58 -14.29 -46.63
C ASN E 366 21.81 -14.91 -47.78
N TYR E 367 20.58 -14.47 -48.02
CA TYR E 367 19.80 -15.01 -49.12
C TYR E 367 20.47 -14.74 -50.45
N LEU E 368 20.95 -13.51 -50.66
CA LEU E 368 21.60 -13.19 -51.93
C LEU E 368 22.88 -13.98 -52.13
N THR E 369 23.66 -14.18 -51.07
CA THR E 369 24.88 -14.98 -51.17
C THR E 369 24.56 -16.41 -51.57
N THR E 370 23.55 -17.02 -50.94
CA THR E 370 23.19 -18.39 -51.29
C THR E 370 22.70 -18.50 -52.73
N VAL E 371 21.90 -17.53 -53.18
CA VAL E 371 21.43 -17.55 -54.56
C VAL E 371 22.60 -17.44 -55.53
N GLN E 372 23.54 -16.55 -55.25
CA GLN E 372 24.71 -16.41 -56.12
C GLN E 372 25.53 -17.68 -56.17
N GLU E 373 25.70 -18.33 -55.02
CA GLU E 373 26.44 -19.59 -54.99
C GLU E 373 25.75 -20.66 -55.83
N ARG E 374 24.42 -20.76 -55.73
CA ARG E 374 23.70 -21.73 -56.53
C ARG E 374 23.84 -21.43 -58.03
N LYS E 375 23.73 -20.16 -58.40
CA LYS E 375 23.84 -19.80 -59.82
C LYS E 375 25.23 -20.11 -60.36
N GLU E 376 26.28 -19.82 -59.58
CA GLU E 376 27.63 -20.15 -60.03
C GLU E 376 27.85 -21.65 -60.09
N GLN E 377 27.22 -22.40 -59.17
CA GLN E 377 27.33 -23.86 -59.21
C GLN E 377 26.68 -24.44 -60.46
N LYS E 378 25.53 -23.90 -60.84
CA LYS E 378 24.80 -24.45 -61.99
C LYS E 378 25.48 -24.21 -63.32
N LEU E 379 26.50 -23.35 -63.38
CA LEU E 379 27.21 -23.13 -64.64
C LEU E 379 28.12 -24.28 -65.03
N ARG E 380 28.36 -25.23 -64.13
CA ARG E 380 29.19 -26.39 -64.44
C ARG E 380 28.34 -27.65 -64.61
N ASP E 451 35.65 -11.43 -49.79
CA ASP E 451 35.21 -10.11 -50.23
C ASP E 451 33.95 -9.69 -49.48
N THR E 452 33.66 -8.38 -49.51
CA THR E 452 32.55 -7.80 -48.78
C THR E 452 31.41 -7.49 -49.73
N HIS E 453 30.20 -7.89 -49.33
CA HIS E 453 29.01 -7.58 -50.11
C HIS E 453 28.74 -6.08 -50.09
N ALA E 454 28.11 -5.59 -51.16
CA ALA E 454 27.85 -4.15 -51.27
C ALA E 454 26.89 -3.67 -50.19
N ILE E 455 25.97 -4.52 -49.75
CA ILE E 455 24.97 -4.10 -48.78
C ILE E 455 25.61 -3.73 -47.45
N ASP E 456 26.57 -4.54 -46.97
CA ASP E 456 27.29 -4.20 -45.75
C ASP E 456 28.07 -2.91 -45.91
N LYS E 457 28.76 -2.75 -47.04
CA LYS E 457 29.59 -1.58 -47.27
C LYS E 457 28.75 -0.30 -47.27
N TYR E 458 27.54 -0.37 -47.82
CA TYR E 458 26.67 0.79 -47.80
C TYR E 458 26.02 1.01 -46.44
N SER E 459 25.67 -0.08 -45.74
CA SER E 459 25.04 0.04 -44.43
C SER E 459 25.95 0.73 -43.43
N ARG E 460 27.25 0.42 -43.51
CA ARG E 460 28.22 0.99 -42.57
C ARG E 460 28.19 2.51 -42.53
N ILE E 461 27.82 3.15 -43.64
CA ILE E 461 27.71 4.59 -43.71
C ILE E 461 26.27 5.06 -43.55
N ILE E 462 25.32 4.32 -44.12
CA ILE E 462 23.94 4.82 -44.17
C ILE E 462 23.28 4.80 -42.79
N PHE E 463 23.49 3.74 -42.01
CA PHE E 463 22.79 3.68 -40.72
C PHE E 463 23.22 4.78 -39.75
N PRO E 464 24.51 5.01 -39.48
CA PRO E 464 24.88 6.09 -38.55
C PRO E 464 24.43 7.47 -39.00
N ALA E 465 24.48 7.76 -40.30
CA ALA E 465 24.09 9.07 -40.78
C ALA E 465 22.60 9.33 -40.54
N ALA E 466 21.77 8.33 -40.81
CA ALA E 466 20.34 8.46 -40.55
C ALA E 466 20.05 8.64 -39.07
N TYR E 467 20.76 7.89 -38.21
CA TYR E 467 20.53 8.05 -36.78
C TYR E 467 20.93 9.44 -36.29
N ILE E 468 22.05 9.96 -36.80
CA ILE E 468 22.49 11.29 -36.41
C ILE E 468 21.51 12.36 -36.88
N LEU E 469 20.99 12.22 -38.11
CA LEU E 469 19.99 13.16 -38.60
C LEU E 469 18.73 13.13 -37.76
N PHE E 470 18.27 11.93 -37.39
CA PHE E 470 17.10 11.84 -36.52
C PHE E 470 17.33 12.52 -35.18
N ASN E 471 18.52 12.32 -34.60
CA ASN E 471 18.82 12.96 -33.31
C ASN E 471 18.83 14.48 -33.44
N LEU E 472 19.41 14.99 -34.52
CA LEU E 472 19.42 16.44 -34.74
C LEU E 472 18.00 17.00 -34.77
N ILE E 473 17.13 16.38 -35.58
CA ILE E 473 15.76 16.89 -35.69
C ILE E 473 15.02 16.76 -34.36
N TYR E 474 15.16 15.61 -33.69
CA TYR E 474 14.43 15.38 -32.44
C TYR E 474 14.84 16.37 -31.37
N TRP E 475 16.13 16.61 -31.21
CA TRP E 475 16.55 17.54 -30.16
C TRP E 475 16.41 19.00 -30.57
N SER E 476 16.19 19.29 -31.85
CA SER E 476 15.77 20.65 -32.20
C SER E 476 14.31 20.88 -31.85
N ILE E 477 13.45 19.88 -32.08
CA ILE E 477 12.02 20.07 -31.81
C ILE E 477 11.75 20.18 -30.31
N PHE E 478 12.30 19.24 -29.53
CA PHE E 478 12.03 19.19 -28.10
C PHE E 478 13.07 19.91 -27.27
N SER E 479 14.00 20.62 -27.91
CA SER E 479 14.97 21.49 -27.24
C SER E 479 15.88 20.73 -26.29
N ABU F . -34.80 2.01 4.36
CD ABU F . -33.77 1.36 5.15
CB ABU F . -34.29 0.04 5.71
CG ABU F . -33.58 -0.37 6.99
C ABU F . -34.00 -1.74 7.55
O ABU F . -34.72 -2.46 6.84
OXT ABU F . -33.58 -2.01 8.70
C1 NAG G . -43.00 37.35 -0.27
C2 NAG G . -42.97 37.73 -1.75
C3 NAG G . -43.53 39.14 -1.97
C4 NAG G . -44.88 39.29 -1.28
C5 NAG G . -44.75 38.87 0.18
C6 NAG G . -46.04 38.98 0.96
C7 NAG G . -41.16 36.59 -2.96
C8 NAG G . -39.72 36.69 -3.41
N2 NAG G . -41.62 37.63 -2.27
O3 NAG G . -43.63 39.36 -3.35
O4 NAG G . -45.26 40.65 -1.39
O5 NAG G . -44.31 37.53 0.24
O6 NAG G . -45.98 38.12 2.07
O7 NAG G . -41.84 35.60 -3.22
C1 NAG H . -36.45 12.93 -18.37
C2 NAG H . -36.43 11.61 -19.13
C3 NAG H . -37.52 11.61 -20.21
C4 NAG H . -38.86 11.99 -19.60
C5 NAG H . -38.73 13.32 -18.87
C6 NAG H . -40.01 13.79 -18.23
C7 NAG H . -34.42 10.24 -19.51
C8 NAG H . -33.11 10.18 -20.25
N2 NAG H . -35.15 11.34 -19.73
O3 NAG H . -37.55 10.34 -20.80
O4 NAG H . -39.79 12.08 -20.66
O5 NAG H . -37.74 13.18 -17.87
O6 NAG H . -40.46 12.85 -17.29
O7 NAG H . -34.77 9.35 -18.76
C2 A8Z I . -1.51 -2.80 -33.69
C5 A8Z I . -3.39 -3.76 -35.72
C4 A8Z I . -1.91 -4.13 -35.76
C6 A8Z I . -4.04 -3.82 -37.11
C7 A8Z I . -5.54 -3.57 -37.02
C8 A8Z I . -5.87 -2.25 -36.30
C9 A8Z I . -5.19 -2.21 -34.93
O A8Z I . -10.57 1.05 -35.73
C1 A8Z I . -3.01 -2.48 -33.63
C10 A8Z I . -3.65 -2.41 -35.02
C11 A8Z I . -5.60 -0.97 -34.12
C12 A8Z I . -7.12 -0.81 -33.99
C13 A8Z I . -7.79 -0.79 -35.37
C14 A8Z I . -7.38 -2.09 -36.11
C15 A8Z I . -8.32 -2.14 -37.32
C16 A8Z I . -9.64 -1.49 -36.82
C17 A8Z I . -9.34 -0.99 -35.39
C18 A8Z I . -7.40 0.46 -36.16
C19 A8Z I . -2.99 -1.26 -35.81
C20 A8Z I . -10.16 0.21 -34.96
C3 A8Z I . -1.28 -4.14 -34.37
O1 A8Z I . -11.73 0.90 -33.25
O2 A8Z I . -1.86 -5.19 -33.60
C21 A8Z I . -10.45 0.33 -33.50
C1 D12 J . -12.84 -3.43 -39.81
C2 D12 J . -11.89 -4.62 -39.99
C3 D12 J . -10.52 -4.11 -40.44
C4 D12 J . -9.45 -5.15 -40.10
C5 D12 J . -8.10 -4.68 -40.63
C6 D12 J . -7.02 -5.71 -40.28
C7 D12 J . -5.81 -5.48 -41.18
C8 D12 J . -4.88 -6.70 -41.14
C9 D12 J . -3.78 -6.46 -40.11
C10 D12 J . -2.72 -7.55 -40.27
C11 D12 J . -1.57 -7.29 -39.32
C12 D12 J . -0.40 -8.22 -39.66
C1 OCT K . 14.97 -10.54 -49.44
C2 OCT K . 15.05 -10.56 -47.92
C3 OCT K . 13.96 -11.47 -47.36
C4 OCT K . 13.67 -11.12 -45.90
C5 OCT K . 12.15 -11.17 -45.69
C6 OCT K . 11.81 -10.99 -44.21
C7 OCT K . 10.31 -11.12 -44.01
C8 OCT K . 9.94 -10.91 -42.54
C1 HEX L . 3.33 -30.39 -48.55
C2 HEX L . 4.02 -29.26 -47.79
C3 HEX L . 3.00 -28.56 -46.90
C4 HEX L . 3.72 -27.51 -46.04
C5 HEX L . 2.79 -27.09 -44.90
C6 HEX L . 3.52 -26.10 -44.00
C1 HEX M . -12.00 -15.00 -33.19
C2 HEX M . -12.90 -14.25 -32.20
C3 HEX M . -13.87 -15.22 -31.55
C4 HEX M . -14.59 -14.52 -30.39
C5 HEX M . -15.81 -15.32 -29.96
C6 HEX M . -16.67 -14.47 -29.03
C1 HEX N . 8.10 -15.83 -51.56
C2 HEX N . 6.68 -15.50 -51.12
C3 HEX N . 6.70 -14.38 -50.09
C4 HEX N . 5.28 -14.01 -49.69
C5 HEX N . 5.31 -12.85 -48.71
C6 HEX N . 3.90 -12.56 -48.22
C1 D10 O . -7.58 5.21 -32.06
C2 D10 O . -6.45 5.59 -33.02
C3 D10 O . -5.50 4.42 -33.25
C4 D10 O . -4.23 4.92 -33.91
C5 D10 O . -3.31 3.75 -34.27
C6 D10 O . -2.22 3.58 -33.23
C7 D10 O . -1.48 2.26 -33.47
C8 D10 O . -0.39 2.07 -32.41
C9 D10 O . 0.16 0.64 -32.50
N ABU P . -20.24 27.83 -2.37
CD ABU P . -20.55 26.42 -2.20
CB ABU P . -21.82 26.06 -2.95
CG ABU P . -22.53 24.87 -2.34
C ABU P . -23.80 24.40 -3.09
O ABU P . -24.01 24.90 -4.20
OXT ABU P . -24.50 23.56 -2.51
N ABU Q . -19.16 -12.05 26.64
CD ABU Q . -17.94 -11.27 26.61
CB ABU Q . -17.02 -11.70 27.75
CG ABU Q . -16.07 -10.59 28.17
C ABU Q . -15.06 -10.98 29.27
O ABU Q . -14.97 -12.18 29.56
OXT ABU Q . -14.40 -10.05 29.77
C1 NAG R . -53.63 -3.08 18.31
C2 NAG R . -54.19 -4.02 17.23
C3 NAG R . -55.69 -3.80 17.04
C4 NAG R . -56.42 -3.83 18.39
C5 NAG R . -55.74 -2.85 19.35
C6 NAG R . -56.37 -2.81 20.72
C7 NAG R . -52.50 -4.63 15.56
C8 NAG R . -51.91 -4.25 14.22
N2 NAG R . -53.49 -3.83 15.99
O3 NAG R . -56.17 -4.79 16.18
O4 NAG R . -57.76 -3.47 18.16
O5 NAG R . -54.38 -3.22 19.50
O6 NAG R . -55.43 -2.33 21.65
O7 NAG R . -52.09 -5.58 16.19
C1 NAG S . -33.17 -25.00 10.06
C2 NAG S . -32.20 -26.18 10.00
C3 NAG S . -32.97 -27.50 10.09
C4 NAG S . -33.88 -27.49 11.31
C5 NAG S . -34.79 -26.25 11.25
C6 NAG S . -35.75 -26.15 12.41
C7 NAG S . -30.07 -26.16 8.76
C8 NAG S . -29.46 -26.14 7.38
N2 NAG S . -31.41 -26.16 8.79
O3 NAG S . -32.04 -28.54 10.14
O4 NAG S . -34.64 -28.68 11.26
O5 NAG S . -33.97 -25.10 11.21
O6 NAG S . -35.04 -26.08 13.62
O7 NAG S . -29.38 -26.16 9.77
C2 A8Z T . -4.36 -27.66 -19.36
C5 A8Z T . -4.93 -30.51 -19.00
C4 A8Z T . -3.83 -30.03 -19.96
C6 A8Z T . -5.48 -31.88 -19.39
C7 A8Z T . -6.47 -32.39 -18.35
C8 A8Z T . -7.60 -31.40 -18.08
C9 A8Z T . -7.03 -30.03 -17.72
O A8Z T . -12.72 -31.62 -15.43
C1 A8Z T . -5.42 -28.15 -18.37
C10 A8Z T . -6.07 -29.48 -18.81
C11 A8Z T . -8.12 -29.04 -17.31
C12 A8Z T . -9.03 -29.57 -16.20
C13 A8Z T . -9.66 -30.92 -16.59
C14 A8Z T . -8.49 -31.88 -16.94
C15 A8Z T . -9.17 -33.25 -17.02
C16 A8Z T . -10.32 -33.19 -15.97
C17 A8Z T . -10.31 -31.74 -15.44
C18 A8Z T . -10.63 -30.75 -17.78
C19 A8Z T . -6.81 -29.24 -20.13
C20 A8Z T . -11.67 -31.24 -14.98
C3 A8Z T . -3.26 -28.69 -19.53
O1 A8Z T . -12.76 -30.36 -13.01
O2 A8Z T . -2.55 -28.84 -18.30
C21 A8Z T . -11.66 -30.22 -13.89
C1 D12 U . -10.94 -37.84 -14.96
C2 D12 U . -9.49 -38.07 -15.37
C3 D12 U . -9.26 -37.55 -16.78
C4 D12 U . -7.78 -37.27 -16.99
C5 D12 U . -7.54 -36.84 -18.44
C6 D12 U . -6.05 -36.54 -18.66
C7 D12 U . -5.76 -36.56 -20.16
C8 D12 U . -4.26 -36.65 -20.40
C9 D12 U . -3.68 -35.26 -20.62
C10 D12 U . -2.24 -35.39 -21.13
C11 D12 U . -1.68 -34.01 -21.44
C12 D12 U . -0.35 -34.16 -22.17
C1 OCT V . 7.96 -35.52 -38.50
C2 OCT V . 8.28 -34.34 -37.59
C3 OCT V . 8.57 -34.82 -36.18
C4 OCT V . 8.38 -33.70 -35.16
C5 OCT V . 7.66 -34.26 -33.93
C6 OCT V . 7.59 -33.22 -32.83
C7 OCT V . 6.95 -33.84 -31.59
C8 OCT V . 6.84 -32.80 -30.48
C1 HEX W . 18.40 -49.37 -23.35
C2 HEX W . 17.97 -47.96 -23.72
C3 HEX W . 17.00 -47.42 -22.67
C4 HEX W . 16.67 -45.97 -22.96
C5 HEX W . 16.05 -45.33 -21.72
C6 HEX W . 15.77 -43.86 -22.00
C1 HEX X . 0.28 -37.74 -7.72
C2 HEX X . -0.65 -37.08 -6.70
C3 HEX X . -0.24 -37.48 -5.28
C4 HEX X . -0.99 -36.61 -4.28
C5 HEX X . -0.90 -37.22 -2.89
C6 HEX X . -1.89 -36.53 -1.95
C1 HEX Y . 8.33 -42.74 -33.25
C2 HEX Y . 7.38 -42.91 -32.08
C3 HEX Y . 6.65 -41.60 -31.81
C4 HEX Y . 5.66 -41.79 -30.67
C5 HEX Y . 4.88 -40.49 -30.44
C6 HEX Y . 3.98 -40.65 -29.23
C1 D10 Z . -13.93 -25.55 -16.59
C2 D10 Z . -13.82 -25.58 -18.11
C3 D10 Z . -12.38 -25.84 -18.54
C4 D10 Z . -12.23 -25.53 -20.04
C5 D10 Z . -10.85 -25.92 -20.54
C6 D10 Z . -9.94 -24.69 -20.60
C7 D10 Z . -8.50 -25.15 -20.86
C8 D10 Z . -7.57 -23.93 -20.90
C9 D10 Z . -6.12 -24.40 -20.90
N ABU AA . 4.38 5.79 34.47
CD ABU AA . 4.39 6.71 33.35
CB ABU AA . 5.44 7.79 33.54
CG ABU AA . 5.11 9.07 32.80
C ABU AA . 6.17 10.17 32.91
O ABU AA . 7.27 9.88 33.41
OXT ABU AA . 5.84 11.30 32.47
C1 NAG BA . -23.00 -12.34 50.59
C2 NAG BA . -22.71 -13.85 50.59
C3 NAG BA . -23.73 -14.58 51.47
C4 NAG BA . -23.86 -13.92 52.83
C5 NAG BA . -24.13 -12.43 52.65
C6 NAG BA . -24.25 -11.67 53.96
C7 NAG BA . -21.60 -14.61 48.54
C8 NAG BA . -21.84 -15.15 47.16
N2 NAG BA . -22.72 -14.37 49.25
O3 NAG BA . -23.33 -15.91 51.57
O4 NAG BA . -24.92 -14.55 53.52
O5 NAG BA . -23.07 -11.85 51.91
O6 NAG BA . -23.98 -10.31 53.72
O7 NAG BA . -20.48 -14.39 48.96
C1 NAG CA . 4.59 -19.23 37.99
C2 NAG CA . 6.07 -19.38 37.63
C3 NAG CA . 6.76 -20.27 38.66
C4 NAG CA . 6.48 -19.79 40.07
C5 NAG CA . 4.97 -19.68 40.28
C6 NAG CA . 4.57 -19.20 41.65
C7 NAG CA . 6.97 -19.30 35.34
C8 NAG CA . 7.05 -20.06 34.03
N2 NAG CA . 6.26 -19.91 36.31
O3 NAG CA . 8.13 -20.30 38.37
O4 NAG CA . 7.05 -20.72 40.96
O5 NAG CA . 4.44 -18.78 39.31
O6 NAG CA . 5.12 -17.92 41.89
O7 NAG CA . 7.53 -18.23 35.50
C2 A8Z DA . 16.98 -29.21 -0.09
C5 A8Z DA . 19.10 -30.53 1.46
C4 A8Z DA . 19.11 -30.51 -0.08
C6 A8Z DA . 19.86 -31.72 2.03
C7 A8Z DA . 19.94 -31.63 3.55
C8 A8Z DA . 18.56 -31.49 4.21
C9 A8Z DA . 17.79 -30.32 3.58
O A8Z DA . 16.47 -32.00 9.55
C1 A8Z DA . 17.00 -29.19 1.44
C10 A8Z DA . 17.66 -30.43 2.04
C11 A8Z DA . 16.46 -30.06 4.31
C12 A8Z DA . 16.62 -29.91 5.81
C13 A8Z DA . 17.33 -31.11 6.44
C14 A8Z DA . 18.67 -31.27 5.71
C15 A8Z DA . 19.44 -32.28 6.58
C16 A8Z DA . 18.95 -32.01 8.02
C17 A8Z DA . 17.84 -30.94 7.89
C18 A8Z DA . 16.46 -32.37 6.32
C19 A8Z DA . 16.83 -31.67 1.65
C20 A8Z DA . 16.79 -30.97 8.99
C3 A8Z DA . 18.39 -29.30 -0.64
O1 A8Z DA . 15.83 -29.60 10.72
O2 A8Z DA . 19.12 -28.12 -0.31
C21 A8Z DA . 16.15 -29.68 9.34
C1 D12 EA . 22.63 -33.70 10.59
C2 D12 EA . 23.54 -33.45 9.38
C3 D12 EA . 22.97 -34.16 8.16
C4 D12 EA . 23.49 -33.50 6.90
C5 D12 EA . 23.01 -34.27 5.67
C6 D12 EA . 23.52 -33.61 4.40
C7 D12 EA . 23.43 -34.61 3.24
C8 D12 EA . 24.27 -34.14 2.06
C9 D12 EA . 23.39 -33.38 1.07
C10 D12 EA . 24.18 -33.17 -0.22
C11 D12 EA . 23.29 -32.48 -1.26
C12 D12 EA . 23.99 -32.49 -2.61
C1 OCT FA . 26.65 -41.54 -18.37
C2 OCT FA . 26.01 -40.16 -18.41
C3 OCT FA . 26.83 -39.19 -17.55
C4 OCT FA . 25.98 -38.00 -17.13
C5 OCT FA . 26.28 -37.67 -15.67
C6 OCT FA . 25.57 -36.38 -15.26
C7 OCT FA . 25.96 -36.03 -13.82
C8 OCT FA . 25.24 -34.75 -13.38
C1 HEX GA . 46.39 -31.73 -11.68
C2 HEX GA . 44.92 -31.56 -12.07
C3 HEX GA . 44.15 -30.97 -10.89
C4 HEX GA . 42.72 -30.67 -11.31
C5 HEX GA . 42.08 -29.73 -10.28
C6 HEX GA . 40.67 -29.38 -10.73
C1 HEX HA . 29.87 -22.99 7.25
C2 HEX HA . 29.00 -22.34 8.34
C3 HEX HA . 29.81 -21.28 9.07
C4 HEX HA . 28.86 -20.46 9.96
C5 HEX HA . 29.67 -19.66 10.97
C6 HEX HA . 28.73 -19.09 12.04
C1 HEX IA . 33.74 -40.79 -12.99
C2 HEX IA . 33.59 -40.42 -11.52
C3 HEX IA . 32.16 -39.96 -11.26
C4 HEX IA . 32.00 -39.65 -9.77
C5 HEX IA . 30.55 -39.23 -9.50
C6 HEX IA . 30.41 -38.80 -8.04
C1 D10 JA . 10.62 -30.59 7.73
C2 D10 JA . 10.43 -31.71 6.70
C3 D10 JA . 11.33 -31.49 5.49
C4 D10 JA . 10.89 -32.40 4.35
C5 D10 JA . 11.86 -32.31 3.18
C6 D10 JA . 11.33 -31.36 2.10
C7 D10 JA . 12.42 -31.10 1.06
C8 D10 JA . 11.91 -30.14 -0.01
C9 D10 JA . 13.08 -29.67 -0.87
N ABU KA . 3.51 30.87 16.84
CD ABU KA . 2.56 30.44 15.82
CB ABU KA . 2.25 31.57 14.86
CG ABU KA . 0.88 31.44 14.22
C ABU KA . 0.54 32.52 13.17
O ABU KA . 1.46 33.28 12.80
OXT ABU KA . -0.64 32.55 12.77
C1 NAG LA . 6.90 22.13 52.19
C2 NAG LA . 8.31 21.58 52.48
C3 NAG LA . 8.53 21.42 53.98
C4 NAG LA . 8.16 22.71 54.71
C5 NAG LA . 6.75 23.14 54.31
C6 NAG LA . 6.27 24.40 54.98
C7 NAG LA . 9.16 20.18 50.64
C8 NAG LA . 9.25 18.77 50.11
N2 NAG LA . 8.50 20.32 51.81
O3 NAG LA . 9.87 21.08 54.18
O4 NAG LA . 8.24 22.45 56.09
O5 NAG LA . 6.70 23.32 52.91
O6 NAG LA . 5.26 24.99 54.20
O7 NAG LA . 9.64 21.12 50.03
C1 NAG MA . 25.01 22.19 26.90
C2 NAG MA . 25.85 22.56 25.67
C3 NAG MA . 27.14 23.24 26.11
C4 NAG MA . 26.84 24.41 27.04
C5 NAG MA . 25.98 23.90 28.20
C6 NAG MA . 25.61 24.99 29.20
C7 NAG MA . 25.86 21.27 23.56
C8 NAG MA . 26.29 19.97 22.94
N2 NAG MA . 26.16 21.39 24.88
O3 NAG MA . 27.83 23.65 24.95
O4 NAG MA . 28.07 24.92 27.49
O5 NAG MA . 24.79 23.34 27.68
O6 NAG MA . 24.88 26.00 28.55
O7 NAG MA . 25.28 22.13 22.93
C2 A8Z NA . 33.14 -5.51 -2.58
C5 A8Z NA . 35.62 -3.97 -2.68
C4 A8Z NA . 35.35 -5.13 -3.66
C6 A8Z NA . 37.11 -3.72 -2.49
C7 A8Z NA . 37.36 -2.49 -1.62
C8 A8Z NA . 36.63 -2.57 -0.28
C9 A8Z NA . 35.13 -2.86 -0.49
O A8Z NA . 36.88 0.30 4.72
C1 A8Z NA . 33.39 -4.34 -1.64
C10 A8Z NA . 34.89 -4.14 -1.33
C11 A8Z NA . 34.34 -2.82 0.82
C12 A8Z NA . 34.56 -1.52 1.60
C13 A8Z NA . 36.05 -1.28 1.88
C14 A8Z NA . 36.77 -1.27 0.52
C15 A8Z NA . 38.17 -0.72 0.85
C16 A8Z NA . 37.93 0.27 2.01
C17 A8Z NA . 36.44 0.15 2.36
C18 A8Z NA . 36.61 -2.34 2.83
C19 A8Z NA . 35.40 -5.39 -0.59
C20 A8Z NA . 36.10 0.48 3.80
C3 A8Z NA . 33.87 -5.33 -3.89
O1 A8Z NA . 34.76 1.97 5.14
O2 A8Z NA . 33.33 -4.20 -4.58
C21 A8Z NA . 34.75 1.04 4.07
C1 D12 OA . 41.73 3.16 1.54
C2 D12 OA . 41.80 2.78 0.07
C3 D12 OA . 41.87 1.26 -0.08
C4 D12 OA . 41.37 0.84 -1.46
C5 D12 OA . 41.55 -0.66 -1.62
C6 D12 OA . 41.04 -1.09 -3.00
C7 D12 OA . 41.62 -2.47 -3.34
C8 D12 OA . 41.47 -2.76 -4.83
C9 D12 OA . 40.20 -3.57 -5.07
C10 D12 OA . 40.21 -4.09 -6.50
C11 D12 OA . 38.98 -4.97 -6.74
C12 D12 OA . 39.12 -5.68 -8.08
C1 OCT PA . 45.27 -20.55 -16.95
C2 OCT PA . 43.78 -20.23 -16.96
C3 OCT PA . 43.56 -18.77 -17.32
C4 OCT PA . 42.19 -18.30 -16.83
C5 OCT PA . 42.32 -16.90 -16.23
C6 OCT PA . 40.95 -16.32 -15.89
C7 OCT PA . 41.13 -14.90 -15.36
C8 OCT PA . 39.77 -14.31 -14.99
C1 HEX QA . 48.76 -1.84 -29.92
C2 HEX QA . 47.77 -2.73 -29.17
C3 HEX QA . 47.08 -1.92 -28.09
C4 HEX QA . 45.99 -2.77 -27.43
C5 HEX QA . 45.06 -1.86 -26.63
C6 HEX QA . 43.94 -2.70 -26.02
C1 HEX RA . 36.09 8.87 -9.12
C2 HEX RA . 35.28 9.60 -8.03
C3 HEX RA . 34.96 11.01 -8.49
C4 HEX RA . 33.94 11.62 -7.52
C5 HEX RA . 33.87 13.13 -7.71
C6 HEX RA . 33.10 13.76 -6.56
C1 HEX SA . 49.35 -12.83 -18.86
C2 HEX SA . 49.22 -11.62 -17.94
C3 HEX SA . 48.13 -11.87 -16.92
C4 HEX SA . 48.04 -10.68 -15.97
C5 HEX SA . 46.97 -10.95 -14.91
C6 HEX SA . 46.80 -9.71 -14.02
C1 D10 TA . 32.29 -3.17 7.29
C2 D10 TA . 32.93 -4.55 7.14
C3 D10 TA . 33.01 -4.95 5.67
C4 D10 TA . 33.33 -6.44 5.56
C5 D10 TA . 33.57 -6.83 4.10
C6 D10 TA . 32.32 -7.45 3.51
C7 D10 TA . 32.48 -7.62 2.00
C8 D10 TA . 31.23 -8.23 1.38
C9 D10 TA . 31.31 -8.14 -0.15
C1 OCT UA . 38.56 -1.40 -37.29
C2 OCT UA . 37.51 -1.97 -36.33
C3 OCT UA . 36.12 -1.67 -36.86
C4 OCT UA . 35.09 -1.75 -35.73
C5 OCT UA . 34.11 -0.58 -35.89
C6 OCT UA . 32.96 -0.71 -34.87
C7 OCT UA . 31.95 0.41 -35.12
C8 OCT UA . 30.83 0.33 -34.10
C1 NAG VA . -4.95 52.20 20.21
C2 NAG VA . -3.72 52.83 19.56
C3 NAG VA . -3.21 54.01 20.40
C4 NAG VA . -4.34 54.97 20.72
C5 NAG VA . -5.51 54.19 21.35
C6 NAG VA . -6.70 55.06 21.70
C7 NAG VA . -2.42 51.22 18.24
C8 NAG VA . -1.29 50.22 18.28
N2 NAG VA . -2.68 51.85 19.40
O3 NAG VA . -2.18 54.64 19.68
O4 NAG VA . -3.84 55.94 21.62
O5 NAG VA . -5.93 53.20 20.44
O6 NAG VA . -7.85 54.25 21.76
O7 NAG VA . -3.06 51.41 17.21
C1 NAG WA . 0.00 41.63 -8.61
C2 NAG WA . -0.08 41.26 -10.09
C3 NAG WA . 0.11 42.51 -10.95
C4 NAG WA . -0.86 43.60 -10.52
C5 NAG WA . -0.69 43.85 -9.01
C6 NAG WA . -1.61 44.92 -8.48
C7 NAG WA . 0.64 39.10 -11.03
C8 NAG WA . 1.85 38.23 -11.33
N2 NAG WA . 0.92 40.28 -10.46
O3 NAG WA . -0.07 42.15 -12.29
O4 NAG WA . -0.57 44.75 -11.27
O5 NAG WA . -0.93 42.64 -8.33
O6 NAG WA . -2.95 44.55 -8.67
O7 NAG WA . -0.50 38.73 -11.30
C2 A8Z XA . 22.20 10.58 -24.30
C5 A8Z XA . 22.19 12.37 -26.63
C4 A8Z XA . 22.84 10.98 -26.68
C6 A8Z XA . 22.80 13.34 -27.64
C7 A8Z XA . 22.05 14.67 -27.65
C8 A8Z XA . 21.98 15.30 -26.26
C9 A8Z XA . 21.38 14.31 -25.24
O A8Z XA . 20.58 20.51 -24.18
C1 A8Z XA . 21.52 11.95 -24.26
C10 A8Z XA . 22.19 12.97 -25.19
C11 A8Z XA . 21.17 14.94 -23.87
C12 A8Z XA . 20.34 16.23 -23.93
C13 A8Z XA . 20.96 17.25 -24.90
C14 A8Z XA . 21.10 16.56 -26.27
C15 A8Z XA . 21.43 17.72 -27.21
C16 A8Z XA . 20.67 18.94 -26.64
C17 A8Z XA . 20.06 18.45 -25.30
C18 A8Z XA . 22.31 17.75 -24.36
C19 A8Z XA . 23.63 13.22 -24.71
C20 A8Z XA . 19.87 19.53 -24.26
C3 A8Z XA . 22.19 10.02 -25.71
O1 A8Z XA . 18.15 20.58 -22.93
O2 A8Z XA . 20.84 9.76 -26.12
C21 A8Z XA . 18.74 19.35 -23.32
C1 D12 YA . 20.18 21.69 -30.53
C2 D12 YA . 20.26 20.42 -31.39
C3 D12 YA . 21.54 19.67 -31.06
C4 D12 YA . 21.39 18.20 -31.45
C5 D12 YA . 22.71 17.46 -31.20
C6 D12 YA . 22.57 16.00 -31.58
C7 D12 YA . 23.96 15.39 -31.77
C8 D12 YA . 23.85 14.05 -32.51
C9 D12 YA . 23.83 12.91 -31.50
C10 D12 YA . 24.01 11.59 -32.24
C11 D12 YA . 24.08 10.44 -31.25
C12 D12 YA . 24.50 9.16 -31.98
C1 HEX ZA . 22.49 -1.08 -53.78
C2 HEX ZA . 22.84 -1.39 -52.33
C3 HEX ZA . 22.00 -0.52 -51.41
C4 HEX ZA . 22.26 -0.92 -49.96
C5 HEX ZA . 21.15 -0.34 -49.07
C6 HEX ZA . 21.37 -0.78 -47.63
C1 HEX AB . 10.59 13.56 -35.02
C2 HEX AB . 9.76 14.32 -33.99
C3 HEX AB . 8.32 14.47 -34.48
C4 HEX AB . 7.45 15.00 -33.34
C5 HEX AB . 6.12 15.50 -33.89
C6 HEX AB . 5.39 16.29 -32.81
C1 HEX BB . 33.91 2.58 -43.80
C2 HEX BB . 33.00 3.76 -43.51
C3 HEX BB . 32.81 3.91 -42.01
C4 HEX BB . 31.94 5.13 -41.72
C5 HEX BB . 31.80 5.30 -40.21
C6 HEX BB . 30.83 6.45 -39.93
C1 D10 CB . 21.53 18.72 -18.22
C2 D10 CB . 22.99 18.28 -18.34
C3 D10 CB . 23.11 17.02 -19.20
C4 D10 CB . 24.50 16.41 -19.03
C5 D10 CB . 24.69 15.25 -19.99
C6 D10 CB . 24.46 13.91 -19.28
C7 D10 CB . 24.41 12.79 -20.31
C8 D10 CB . 24.16 11.45 -19.61
C9 D10 CB . 23.86 10.38 -20.66
#